data_8Q7B
#
_entry.id   8Q7B
#
_cell.length_a   1.00
_cell.length_b   1.00
_cell.length_c   1.00
_cell.angle_alpha   90.00
_cell.angle_beta   90.00
_cell.angle_gamma   90.00
#
_symmetry.space_group_name_H-M   'P 1'
#
loop_
_entity.id
_entity.type
_entity.pdbx_description
1 polymer '5D3(Fab) heavy chain variable domain'
2 polymer '5D3(Fab) light chain variable domain'
3 polymer 'ATP-binding cassette sub-family G member 2'
4 branched 2-acetamido-2-deoxy-beta-D-glucopyranose-(1-4)-2-acetamido-2-deoxy-beta-D-glucopyranose
5 non-polymer CHOLESTEROL
6 non-polymer '~{tert}-butyl 3-[(2~{S},5~{S},8~{S})-14-cyclopentyloxy-2-(2-methylpropyl)-4,7-bis(oxidanylidene)-3,6,17-triazatetracyclo[8.7.0.0^{3,8}.0^{11,16}]heptadeca-1(10),11,13,15-tetraen-5-yl]propanoate'
7 water water
#
loop_
_entity_poly.entity_id
_entity_poly.type
_entity_poly.pdbx_seq_one_letter_code
_entity_poly.pdbx_strand_id
1 'polypeptide(L)'
;QVQLQESGPGLVKPSQSLSLTCTVTGFSITSDYAWNWIRQFPGKKLEWMGYINFDGGTTYNPSLRGRISITRDTSKNQFF
LQLRSVTPEDTATYYCATFYGAKGTLDYWGQGTSVTVSSAKTTPPSVYPLAPVCGDTSGSSVTLGCLVKGYFPEPVTLTW
NSGSLSSGVHTFPAVLQSDLYTLSSSVTVTSSTWPSQSITCNVAHPASSTKVDKKIEPRGP
;
D,F
2 'polypeptide(L)'
;DIVLTQSPSSFSVSLGDRVTISCKASGYILNRLAWYQQKPGNAPRLLISGATSLETGFPSRFSGTGSGKDYTLSISSLQT
EDVGTYYCQQYWSTPWTFGGGTKLEIRRADAAPTVSIFPPSSEQLTSGGASVVCFLNNFYPKDINVKWKIDGSERQNGVL
NSWTDQDSKDSTYSMSSTLTLTKDEYERHNSYTCEATHKTSTSPIVKSFNRNEC
;
E,C
3 'polypeptide(L)'
;MSSSNVEVFIPVSQGNTNGFPATASNDLKAFTEGAVLSFHNICYRVKLKSGFLPCRKPVEKEILSNINGIMKPGLNAILG
PTGGGKSSLLDVLAARKDPSGLSGDVLINGAPRPANFKCNSGYVVQDDVVMGTLTVRENLQFSAALRLATTMTNHEKNER
INRVIQELGLDKVADSKVGTQFIRGVSGGERKRTSIGMELITDPSILFLDEPTTGLDSSTANAVLLLLKRMSKQGRTIIF
SIHQPRYSIFKLFDSLTLLASGRLMFHGPAQEALGYFESAGYHCEAYNNPADFFLDIINGDSTAVALNREEDFKATEIIE
PSKQDKPLIEKLAEIYVNSSFYKETKAELHQLSGGEKKKKITVFKEISYTTSFCHQLRWVSKRSFKNLLGNPQASIAQII
VTVVLGLVIGAIYFGLKNDSTGIQNRAGVLFFLTTNQCFSSVSAVELFVVEKKLFIHEYISGYYRVSSYFLGKLLSDLLP
MRMLPSIIFTCIVYFMLGLKPKADAFFVMMFTLMMVAYSASSMALAIAAGQSVVSVATLLMTICFVFMMIFSGLLVNLTT
IASWLSWLQYFSIPRYGFTALQHNEFLGQNFCPGLNATGNNPCNYATCTGEEYLVKQGIDLSPWGLWKNHVALACMIVIF
LTIAYLKLLFLKKYS
;
B,A
#
loop_
_chem_comp.id
_chem_comp.type
_chem_comp.name
_chem_comp.formula
BWQ non-polymer '~{tert}-butyl 3-[(2~{S},5~{S},8~{S})-14-cyclopentyloxy-2-(2-methylpropyl)-4,7-bis(oxidanylidene)-3,6,17-triazatetracyclo[8.7.0.0^{3,8}.0^{11,16}]heptadeca-1(10),11,13,15-tetraen-5-yl]propanoate' 'C30 H41 N3 O5'
CLR non-polymer CHOLESTEROL 'C27 H46 O'
NAG D-saccharide, beta linking 2-acetamido-2-deoxy-beta-D-glucopyranose 'C8 H15 N O6'
#
# COMPACT_ATOMS: atom_id res chain seq x y z
N VAL A 2 24.38 -10.12 48.20
CA VAL A 2 25.71 -10.43 48.70
C VAL A 2 25.63 -11.30 49.96
N GLN A 3 24.57 -11.14 50.74
CA GLN A 3 24.35 -11.97 51.91
C GLN A 3 22.86 -12.08 52.15
N LEU A 4 22.28 -13.23 51.84
CA LEU A 4 20.84 -13.43 51.89
C LEU A 4 20.48 -14.42 52.99
N GLN A 5 19.25 -14.31 53.47
CA GLN A 5 18.80 -15.11 54.62
C GLN A 5 17.29 -15.29 54.52
N GLU A 6 16.84 -16.53 54.32
CA GLU A 6 15.42 -16.81 54.27
C GLU A 6 14.85 -16.94 55.69
N SER A 7 13.55 -16.71 55.80
CA SER A 7 12.84 -16.90 57.05
C SER A 7 11.36 -17.02 56.76
N GLY A 8 10.64 -17.78 57.60
CA GLY A 8 9.22 -17.94 57.45
C GLY A 8 8.71 -19.22 58.06
N PRO A 9 7.39 -19.43 58.00
CA PRO A 9 6.80 -20.66 58.55
C PRO A 9 7.28 -21.90 57.82
N GLY A 10 7.74 -22.88 58.60
CA GLY A 10 8.22 -24.16 58.11
C GLY A 10 7.14 -25.22 57.95
N LEU A 11 5.88 -24.84 58.01
CA LEU A 11 4.77 -25.78 57.92
C LEU A 11 3.52 -24.98 57.60
N VAL A 12 2.73 -25.49 56.66
CA VAL A 12 1.65 -24.70 56.07
C VAL A 12 0.47 -25.62 55.78
N LYS A 13 -0.73 -25.13 56.09
CA LYS A 13 -1.95 -25.86 55.79
C LYS A 13 -2.23 -25.78 54.29
N PRO A 14 -2.80 -26.83 53.71
CA PRO A 14 -3.02 -26.83 52.26
C PRO A 14 -4.01 -25.75 51.85
N SER A 15 -3.77 -25.19 50.66
CA SER A 15 -4.70 -24.26 50.03
C SER A 15 -4.89 -22.97 50.81
N GLN A 16 -3.88 -22.52 51.55
CA GLN A 16 -4.01 -21.27 52.30
C GLN A 16 -3.05 -20.19 51.80
N SER A 17 -1.74 -20.33 52.02
CA SER A 17 -0.73 -19.41 51.51
C SER A 17 0.62 -19.84 52.04
N LEU A 18 1.67 -19.37 51.38
CA LEU A 18 3.03 -19.51 51.87
C LEU A 18 3.71 -18.15 51.76
N SER A 19 4.37 -17.72 52.82
CA SER A 19 5.01 -16.41 52.88
C SER A 19 6.40 -16.56 53.45
N LEU A 20 7.42 -16.28 52.65
CA LEU A 20 8.81 -16.27 53.08
C LEU A 20 9.39 -14.87 52.96
N THR A 21 10.42 -14.62 53.76
CA THR A 21 11.12 -13.35 53.78
C THR A 21 12.61 -13.60 53.60
N CYS A 22 13.24 -12.77 52.77
CA CYS A 22 14.68 -12.78 52.56
C CYS A 22 15.20 -11.38 52.86
N THR A 23 16.10 -11.28 53.83
CA THR A 23 16.71 -10.01 54.20
C THR A 23 18.15 -9.96 53.70
N VAL A 24 18.48 -8.88 53.00
CA VAL A 24 19.77 -8.75 52.34
C VAL A 24 20.67 -7.81 53.16
N THR A 25 21.87 -8.26 53.46
CA THR A 25 22.85 -7.45 54.17
C THR A 25 24.13 -7.35 53.34
N GLY A 26 24.68 -6.13 53.26
CA GLY A 26 25.86 -5.89 52.46
C GLY A 26 25.61 -5.32 51.09
N PHE A 27 24.35 -5.07 50.75
CA PHE A 27 24.00 -4.57 49.43
C PHE A 27 22.59 -4.01 49.51
N SER A 28 22.28 -3.09 48.61
CA SER A 28 20.97 -2.45 48.57
C SER A 28 20.15 -3.09 47.46
N ILE A 29 18.99 -3.64 47.81
CA ILE A 29 18.17 -4.33 46.81
C ILE A 29 17.60 -3.39 45.78
N THR A 30 17.79 -2.08 45.96
CA THR A 30 17.36 -1.11 44.99
C THR A 30 18.52 -0.60 44.15
N SER A 31 19.70 -1.19 44.31
CA SER A 31 20.91 -0.67 43.67
C SER A 31 21.14 -1.33 42.31
N ASP A 32 21.41 -2.63 42.29
CA ASP A 32 21.80 -3.21 41.01
C ASP A 32 21.04 -4.43 40.50
N TYR A 33 20.87 -5.48 41.30
CA TYR A 33 20.67 -6.81 40.75
C TYR A 33 19.19 -7.17 40.58
N ALA A 34 18.91 -8.46 40.34
CA ALA A 34 17.58 -9.01 40.42
C ALA A 34 17.56 -10.07 41.52
N TRP A 35 16.42 -10.25 42.16
CA TRP A 35 16.32 -10.99 43.42
C TRP A 35 15.31 -12.12 43.28
N ASN A 36 15.81 -13.36 43.26
CA ASN A 36 15.05 -14.53 42.81
C ASN A 36 14.67 -15.45 43.96
N TRP A 37 13.65 -16.26 43.69
CA TRP A 37 13.27 -17.39 44.52
C TRP A 37 13.38 -18.66 43.68
N ILE A 38 13.95 -19.70 44.27
CA ILE A 38 14.11 -21.00 43.64
C ILE A 38 13.64 -22.04 44.65
N ARG A 39 13.15 -23.17 44.17
CA ARG A 39 12.78 -24.27 45.06
C ARG A 39 13.32 -25.59 44.53
N GLN A 40 13.82 -26.41 45.45
CA GLN A 40 14.34 -27.74 45.16
C GLN A 40 13.44 -28.78 45.79
N PHE A 41 12.86 -29.64 44.97
CA PHE A 41 11.92 -30.63 45.43
C PHE A 41 12.60 -31.82 46.10
N PRO A 42 11.86 -32.60 46.88
CA PRO A 42 12.39 -33.88 47.33
C PRO A 42 12.44 -34.84 46.15
N GLY A 43 13.54 -35.56 46.03
CA GLY A 43 13.85 -36.13 44.74
C GLY A 43 14.36 -35.01 43.86
N LYS A 44 15.56 -34.55 44.20
CA LYS A 44 16.09 -33.23 43.88
C LYS A 44 15.78 -32.79 42.46
N LYS A 45 15.06 -31.68 42.34
CA LYS A 45 14.75 -31.07 41.06
C LYS A 45 14.60 -29.58 41.30
N LEU A 46 15.42 -28.78 40.62
CA LEU A 46 15.41 -27.33 40.81
C LEU A 46 14.39 -26.69 39.90
N GLU A 47 13.71 -25.66 40.41
CA GLU A 47 12.71 -24.92 39.66
C GLU A 47 12.83 -23.47 40.03
N TRP A 48 13.11 -22.63 39.04
CA TRP A 48 13.13 -21.19 39.23
C TRP A 48 11.70 -20.67 39.27
N MET A 49 11.38 -19.87 40.29
CA MET A 49 10.03 -19.37 40.47
C MET A 49 9.83 -17.97 39.91
N GLY A 50 10.74 -17.06 40.21
CA GLY A 50 10.64 -15.71 39.70
C GLY A 50 11.64 -14.81 40.39
N TYR A 51 11.62 -13.55 39.97
CA TYR A 51 12.46 -12.55 40.60
C TYR A 51 11.75 -11.21 40.63
N ILE A 52 12.26 -10.32 41.48
CA ILE A 52 11.90 -8.91 41.45
C ILE A 52 13.15 -8.12 41.09
N ASN A 53 13.00 -7.15 40.20
CA ASN A 53 14.13 -6.40 39.68
C ASN A 53 14.51 -5.27 40.64
N PHE A 54 15.70 -4.69 40.41
CA PHE A 54 16.16 -3.60 41.26
C PHE A 54 15.26 -2.38 41.19
N ASP A 55 14.43 -2.25 40.16
CA ASP A 55 13.55 -1.11 40.03
C ASP A 55 12.10 -1.46 40.35
N GLY A 56 11.86 -2.65 40.89
CA GLY A 56 10.53 -3.06 41.29
C GLY A 56 9.79 -3.90 40.29
N GLY A 57 10.29 -4.01 39.06
CA GLY A 57 9.66 -4.90 38.10
C GLY A 57 9.82 -6.35 38.49
N THR A 58 8.89 -7.18 38.04
CA THR A 58 8.82 -8.55 38.50
C THR A 58 8.62 -9.47 37.30
N THR A 59 9.05 -10.73 37.45
CA THR A 59 8.89 -11.74 36.41
C THR A 59 8.80 -13.10 37.07
N TYR A 60 7.82 -13.90 36.66
CA TYR A 60 7.50 -15.17 37.30
C TYR A 60 7.58 -16.33 36.31
N ASN A 61 7.77 -17.52 36.84
CA ASN A 61 7.73 -18.73 36.02
C ASN A 61 6.29 -18.95 35.56
N PRO A 62 6.06 -19.22 34.26
CA PRO A 62 4.69 -19.45 33.80
C PRO A 62 4.04 -20.69 34.36
N SER A 63 4.80 -21.62 34.94
CA SER A 63 4.23 -22.82 35.53
C SER A 63 3.56 -22.54 36.87
N LEU A 64 3.65 -21.32 37.36
CA LEU A 64 2.97 -20.85 38.57
C LEU A 64 2.02 -19.76 38.10
N ARG A 65 0.83 -20.15 37.66
CA ARG A 65 -0.11 -19.24 37.03
C ARG A 65 -0.95 -18.53 38.09
N GLY A 66 -0.66 -17.25 38.31
CA GLY A 66 -1.42 -16.45 39.24
C GLY A 66 -1.25 -16.82 40.70
N ARG A 67 -0.43 -17.81 41.02
CA ARG A 67 -0.27 -18.27 42.39
C ARG A 67 0.85 -17.56 43.14
N ILE A 68 1.73 -16.85 42.46
CA ILE A 68 2.95 -16.34 43.06
C ILE A 68 2.96 -14.83 42.94
N SER A 69 3.51 -14.17 43.97
CA SER A 69 3.77 -12.75 43.94
C SER A 69 5.05 -12.50 44.70
N ILE A 70 5.85 -11.55 44.22
CA ILE A 70 7.09 -11.16 44.88
C ILE A 70 7.03 -9.66 45.13
N THR A 71 7.15 -9.26 46.38
CA THR A 71 7.14 -7.87 46.78
C THR A 71 8.46 -7.54 47.47
N ARG A 72 8.65 -6.26 47.78
CA ARG A 72 9.88 -5.82 48.44
C ARG A 72 9.58 -4.68 49.40
N ASP A 73 10.56 -4.42 50.27
CA ASP A 73 10.47 -3.36 51.27
C ASP A 73 11.87 -2.78 51.42
N THR A 74 12.12 -1.67 50.73
CA THR A 74 13.43 -1.06 50.73
C THR A 74 13.76 -0.38 52.04
N SER A 75 12.78 -0.14 52.90
CA SER A 75 13.06 0.51 54.18
C SER A 75 13.96 -0.34 55.05
N LYS A 76 13.85 -1.67 54.97
CA LYS A 76 14.77 -2.57 55.67
C LYS A 76 15.33 -3.65 54.75
N ASN A 77 15.30 -3.44 53.44
CA ASN A 77 16.09 -4.22 52.48
C ASN A 77 15.63 -5.69 52.44
N GLN A 78 14.32 -5.89 52.23
CA GLN A 78 13.73 -7.22 52.20
C GLN A 78 12.95 -7.43 50.92
N PHE A 79 12.81 -8.70 50.53
CA PHE A 79 11.86 -9.09 49.49
C PHE A 79 11.17 -10.37 49.91
N PHE A 80 9.91 -10.50 49.53
CA PHE A 80 9.00 -11.50 50.06
C PHE A 80 8.41 -12.36 48.96
N LEU A 81 8.23 -13.63 49.24
CA LEU A 81 7.60 -14.59 48.34
C LEU A 81 6.28 -15.03 48.95
N GLN A 82 5.20 -14.85 48.21
CA GLN A 82 3.88 -15.30 48.63
C GLN A 82 3.33 -16.25 47.57
N LEU A 83 3.20 -17.52 47.93
CA LEU A 83 2.67 -18.56 47.06
C LEU A 83 1.33 -19.03 47.62
N ARG A 84 0.25 -18.71 46.93
CA ARG A 84 -1.10 -18.90 47.44
C ARG A 84 -1.76 -20.17 46.89
N SER A 85 -2.75 -20.66 47.64
CA SER A 85 -3.52 -21.86 47.31
C SER A 85 -2.62 -23.09 47.19
N VAL A 86 -1.94 -23.37 48.28
CA VAL A 86 -0.88 -24.36 48.31
C VAL A 86 -1.42 -25.78 48.36
N THR A 87 -0.72 -26.69 47.68
CA THR A 87 -0.96 -28.12 47.62
C THR A 87 0.19 -28.86 48.28
N PRO A 88 0.00 -30.13 48.68
CA PRO A 88 1.13 -30.92 49.18
C PRO A 88 2.22 -31.23 48.16
N GLU A 89 2.10 -30.81 46.90
CA GLU A 89 3.18 -31.10 45.95
C GLU A 89 4.32 -30.10 46.08
N ASP A 90 4.02 -28.86 46.44
CA ASP A 90 5.05 -27.84 46.53
C ASP A 90 5.58 -27.76 47.96
N THR A 91 6.03 -28.93 48.42
CA THR A 91 6.79 -29.08 49.65
C THR A 91 8.25 -29.23 49.25
N ALA A 92 8.91 -28.10 49.11
CA ALA A 92 10.29 -28.05 48.65
C ALA A 92 11.15 -27.31 49.65
N THR A 93 12.42 -27.16 49.29
CA THR A 93 13.34 -26.26 49.96
C THR A 93 13.41 -25.00 49.13
N TYR A 94 13.18 -23.85 49.75
CA TYR A 94 13.09 -22.57 49.05
C TYR A 94 14.34 -21.74 49.31
N TYR A 95 14.95 -21.23 48.23
CA TYR A 95 16.11 -20.35 48.30
C TYR A 95 15.80 -19.00 47.69
N CYS A 96 16.43 -17.97 48.24
CA CYS A 96 16.54 -16.69 47.55
C CYS A 96 17.95 -16.59 46.97
N ALA A 97 18.05 -16.10 45.74
CA ALA A 97 19.32 -16.01 45.04
C ALA A 97 19.43 -14.65 44.36
N THR A 98 20.64 -14.33 43.94
CA THR A 98 20.94 -13.05 43.31
C THR A 98 21.39 -13.31 41.87
N PHE A 99 20.92 -12.47 40.96
CA PHE A 99 21.21 -12.57 39.53
C PHE A 99 21.85 -11.26 39.06
N TYR A 100 23.14 -11.30 38.72
CA TYR A 100 23.83 -10.08 38.29
C TYR A 100 23.28 -9.52 36.98
N GLY A 101 23.03 -10.35 35.98
CA GLY A 101 22.51 -9.74 34.77
C GLY A 101 23.58 -9.52 33.72
N ALA A 102 24.61 -8.74 34.04
CA ALA A 102 25.71 -8.55 33.13
C ALA A 102 26.47 -9.85 32.90
N LYS A 103 26.46 -10.73 33.90
CA LYS A 103 27.09 -12.04 33.85
C LYS A 103 26.10 -13.13 33.49
N GLY A 104 24.91 -13.10 34.07
CA GLY A 104 23.81 -13.96 33.70
C GLY A 104 23.51 -15.07 34.66
N THR A 105 24.35 -15.31 35.65
CA THR A 105 24.21 -16.47 36.51
C THR A 105 23.77 -16.08 37.91
N LEU A 106 23.24 -17.06 38.62
CA LEU A 106 22.87 -16.94 40.03
C LEU A 106 24.14 -17.03 40.86
N ASP A 107 24.61 -15.89 41.37
CA ASP A 107 25.90 -15.84 42.05
C ASP A 107 25.82 -16.09 43.55
N TYR A 108 24.94 -15.38 44.25
CA TYR A 108 24.80 -15.54 45.69
C TYR A 108 23.47 -16.20 46.00
N TRP A 109 23.50 -17.13 46.95
CA TRP A 109 22.34 -17.89 47.34
C TRP A 109 22.09 -17.70 48.83
N GLY A 110 20.88 -18.04 49.26
CA GLY A 110 20.58 -18.09 50.67
C GLY A 110 20.90 -19.45 51.23
N GLN A 111 20.60 -19.61 52.52
CA GLN A 111 20.88 -20.89 53.15
C GLN A 111 19.82 -21.93 52.82
N GLY A 112 18.63 -21.49 52.42
CA GLY A 112 17.53 -22.38 52.10
C GLY A 112 16.71 -22.76 53.31
N THR A 113 15.40 -22.66 53.19
CA THR A 113 14.49 -23.03 54.27
C THR A 113 13.49 -24.06 53.78
N SER A 114 13.24 -25.07 54.62
CA SER A 114 12.35 -26.15 54.28
C SER A 114 10.91 -25.77 54.60
N VAL A 115 10.00 -26.10 53.69
CA VAL A 115 8.58 -25.84 53.87
C VAL A 115 7.85 -27.16 53.63
N THR A 116 7.07 -27.60 54.61
CA THR A 116 6.30 -28.83 54.53
C THR A 116 4.81 -28.52 54.50
N VAL A 117 4.14 -28.89 53.43
CA VAL A 117 2.71 -28.70 53.28
C VAL A 117 2.01 -29.99 53.68
N SER A 118 1.37 -30.00 54.86
CA SER A 118 0.68 -31.19 55.35
C SER A 118 -0.60 -30.74 56.04
N SER A 119 -1.21 -31.67 56.78
CA SER A 119 -2.45 -31.41 57.49
C SER A 119 -2.60 -32.34 58.68
N ASP B 1 31.14 15.19 13.43
CA ASP B 1 31.40 14.21 14.47
C ASP B 1 31.07 14.80 15.82
N ILE B 2 31.79 14.37 16.85
CA ILE B 2 31.60 14.85 18.20
C ILE B 2 32.91 15.51 18.61
N VAL B 3 32.85 16.82 18.83
CA VAL B 3 34.02 17.59 19.23
C VAL B 3 34.01 17.74 20.73
N LEU B 4 35.14 17.47 21.36
CA LEU B 4 35.26 17.54 22.80
C LEU B 4 36.07 18.77 23.16
N THR B 5 35.54 19.57 24.08
CA THR B 5 36.11 20.86 24.41
C THR B 5 36.47 20.86 25.88
N GLN B 6 37.70 21.22 26.19
CA GLN B 6 38.18 21.45 27.54
C GLN B 6 38.44 22.95 27.66
N SER B 7 37.75 23.61 28.58
CA SER B 7 37.91 25.06 28.69
C SER B 7 39.26 25.45 29.27
N PRO B 8 39.71 24.90 30.41
CA PRO B 8 41.00 25.37 30.93
C PRO B 8 42.15 24.74 30.17
N SER B 9 42.54 25.34 29.05
CA SER B 9 43.69 24.85 28.30
C SER B 9 44.93 24.75 29.17
N SER B 10 44.95 25.44 30.29
CA SER B 10 46.04 25.37 31.25
C SER B 10 45.49 25.71 32.63
N PHE B 11 46.26 25.34 33.66
CA PHE B 11 45.89 25.58 35.04
C PHE B 11 47.13 26.01 35.81
N SER B 12 46.93 26.23 37.11
CA SER B 12 48.04 26.51 38.02
C SER B 12 47.54 26.25 39.43
N VAL B 13 48.22 25.36 40.14
CA VAL B 13 47.83 24.97 41.49
C VAL B 13 49.09 24.69 42.30
N SER B 14 48.92 24.34 43.57
CA SER B 14 50.01 23.92 44.42
C SER B 14 49.66 22.56 45.04
N LEU B 15 50.61 21.99 45.77
CA LEU B 15 50.39 20.68 46.36
C LEU B 15 49.31 20.75 47.43
N GLY B 16 48.67 19.60 47.67
CA GLY B 16 47.57 19.52 48.60
C GLY B 16 46.29 20.17 48.12
N ASP B 17 46.35 20.98 47.06
CA ASP B 17 45.20 21.70 46.57
C ASP B 17 44.26 20.77 45.81
N ARG B 18 43.05 21.25 45.57
CA ARG B 18 42.05 20.52 44.81
C ARG B 18 41.91 21.18 43.44
N VAL B 19 41.89 20.37 42.40
CA VAL B 19 41.75 20.86 41.04
C VAL B 19 40.63 20.09 40.36
N THR B 20 39.94 20.76 39.45
CA THR B 20 38.83 20.20 38.70
C THR B 20 39.01 20.52 37.24
N ILE B 21 38.89 19.51 36.39
CA ILE B 21 39.02 19.65 34.95
C ILE B 21 37.67 19.36 34.31
N SER B 22 37.28 20.19 33.35
CA SER B 22 35.99 20.09 32.71
C SER B 22 36.13 19.66 31.26
N CYS B 23 35.20 18.85 30.80
CA CYS B 23 35.10 18.43 29.41
C CYS B 23 33.66 18.58 28.98
N LYS B 24 33.47 19.14 27.78
CA LYS B 24 32.15 19.40 27.23
C LYS B 24 32.09 18.82 25.83
N ALA B 25 31.06 18.03 25.55
CA ALA B 25 30.90 17.40 24.25
C ALA B 25 29.79 18.08 23.46
N SER B 26 29.87 18.02 22.14
CA SER B 26 28.87 18.64 21.29
C SER B 26 27.71 17.71 20.97
N GLY B 27 27.61 16.60 21.68
CA GLY B 27 26.53 15.66 21.47
C GLY B 27 26.49 14.72 22.65
N TYR B 28 25.37 14.02 22.78
CA TYR B 28 25.20 13.13 23.92
C TYR B 28 26.14 11.94 23.81
N ILE B 29 26.82 11.66 24.92
CA ILE B 29 27.88 10.68 24.96
C ILE B 29 27.52 9.49 25.82
N LEU B 30 26.67 9.68 26.83
CA LEU B 30 26.13 8.60 27.64
C LEU B 30 27.22 7.85 28.38
N ASN B 31 28.11 8.61 29.01
CA ASN B 31 29.19 8.15 29.86
C ASN B 31 30.24 7.36 29.12
N ARG B 32 30.23 7.39 27.78
CA ARG B 32 31.31 6.80 27.00
C ARG B 32 32.48 7.79 26.91
N LEU B 33 33.05 8.07 28.08
CA LEU B 33 34.06 9.10 28.26
C LEU B 33 35.25 8.49 28.99
N ALA B 34 36.45 8.84 28.55
CA ALA B 34 37.68 8.33 29.13
C ALA B 34 38.65 9.48 29.39
N TRP B 35 39.48 9.34 30.42
CA TRP B 35 40.49 10.33 30.79
C TRP B 35 41.87 9.71 30.72
N TYR B 36 42.75 10.34 29.97
CA TYR B 36 44.14 9.90 29.84
C TYR B 36 45.07 10.95 30.45
N GLN B 37 46.14 10.48 31.07
CA GLN B 37 47.18 11.33 31.63
C GLN B 37 48.47 11.08 30.86
N GLN B 38 49.09 12.13 30.34
CA GLN B 38 50.33 12.03 29.60
C GLN B 38 51.43 12.81 30.29
N LYS B 39 52.51 12.15 30.62
CA LYS B 39 53.72 12.81 31.09
C LYS B 39 54.59 13.16 29.90
N PRO B 40 55.51 14.11 30.04
CA PRO B 40 56.41 14.43 28.93
C PRO B 40 57.33 13.25 28.63
N GLY B 41 57.29 12.79 27.38
CA GLY B 41 58.11 11.68 26.93
C GLY B 41 57.47 10.31 26.96
N ASN B 42 56.16 10.23 27.13
CA ASN B 42 55.50 8.95 27.26
C ASN B 42 54.17 8.97 26.51
N ALA B 43 53.68 7.78 26.19
CA ALA B 43 52.37 7.67 25.57
C ALA B 43 51.29 7.95 26.61
N PRO B 44 50.10 8.35 26.16
CA PRO B 44 49.00 8.54 27.10
C PRO B 44 48.74 7.28 27.92
N ARG B 45 48.14 7.49 29.09
CA ARG B 45 47.84 6.40 30.00
C ARG B 45 46.41 6.51 30.48
N LEU B 46 45.63 5.44 30.30
CA LEU B 46 44.22 5.45 30.66
C LEU B 46 44.05 5.60 32.16
N LEU B 47 43.31 6.63 32.57
CA LEU B 47 43.06 6.92 33.97
C LEU B 47 41.62 6.63 34.40
N ILE B 48 40.62 7.01 33.62
CA ILE B 48 39.23 6.75 33.96
C ILE B 48 38.50 6.25 32.72
N SER B 49 37.62 5.26 32.90
CA SER B 49 36.78 4.77 31.83
C SER B 49 35.34 4.77 32.31
N GLY B 50 34.41 4.87 31.36
CA GLY B 50 33.02 4.96 31.75
C GLY B 50 32.66 6.23 32.48
N ALA B 51 33.55 7.22 32.47
CA ALA B 51 33.33 8.55 33.03
C ALA B 51 33.24 8.56 34.55
N THR B 52 33.21 7.39 35.17
CA THR B 52 33.21 7.25 36.62
C THR B 52 34.21 6.22 37.12
N SER B 53 34.40 5.12 36.40
CA SER B 53 35.24 4.04 36.88
C SER B 53 36.70 4.44 36.87
N LEU B 54 37.45 4.00 37.87
CA LEU B 54 38.85 4.34 38.00
C LEU B 54 39.69 3.12 37.66
N GLU B 55 40.81 3.36 37.00
CA GLU B 55 41.65 2.27 36.55
C GLU B 55 42.53 1.79 37.67
N THR B 56 42.72 0.47 37.71
CA THR B 56 43.58 -0.14 38.71
C THR B 56 45.02 0.28 38.45
N GLY B 57 45.65 0.90 39.45
CA GLY B 57 47.00 1.41 39.28
C GLY B 57 47.07 2.91 39.51
N PHE B 58 45.98 3.47 40.03
CA PHE B 58 45.87 4.90 40.31
C PHE B 58 45.26 5.10 41.69
N PRO B 59 45.70 6.13 42.41
CA PRO B 59 45.18 6.35 43.76
C PRO B 59 43.69 6.66 43.73
N SER B 60 43.09 6.62 44.91
CA SER B 60 41.68 7.02 45.05
C SER B 60 41.57 8.51 45.34
N ARG B 61 42.26 9.30 44.53
CA ARG B 61 42.15 10.75 44.52
C ARG B 61 41.48 11.29 43.27
N PHE B 62 41.60 10.57 42.16
CA PHE B 62 40.89 10.90 40.94
C PHE B 62 39.47 10.35 40.97
N SER B 63 38.53 11.15 40.49
CA SER B 63 37.13 10.73 40.45
C SER B 63 36.49 11.36 39.23
N GLY B 64 35.52 10.64 38.66
CA GLY B 64 34.80 11.15 37.52
C GLY B 64 33.30 11.24 37.73
N THR B 65 32.70 12.36 37.35
CA THR B 65 31.27 12.55 37.46
C THR B 65 30.79 13.32 36.25
N GLY B 66 29.78 12.80 35.57
CA GLY B 66 29.20 13.53 34.47
C GLY B 66 27.88 12.91 34.05
N SER B 67 27.18 13.62 33.19
CA SER B 67 25.94 13.12 32.61
C SER B 67 25.57 13.99 31.43
N GLY B 68 25.10 13.36 30.37
CA GLY B 68 24.72 14.12 29.20
C GLY B 68 25.91 14.54 28.38
N LYS B 69 26.25 15.82 28.46
CA LYS B 69 27.36 16.38 27.72
C LYS B 69 28.46 16.99 28.59
N ASP B 70 28.26 17.10 29.89
CA ASP B 70 29.23 17.72 30.79
C ASP B 70 29.86 16.68 31.71
N TYR B 71 31.17 16.52 31.60
CA TYR B 71 31.92 15.58 32.42
C TYR B 71 33.06 16.32 33.07
N THR B 72 33.51 15.79 34.21
CA THR B 72 34.54 16.48 34.98
C THR B 72 35.49 15.46 35.57
N LEU B 73 36.72 15.88 35.82
CA LEU B 73 37.74 15.06 36.45
C LEU B 73 38.26 15.80 37.68
N SER B 74 38.03 15.24 38.86
CA SER B 74 38.39 15.89 40.11
C SER B 74 39.63 15.23 40.69
N ILE B 75 40.69 16.02 40.86
CA ILE B 75 41.90 15.56 41.55
C ILE B 75 42.00 16.28 42.89
N SER B 76 41.50 15.65 43.95
CA SER B 76 41.57 16.24 45.28
C SER B 76 42.87 15.84 45.98
N SER B 77 43.49 16.83 46.63
CA SER B 77 44.77 16.66 47.32
C SER B 77 45.85 16.16 46.36
N LEU B 78 46.18 17.03 45.41
CA LEU B 78 47.08 16.65 44.32
C LEU B 78 48.53 16.60 44.79
N GLN B 79 49.29 15.69 44.19
CA GLN B 79 50.70 15.53 44.49
C GLN B 79 51.51 15.96 43.28
N THR B 80 52.82 15.74 43.35
CA THR B 80 53.68 16.14 42.25
C THR B 80 53.75 15.11 41.14
N GLU B 81 53.43 13.84 41.44
CA GLU B 81 53.33 12.84 40.38
C GLU B 81 52.05 12.96 39.57
N ASP B 82 51.26 14.00 39.80
CA ASP B 82 50.00 14.23 39.11
C ASP B 82 50.09 15.30 38.03
N VAL B 83 51.20 16.03 37.96
CA VAL B 83 51.31 17.10 36.97
C VAL B 83 51.51 16.50 35.58
N GLY B 84 50.85 17.10 34.60
CA GLY B 84 50.95 16.62 33.23
C GLY B 84 49.87 17.25 32.40
N THR B 85 49.51 16.57 31.32
CA THR B 85 48.38 16.94 30.49
C THR B 85 47.30 15.89 30.65
N TYR B 86 46.05 16.33 30.57
CA TYR B 86 44.89 15.46 30.74
C TYR B 86 44.00 15.62 29.52
N TYR B 87 43.62 14.49 28.94
CA TYR B 87 42.79 14.46 27.75
C TYR B 87 41.50 13.73 28.07
N CYS B 88 40.40 14.23 27.56
CA CYS B 88 39.15 13.50 27.56
C CYS B 88 38.94 12.94 26.17
N GLN B 89 38.43 11.71 26.12
CA GLN B 89 38.13 11.08 24.85
C GLN B 89 36.76 10.44 24.93
N GLN B 90 35.99 10.64 23.88
CA GLN B 90 34.72 9.94 23.73
C GLN B 90 34.93 8.72 22.87
N TYR B 91 34.30 7.62 23.24
CA TYR B 91 34.30 6.42 22.43
C TYR B 91 32.88 5.97 22.15
N TRP B 92 31.99 6.94 21.91
CA TRP B 92 30.61 6.68 21.56
C TRP B 92 30.41 6.46 20.05
N SER B 93 30.92 7.37 19.21
CA SER B 93 30.80 7.25 17.77
C SER B 93 32.14 6.85 17.15
N THR B 94 32.08 6.21 15.98
CA THR B 94 33.24 5.52 15.44
C THR B 94 34.44 6.41 15.18
N PRO B 95 34.31 7.67 14.71
CA PRO B 95 35.50 8.55 14.68
C PRO B 95 35.80 9.10 16.07
N TRP B 96 36.52 8.33 16.86
CA TRP B 96 36.85 8.70 18.24
C TRP B 96 37.64 10.00 18.28
N THR B 97 37.20 10.94 19.10
CA THR B 97 37.82 12.25 19.18
C THR B 97 38.29 12.53 20.60
N PHE B 98 39.43 13.20 20.70
CA PHE B 98 40.02 13.61 21.96
C PHE B 98 39.72 15.07 22.24
N GLY B 99 39.85 15.45 23.50
CA GLY B 99 39.80 16.84 23.86
C GLY B 99 41.14 17.51 23.62
N GLY B 100 41.11 18.84 23.67
CA GLY B 100 42.31 19.62 23.41
C GLY B 100 43.42 19.40 24.41
N GLY B 101 43.10 18.91 25.59
CA GLY B 101 44.12 18.70 26.60
C GLY B 101 44.22 19.87 27.56
N THR B 102 44.58 19.57 28.81
CA THR B 102 44.71 20.58 29.85
C THR B 102 45.98 20.29 30.63
N LYS B 103 46.92 21.23 30.60
CA LYS B 103 48.20 21.04 31.25
C LYS B 103 48.13 21.60 32.67
N LEU B 104 48.65 20.83 33.63
CA LEU B 104 48.68 21.27 35.02
C LEU B 104 50.05 21.88 35.33
N GLU B 105 50.04 22.87 36.23
CA GLU B 105 51.24 23.56 36.67
C GLU B 105 51.36 23.49 38.19
N ILE B 106 52.46 24.03 38.70
CA ILE B 106 52.76 24.01 40.14
C ILE B 106 53.22 25.40 40.56
N ARG B 107 52.50 26.02 41.47
CA ARG B 107 52.87 27.34 42.01
C ARG B 107 53.81 27.18 43.20
N VAL C 2 48.94 -6.24 24.31
CA VAL C 2 49.57 -6.45 25.60
C VAL C 2 50.95 -5.78 25.63
N GLN C 3 51.71 -5.92 24.55
CA GLN C 3 53.03 -5.30 24.45
C GLN C 3 53.25 -4.92 22.99
N LEU C 4 53.23 -3.62 22.70
CA LEU C 4 53.35 -3.13 21.33
C LEU C 4 54.65 -2.36 21.16
N GLN C 5 55.11 -2.29 19.91
CA GLN C 5 56.40 -1.68 19.59
C GLN C 5 56.35 -1.16 18.17
N GLU C 6 56.44 0.16 18.01
CA GLU C 6 56.46 0.75 16.69
C GLU C 6 57.88 0.70 16.12
N SER C 7 57.96 0.75 14.79
CA SER C 7 59.24 0.84 14.11
C SER C 7 59.00 1.34 12.69
N GLY C 8 60.00 2.01 12.14
CA GLY C 8 59.92 2.52 10.79
C GLY C 8 60.81 3.73 10.55
N PRO C 9 60.80 4.23 9.33
CA PRO C 9 61.63 5.40 9.01
C PRO C 9 61.17 6.64 9.78
N GLY C 10 62.15 7.33 10.37
CA GLY C 10 61.95 8.53 11.14
C GLY C 10 61.99 9.81 10.33
N LEU C 11 62.01 9.71 9.01
CA LEU C 11 62.10 10.89 8.15
C LEU C 11 61.65 10.47 6.75
N VAL C 12 60.85 11.31 6.12
CA VAL C 12 60.17 10.92 4.88
C VAL C 12 60.08 12.13 3.94
N LYS C 13 60.33 11.87 2.66
CA LYS C 13 60.19 12.90 1.64
C LYS C 13 58.71 13.21 1.41
N PRO C 14 58.38 14.45 1.10
CA PRO C 14 56.97 14.81 0.95
C PRO C 14 56.35 14.08 -0.23
N SER C 15 55.07 13.74 -0.07
CA SER C 15 54.23 13.19 -1.14
C SER C 15 54.73 11.84 -1.62
N GLN C 16 55.33 11.03 -0.76
CA GLN C 16 55.77 9.70 -1.18
C GLN C 16 55.03 8.57 -0.47
N SER C 17 55.26 8.35 0.82
CA SER C 17 54.52 7.38 1.64
C SER C 17 55.15 7.35 3.02
N LEU C 18 54.38 6.85 3.98
CA LEU C 18 54.88 6.57 5.32
C LEU C 18 54.44 5.16 5.67
N SER C 19 55.37 4.35 6.18
CA SER C 19 55.12 2.96 6.51
C SER C 19 55.70 2.67 7.88
N LEU C 20 54.84 2.34 8.83
CA LEU C 20 55.25 1.94 10.17
C LEU C 20 54.82 0.51 10.44
N THR C 21 55.53 -0.13 11.37
CA THR C 21 55.25 -1.49 11.77
C THR C 21 55.11 -1.55 13.28
N CYS C 22 54.10 -2.29 13.75
CA CYS C 22 53.88 -2.55 15.16
C CYS C 22 53.87 -4.05 15.34
N THR C 23 54.79 -4.57 16.14
CA THR C 23 54.87 -6.00 16.42
C THR C 23 54.35 -6.26 17.83
N VAL C 24 53.42 -7.20 17.95
CA VAL C 24 52.73 -7.46 19.21
C VAL C 24 53.30 -8.73 19.83
N THR C 25 53.69 -8.63 21.10
CA THR C 25 54.17 -9.78 21.87
C THR C 25 53.33 -9.95 23.11
N GLY C 26 52.96 -11.19 23.40
CA GLY C 26 52.13 -11.52 24.55
C GLY C 26 50.66 -11.71 24.24
N PHE C 27 50.25 -11.60 22.98
CA PHE C 27 48.86 -11.72 22.61
C PHE C 27 48.81 -11.95 21.11
N SER C 28 47.74 -12.58 20.64
CA SER C 28 47.58 -12.88 19.24
C SER C 28 46.65 -11.87 18.60
N ILE C 29 47.14 -11.16 17.57
CA ILE C 29 46.35 -10.11 16.95
C ILE C 29 45.14 -10.66 16.21
N THR C 30 45.02 -11.98 16.11
CA THR C 30 43.87 -12.62 15.51
C THR C 30 42.94 -13.18 16.56
N SER C 31 43.21 -12.90 17.83
CA SER C 31 42.48 -13.52 18.93
C SER C 31 41.30 -12.65 19.36
N ASP C 32 41.56 -11.46 19.89
CA ASP C 32 40.43 -10.72 20.45
C ASP C 32 40.20 -9.27 19.99
N TYR C 33 41.21 -8.41 20.03
CA TYR C 33 40.95 -6.98 20.16
C TYR C 33 40.89 -6.28 18.79
N ALA C 34 40.94 -4.95 18.82
CA ALA C 34 41.16 -4.13 17.63
C ALA C 34 42.47 -3.36 17.82
N TRP C 35 43.15 -3.08 16.72
CA TRP C 35 44.53 -2.63 16.73
C TRP C 35 44.66 -1.30 15.99
N ASN C 36 44.90 -0.22 16.74
CA ASN C 36 44.73 1.15 16.26
C ASN C 36 46.05 1.87 16.05
N TRP C 37 45.97 2.93 15.24
CA TRP C 37 47.04 3.90 15.08
C TRP C 37 46.52 5.27 15.50
N ILE C 38 47.33 6.00 16.26
CA ILE C 38 47.03 7.34 16.72
C ILE C 38 48.26 8.20 16.45
N ARG C 39 48.04 9.49 16.21
CA ARG C 39 49.15 10.42 16.07
C ARG C 39 48.92 11.67 16.90
N GLN C 40 49.99 12.14 17.53
CA GLN C 40 49.99 13.35 18.34
C GLN C 40 50.84 14.42 17.65
N PHE C 41 50.23 15.53 17.30
CA PHE C 41 50.92 16.58 16.58
C PHE C 41 51.80 17.41 17.50
N PRO C 42 52.77 18.13 16.93
CA PRO C 42 53.47 19.14 17.72
C PRO C 42 52.53 20.30 18.00
N GLY C 43 52.55 20.78 19.23
CA GLY C 43 51.42 21.56 19.67
C GLY C 43 50.29 20.59 19.96
N LYS C 44 50.49 19.82 21.02
CA LYS C 44 49.85 18.53 21.28
C LYS C 44 48.38 18.50 20.91
N LYS C 45 48.03 17.62 20.00
CA LYS C 45 46.65 17.39 19.59
C LYS C 45 46.57 15.94 19.14
N LEU C 46 45.73 15.15 19.79
CA LEU C 46 45.61 13.75 19.48
C LEU C 46 44.60 13.54 18.36
N GLU C 47 44.89 12.59 17.48
CA GLU C 47 44.00 12.28 16.36
C GLU C 47 44.04 10.77 16.14
N TRP C 48 42.89 10.14 16.25
CA TRP C 48 42.75 8.72 15.94
C TRP C 48 42.71 8.52 14.44
N MET C 49 43.53 7.59 13.95
CA MET C 49 43.64 7.36 12.51
C MET C 49 42.78 6.20 12.04
N GLY C 50 42.84 5.07 12.73
CA GLY C 50 42.04 3.93 12.34
C GLY C 50 42.48 2.71 13.11
N TYR C 51 41.80 1.61 12.82
CA TYR C 51 42.16 0.32 13.40
C TYR C 51 41.92 -0.79 12.41
N ILE C 52 42.53 -1.93 12.69
CA ILE C 52 42.22 -3.19 12.03
C ILE C 52 41.69 -4.14 13.09
N ASN C 53 40.59 -4.84 12.76
CA ASN C 53 39.92 -5.71 13.72
C ASN C 53 40.61 -7.07 13.79
N PHE C 54 40.26 -7.85 14.82
CA PHE C 54 40.84 -9.17 15.00
C PHE C 54 40.51 -10.10 13.84
N ASP C 55 39.48 -9.82 13.05
CA ASP C 55 39.12 -10.68 11.93
C ASP C 55 39.53 -10.06 10.60
N GLY C 56 40.30 -8.99 10.62
CA GLY C 56 40.81 -8.38 9.40
C GLY C 56 40.01 -7.19 8.91
N GLY C 57 38.82 -6.95 9.45
CA GLY C 57 38.09 -5.76 9.05
C GLY C 57 38.78 -4.50 9.52
N THR C 58 38.54 -3.41 8.80
CA THR C 58 39.28 -2.18 9.03
C THR C 58 38.32 -0.99 9.06
N THR C 59 38.75 0.07 9.73
CA THR C 59 37.97 1.30 9.83
C THR C 59 38.92 2.47 10.01
N TYR C 60 38.71 3.55 9.25
CA TYR C 60 39.63 4.68 9.21
C TYR C 60 38.92 5.97 9.58
N ASN C 61 39.70 6.95 10.02
CA ASN C 61 39.17 8.28 10.27
C ASN C 61 38.79 8.91 8.94
N PRO C 62 37.59 9.50 8.80
CA PRO C 62 37.23 10.12 7.53
C PRO C 62 38.05 11.34 7.16
N SER C 63 38.80 11.92 8.10
CA SER C 63 39.64 13.06 7.80
C SER C 63 40.89 12.66 7.04
N LEU C 64 41.09 11.37 6.82
CA LEU C 64 42.17 10.81 6.00
C LEU C 64 41.48 10.07 4.86
N ARG C 65 41.16 10.82 3.80
CA ARG C 65 40.36 10.29 2.69
C ARG C 65 41.25 9.57 1.69
N GLY C 66 41.18 8.24 1.70
CA GLY C 66 41.95 7.46 0.75
C GLY C 66 43.45 7.45 0.96
N ARG C 67 43.96 8.13 1.98
CA ARG C 67 45.38 8.24 2.19
C ARG C 67 45.96 7.15 3.09
N ILE C 68 45.12 6.40 3.79
CA ILE C 68 45.57 5.50 4.84
C ILE C 68 45.12 4.08 4.51
N SER C 69 45.97 3.11 4.85
CA SER C 69 45.62 1.70 4.79
C SER C 69 46.29 1.01 5.96
N ILE C 70 45.61 0.04 6.55
CA ILE C 70 46.16 -0.76 7.65
C ILE C 70 46.06 -2.22 7.27
N THR C 71 47.20 -2.90 7.26
CA THR C 71 47.28 -4.32 6.94
C THR C 71 47.87 -5.07 8.13
N ARG C 72 47.89 -6.39 8.02
CA ARG C 72 48.41 -7.23 9.09
C ARG C 72 49.12 -8.45 8.52
N ASP C 73 49.91 -9.09 9.35
CA ASP C 73 50.65 -10.31 9.01
C ASP C 73 50.64 -11.19 10.24
N THR C 74 49.72 -12.14 10.28
CA THR C 74 49.55 -13.01 11.43
C THR C 74 50.69 -14.02 11.57
N SER C 75 51.48 -14.23 10.53
CA SER C 75 52.57 -15.20 10.61
C SER C 75 53.60 -14.77 11.64
N LYS C 76 53.80 -13.47 11.83
CA LYS C 76 54.68 -12.98 12.89
C LYS C 76 54.04 -11.87 13.72
N ASN C 77 52.70 -11.75 13.69
CA ASN C 77 51.95 -10.97 14.66
C ASN C 77 52.26 -9.47 14.54
N GLN C 78 52.12 -8.94 13.33
CA GLN C 78 52.40 -7.55 13.04
C GLN C 78 51.20 -6.90 12.37
N PHE C 79 51.09 -5.58 12.52
CA PHE C 79 50.16 -4.81 11.70
C PHE C 79 50.84 -3.51 11.29
N PHE C 80 50.51 -3.05 10.10
CA PHE C 80 51.25 -2.00 9.42
C PHE C 80 50.36 -0.82 9.08
N LEU C 81 50.93 0.38 9.18
CA LEU C 81 50.26 1.62 8.82
C LEU C 81 50.98 2.20 7.61
N GLN C 82 50.23 2.45 6.54
CA GLN C 82 50.77 3.07 5.35
C GLN C 82 49.95 4.32 5.05
N LEU C 83 50.59 5.48 5.18
CA LEU C 83 49.97 6.77 4.92
C LEU C 83 50.67 7.36 3.69
N ARG C 84 49.94 7.42 2.58
CA ARG C 84 50.55 7.75 1.29
C ARG C 84 50.33 9.22 0.94
N SER C 85 51.22 9.73 0.08
CA SER C 85 51.20 11.11 -0.39
C SER C 85 51.33 12.09 0.79
N VAL C 86 52.42 11.93 1.51
CA VAL C 86 52.59 12.62 2.79
C VAL C 86 52.95 14.09 2.58
N THR C 87 52.46 14.95 3.46
CA THR C 87 52.72 16.37 3.50
C THR C 87 53.50 16.75 4.75
N PRO C 88 54.15 17.92 4.78
CA PRO C 88 54.78 18.39 6.03
C PRO C 88 53.83 18.71 7.17
N GLU C 89 52.51 18.57 7.01
CA GLU C 89 51.63 18.87 8.14
C GLU C 89 51.53 17.68 9.08
N ASP C 90 51.62 16.47 8.56
CA ASP C 90 51.47 15.27 9.38
C ASP C 90 52.86 14.79 9.83
N THR C 91 53.55 15.71 10.50
CA THR C 91 54.79 15.42 11.19
C THR C 91 54.41 15.27 12.66
N ALA C 92 53.94 14.09 13.00
CA ALA C 92 53.47 13.82 14.33
C ALA C 92 54.28 12.70 14.97
N THR C 93 53.90 12.36 16.19
CA THR C 93 54.36 11.16 16.86
C THR C 93 53.26 10.12 16.70
N TYR C 94 53.62 8.95 16.20
CA TYR C 94 52.64 7.92 15.88
C TYR C 94 52.70 6.82 16.93
N TYR C 95 51.54 6.45 17.46
CA TYR C 95 51.41 5.37 18.42
C TYR C 95 50.51 4.27 17.87
N CYS C 96 50.82 3.04 18.21
CA CYS C 96 49.87 1.94 18.07
C CYS C 96 49.27 1.62 19.43
N ALA C 97 47.97 1.37 19.45
CA ALA C 97 47.25 1.14 20.69
C ALA C 97 46.31 -0.04 20.51
N THR C 98 45.78 -0.54 21.62
CA THR C 98 44.88 -1.68 21.63
C THR C 98 43.54 -1.26 22.21
N PHE C 99 42.45 -1.66 21.56
CA PHE C 99 41.09 -1.35 21.97
C PHE C 99 40.37 -2.64 22.33
N TYR C 100 39.96 -2.78 23.59
CA TYR C 100 39.27 -3.99 24.03
C TYR C 100 37.87 -4.14 23.41
N GLY C 101 37.07 -3.09 23.39
CA GLY C 101 35.76 -3.33 22.80
C GLY C 101 34.67 -3.53 23.83
N ALA C 102 34.82 -4.55 24.67
CA ALA C 102 33.86 -4.76 25.76
C ALA C 102 33.93 -3.64 26.78
N LYS C 103 35.10 -3.02 26.92
CA LYS C 103 35.35 -1.89 27.79
C LYS C 103 35.26 -0.57 27.06
N GLY C 104 35.83 -0.47 25.86
CA GLY C 104 35.65 0.67 24.99
C GLY C 104 36.84 1.60 24.89
N THR C 105 37.85 1.43 25.71
CA THR C 105 38.95 2.37 25.79
C THR C 105 40.24 1.79 25.22
N LEU C 106 41.15 2.69 24.88
CA LEU C 106 42.51 2.34 24.46
C LEU C 106 43.30 1.96 25.70
N ASP C 107 43.54 0.67 25.90
CA ASP C 107 44.16 0.21 27.15
C ASP C 107 45.68 0.12 27.07
N TYR C 108 46.21 -0.51 26.04
CA TYR C 108 47.65 -0.66 25.88
C TYR C 108 48.12 0.18 24.71
N TRP C 109 49.25 0.86 24.90
CA TRP C 109 49.83 1.74 23.90
C TRP C 109 51.24 1.29 23.58
N GLY C 110 51.76 1.79 22.48
CA GLY C 110 53.15 1.61 22.14
C GLY C 110 54.00 2.72 22.72
N GLN C 111 55.30 2.66 22.43
CA GLN C 111 56.20 3.68 22.92
C GLN C 111 56.11 4.96 22.12
N GLY C 112 55.66 4.89 20.87
CA GLY C 112 55.56 6.05 20.01
C GLY C 112 56.83 6.33 19.24
N THR C 113 56.71 6.52 17.94
CA THR C 113 57.85 6.83 17.09
C THR C 113 57.61 8.14 16.34
N SER C 114 58.65 8.97 16.28
CA SER C 114 58.56 10.27 15.66
C SER C 114 58.82 10.16 14.16
N VAL C 115 58.01 10.87 13.38
CA VAL C 115 58.14 10.92 11.93
C VAL C 115 58.19 12.38 11.53
N THR C 116 59.25 12.77 10.83
CA THR C 116 59.45 14.14 10.36
C THR C 116 59.38 14.18 8.84
N VAL C 117 58.43 14.94 8.31
CA VAL C 117 58.27 15.11 6.88
C VAL C 117 58.98 16.40 6.48
N SER C 118 60.13 16.28 5.82
CA SER C 118 60.89 17.44 5.39
C SER C 118 61.47 17.14 4.01
N SER C 119 62.42 17.98 3.59
CA SER C 119 63.04 17.85 2.27
C SER C 119 64.42 18.50 2.27
N ALA D 35 -30.09 -22.71 -43.66
CA ALA D 35 -30.45 -23.12 -42.31
C ALA D 35 -31.74 -22.44 -41.87
N VAL D 36 -32.54 -23.12 -41.06
CA VAL D 36 -33.79 -22.58 -40.55
C VAL D 36 -33.86 -22.90 -39.06
N LEU D 37 -33.82 -21.89 -38.21
CA LEU D 37 -33.82 -22.07 -36.77
C LEU D 37 -35.22 -21.77 -36.25
N SER D 38 -35.88 -22.79 -35.70
CA SER D 38 -37.26 -22.69 -35.26
C SER D 38 -37.35 -22.94 -33.76
N PHE D 39 -38.00 -22.02 -33.05
CA PHE D 39 -38.19 -22.12 -31.61
C PHE D 39 -39.67 -22.26 -31.32
N HIS D 40 -40.02 -23.23 -30.47
CA HIS D 40 -41.41 -23.59 -30.22
C HIS D 40 -41.68 -23.61 -28.72
N ASN D 41 -42.58 -22.73 -28.27
CA ASN D 41 -43.03 -22.71 -26.88
C ASN D 41 -41.85 -22.65 -25.92
N ILE D 42 -40.97 -21.69 -26.17
CA ILE D 42 -39.78 -21.48 -25.36
C ILE D 42 -40.16 -20.77 -24.07
N CYS D 43 -39.80 -21.35 -22.93
CA CYS D 43 -40.06 -20.77 -21.62
C CYS D 43 -38.79 -20.85 -20.77
N TYR D 44 -37.97 -19.81 -20.78
CA TYR D 44 -36.80 -19.78 -19.92
C TYR D 44 -37.17 -19.16 -18.57
N ARG D 45 -36.76 -19.82 -17.50
CA ARG D 45 -36.92 -19.35 -16.14
C ARG D 45 -35.56 -19.33 -15.46
N VAL D 46 -35.32 -18.33 -14.61
CA VAL D 46 -34.02 -18.20 -13.96
C VAL D 46 -34.04 -18.89 -12.60
N LYS D 61 -38.61 -17.06 -10.79
CA LYS D 61 -38.65 -15.89 -11.67
C LYS D 61 -38.55 -16.33 -13.12
N GLU D 62 -39.32 -15.67 -14.00
CA GLU D 62 -39.36 -16.01 -15.41
C GLU D 62 -38.95 -14.80 -16.24
N ILE D 63 -38.27 -15.06 -17.35
CA ILE D 63 -37.87 -14.00 -18.27
C ILE D 63 -38.59 -14.10 -19.62
N LEU D 64 -38.89 -15.30 -20.10
CA LEU D 64 -39.60 -15.49 -21.36
C LEU D 64 -40.86 -16.32 -21.13
N SER D 65 -42.01 -15.78 -21.52
CA SER D 65 -43.30 -16.39 -21.23
C SER D 65 -43.65 -17.50 -22.21
N ASN D 66 -43.83 -17.15 -23.49
CA ASN D 66 -44.14 -18.15 -24.52
C ASN D 66 -43.77 -17.55 -25.87
N ILE D 67 -42.69 -18.03 -26.47
CA ILE D 67 -42.18 -17.47 -27.71
C ILE D 67 -42.11 -18.55 -28.77
N ASN D 68 -42.66 -18.25 -29.95
CA ASN D 68 -42.69 -19.15 -31.09
C ASN D 68 -42.30 -18.39 -32.34
N GLY D 69 -41.61 -19.07 -33.25
CA GLY D 69 -41.27 -18.44 -34.51
C GLY D 69 -40.25 -19.26 -35.26
N ILE D 70 -39.93 -18.79 -36.47
CA ILE D 70 -38.95 -19.43 -37.33
C ILE D 70 -38.14 -18.35 -38.02
N MET D 71 -36.86 -18.63 -38.24
CA MET D 71 -35.97 -17.72 -38.93
C MET D 71 -35.29 -18.44 -40.09
N LYS D 72 -35.51 -17.96 -41.30
CA LYS D 72 -34.97 -18.55 -42.50
C LYS D 72 -33.80 -17.71 -43.00
N PRO D 73 -33.09 -18.14 -44.05
CA PRO D 73 -32.00 -17.32 -44.57
C PRO D 73 -32.42 -15.88 -44.81
N GLY D 74 -31.60 -14.95 -44.32
CA GLY D 74 -31.89 -13.53 -44.46
C GLY D 74 -31.45 -12.73 -43.26
N LEU D 75 -32.17 -11.64 -42.97
CA LEU D 75 -31.83 -10.70 -41.92
C LEU D 75 -32.97 -10.68 -40.91
N ASN D 76 -32.77 -11.33 -39.77
CA ASN D 76 -33.78 -11.49 -38.75
C ASN D 76 -33.43 -10.64 -37.53
N ALA D 77 -34.26 -9.64 -37.26
CA ALA D 77 -34.01 -8.69 -36.19
C ALA D 77 -34.91 -8.99 -35.00
N ILE D 78 -34.36 -8.83 -33.80
CA ILE D 78 -35.12 -9.02 -32.57
C ILE D 78 -35.17 -7.68 -31.86
N LEU D 79 -36.31 -6.99 -31.94
CA LEU D 79 -36.47 -5.66 -31.39
C LEU D 79 -37.34 -5.68 -30.14
N GLY D 80 -37.41 -4.54 -29.48
CA GLY D 80 -38.18 -4.38 -28.27
C GLY D 80 -37.46 -3.47 -27.30
N PRO D 81 -38.06 -3.22 -26.14
CA PRO D 81 -37.38 -2.40 -25.13
C PRO D 81 -36.23 -3.15 -24.48
N THR D 82 -35.52 -2.52 -23.56
CA THR D 82 -34.37 -3.15 -22.94
C THR D 82 -34.79 -4.22 -21.94
N GLY D 83 -35.96 -4.07 -21.33
CA GLY D 83 -36.40 -5.06 -20.34
C GLY D 83 -36.85 -6.38 -20.96
N GLY D 84 -37.54 -6.32 -22.08
CA GLY D 84 -38.05 -7.52 -22.71
C GLY D 84 -36.94 -8.49 -23.08
N GLY D 85 -37.36 -9.68 -23.51
CA GLY D 85 -36.41 -10.72 -23.84
C GLY D 85 -35.70 -10.52 -25.17
N LYS D 86 -35.21 -9.30 -25.41
CA LYS D 86 -34.50 -9.03 -26.65
C LYS D 86 -33.13 -9.69 -26.65
N SER D 87 -32.36 -9.52 -25.57
CA SER D 87 -31.07 -10.18 -25.45
C SER D 87 -31.14 -11.54 -24.79
N SER D 88 -32.30 -11.93 -24.25
CA SER D 88 -32.43 -13.25 -23.65
C SER D 88 -32.72 -14.29 -24.71
N LEU D 89 -33.63 -13.97 -25.63
CA LEU D 89 -33.96 -14.89 -26.71
C LEU D 89 -32.77 -15.14 -27.61
N LEU D 90 -31.88 -14.16 -27.74
CA LEU D 90 -30.70 -14.34 -28.59
C LEU D 90 -29.76 -15.38 -27.99
N ASP D 91 -29.57 -15.35 -26.66
CA ASP D 91 -28.72 -16.35 -26.02
C ASP D 91 -29.40 -17.71 -25.97
N VAL D 92 -30.71 -17.74 -25.74
CA VAL D 92 -31.43 -19.02 -25.80
C VAL D 92 -31.28 -19.64 -27.18
N LEU D 93 -31.43 -18.82 -28.22
CA LEU D 93 -31.34 -19.32 -29.59
C LEU D 93 -29.93 -19.74 -29.95
N ALA D 94 -28.92 -19.16 -29.30
CA ALA D 94 -27.53 -19.41 -29.64
C ALA D 94 -26.85 -20.43 -28.74
N ALA D 95 -27.62 -21.10 -27.88
CA ALA D 95 -27.09 -22.11 -26.96
C ALA D 95 -26.08 -21.50 -25.98
N ARG D 96 -26.20 -20.20 -25.73
CA ARG D 96 -25.33 -19.50 -24.79
C ARG D 96 -26.02 -19.27 -23.46
N LYS D 97 -26.98 -20.11 -23.10
CA LYS D 97 -27.64 -20.06 -21.81
C LYS D 97 -27.78 -21.47 -21.29
N ASP D 98 -27.96 -21.58 -19.98
CA ASP D 98 -28.07 -22.87 -19.31
C ASP D 98 -29.36 -23.59 -19.71
N PRO D 99 -29.29 -24.81 -20.25
CA PRO D 99 -30.53 -25.51 -20.61
C PRO D 99 -31.35 -25.96 -19.42
N SER D 100 -30.92 -25.67 -18.19
CA SER D 100 -31.70 -26.07 -17.02
C SER D 100 -33.01 -25.29 -16.95
N GLY D 101 -32.98 -24.02 -17.33
CA GLY D 101 -34.15 -23.17 -17.25
C GLY D 101 -35.03 -23.22 -18.47
N LEU D 102 -34.56 -23.88 -19.52
CA LEU D 102 -35.26 -23.92 -20.78
C LEU D 102 -36.41 -24.92 -20.74
N SER D 103 -37.50 -24.59 -21.42
CA SER D 103 -38.67 -25.45 -21.47
C SER D 103 -38.96 -25.98 -22.86
N GLY D 104 -39.06 -25.10 -23.86
CA GLY D 104 -39.44 -25.52 -25.18
C GLY D 104 -38.29 -26.17 -25.94
N ASP D 105 -38.51 -26.36 -27.23
CA ASP D 105 -37.57 -27.01 -28.12
C ASP D 105 -37.11 -26.06 -29.22
N VAL D 106 -35.81 -26.04 -29.48
CA VAL D 106 -35.20 -25.31 -30.58
C VAL D 106 -34.65 -26.32 -31.58
N LEU D 107 -34.99 -26.15 -32.86
CA LEU D 107 -34.73 -27.14 -33.89
C LEU D 107 -34.06 -26.50 -35.09
N ILE D 108 -33.27 -27.30 -35.82
CA ILE D 108 -32.59 -26.85 -37.02
C ILE D 108 -32.88 -27.88 -38.11
N ASN D 109 -33.59 -27.45 -39.16
CA ASN D 109 -33.94 -28.32 -40.29
C ASN D 109 -34.60 -29.61 -39.82
N GLY D 110 -35.34 -29.54 -38.72
CA GLY D 110 -36.05 -30.67 -38.17
C GLY D 110 -35.30 -31.45 -37.11
N ALA D 111 -33.98 -31.28 -37.00
CA ALA D 111 -33.19 -32.04 -36.03
C ALA D 111 -32.77 -31.14 -34.86
N PRO D 112 -32.85 -31.63 -33.63
CA PRO D 112 -32.50 -30.79 -32.48
C PRO D 112 -31.06 -30.29 -32.56
N ARG D 113 -30.79 -29.22 -31.84
CA ARG D 113 -29.46 -28.63 -31.83
C ARG D 113 -28.44 -29.62 -31.29
N PRO D 114 -27.48 -30.08 -32.08
CA PRO D 114 -26.50 -31.04 -31.58
C PRO D 114 -25.52 -30.40 -30.62
N ALA D 115 -24.74 -31.27 -29.96
CA ALA D 115 -23.69 -30.80 -29.08
C ALA D 115 -22.61 -30.05 -29.84
N ASN D 116 -22.49 -30.29 -31.14
CA ASN D 116 -21.54 -29.62 -32.01
C ASN D 116 -22.06 -28.27 -32.51
N PHE D 117 -23.10 -27.73 -31.87
CA PHE D 117 -23.76 -26.53 -32.40
C PHE D 117 -22.89 -25.30 -32.28
N LYS D 118 -22.52 -24.92 -31.05
CA LYS D 118 -21.81 -23.67 -30.81
C LYS D 118 -20.48 -23.60 -31.55
N CYS D 119 -19.94 -24.73 -31.98
CA CYS D 119 -18.71 -24.70 -32.77
C CYS D 119 -18.99 -24.43 -34.24
N ASN D 120 -20.18 -24.80 -34.73
CA ASN D 120 -20.56 -24.58 -36.12
C ASN D 120 -21.34 -23.30 -36.34
N SER D 121 -21.63 -22.55 -35.29
CA SER D 121 -22.35 -21.30 -35.40
C SER D 121 -21.45 -20.16 -34.91
N GLY D 122 -21.58 -19.00 -35.54
CA GLY D 122 -20.84 -17.83 -35.14
C GLY D 122 -21.66 -16.98 -34.19
N TYR D 123 -20.98 -16.36 -33.22
CA TYR D 123 -21.63 -15.47 -32.28
C TYR D 123 -20.72 -14.28 -32.04
N VAL D 124 -21.16 -13.09 -32.43
CA VAL D 124 -20.38 -11.87 -32.27
C VAL D 124 -20.91 -11.13 -31.05
N VAL D 125 -20.01 -10.72 -30.17
CA VAL D 125 -20.44 -10.09 -28.93
C VAL D 125 -20.71 -8.60 -29.19
N GLN D 126 -21.42 -7.97 -28.25
CA GLN D 126 -21.69 -6.55 -28.38
C GLN D 126 -20.40 -5.73 -28.30
N ASP D 127 -19.70 -5.78 -27.17
CA ASP D 127 -18.47 -5.03 -27.09
C ASP D 127 -17.35 -5.83 -27.74
N ASP D 128 -16.16 -5.24 -27.80
CA ASP D 128 -15.05 -5.88 -28.50
C ASP D 128 -14.35 -6.90 -27.61
N VAL D 129 -13.97 -8.03 -28.21
CA VAL D 129 -13.11 -9.01 -27.57
C VAL D 129 -11.92 -9.26 -28.47
N VAL D 130 -11.64 -8.35 -29.38
CA VAL D 130 -10.46 -8.47 -30.22
C VAL D 130 -9.24 -7.96 -29.46
N MET D 131 -8.10 -8.62 -29.66
CA MET D 131 -6.87 -8.19 -29.02
C MET D 131 -6.35 -6.94 -29.71
N GLY D 132 -6.47 -5.79 -29.04
CA GLY D 132 -6.06 -4.53 -29.62
C GLY D 132 -4.58 -4.41 -29.87
N THR D 133 -3.78 -5.34 -29.36
CA THR D 133 -2.34 -5.35 -29.53
C THR D 133 -1.88 -6.29 -30.63
N LEU D 134 -2.76 -7.13 -31.16
CA LEU D 134 -2.49 -7.88 -32.36
C LEU D 134 -2.88 -7.05 -33.57
N THR D 135 -2.83 -7.63 -34.75
CA THR D 135 -3.21 -6.96 -35.98
C THR D 135 -4.42 -7.67 -36.55
N VAL D 136 -5.06 -7.05 -37.55
CA VAL D 136 -6.28 -7.63 -38.12
C VAL D 136 -6.00 -9.00 -38.73
N ARG D 137 -4.78 -9.23 -39.21
CA ARG D 137 -4.42 -10.56 -39.72
C ARG D 137 -4.06 -11.50 -38.59
N GLU D 138 -3.48 -10.98 -37.52
CA GLU D 138 -3.02 -11.84 -36.42
C GLU D 138 -4.20 -12.38 -35.61
N ASN D 139 -5.22 -11.56 -35.39
CA ASN D 139 -6.42 -12.04 -34.70
C ASN D 139 -7.05 -13.19 -35.47
N LEU D 140 -7.19 -13.03 -36.78
CA LEU D 140 -7.79 -14.08 -37.61
C LEU D 140 -6.90 -15.31 -37.67
N GLN D 141 -5.58 -15.14 -37.62
CA GLN D 141 -4.70 -16.31 -37.57
C GLN D 141 -4.87 -17.08 -36.27
N PHE D 142 -4.94 -16.37 -35.14
CA PHE D 142 -5.18 -17.05 -33.86
C PHE D 142 -6.52 -17.76 -33.88
N SER D 143 -7.53 -17.16 -34.50
CA SER D 143 -8.84 -17.79 -34.57
C SER D 143 -8.82 -19.03 -35.47
N ALA D 144 -8.14 -18.94 -36.62
CA ALA D 144 -8.07 -20.08 -37.52
C ALA D 144 -7.23 -21.21 -36.96
N ALA D 145 -6.27 -20.89 -36.10
CA ALA D 145 -5.42 -21.93 -35.52
C ALA D 145 -6.19 -22.84 -34.59
N LEU D 146 -7.23 -22.33 -33.93
CA LEU D 146 -7.95 -23.09 -32.92
C LEU D 146 -9.38 -23.43 -33.32
N ARG D 147 -9.92 -22.80 -34.34
CA ARG D 147 -11.29 -23.06 -34.79
C ARG D 147 -11.36 -23.95 -36.03
N LEU D 148 -10.28 -24.11 -36.77
CA LEU D 148 -10.24 -25.01 -37.91
C LEU D 148 -9.57 -26.32 -37.53
N ALA D 149 -9.67 -27.28 -38.43
CA ALA D 149 -9.12 -28.62 -38.19
C ALA D 149 -7.63 -28.66 -38.46
N THR D 150 -6.94 -29.52 -37.72
CA THR D 150 -5.50 -29.66 -37.90
C THR D 150 -5.15 -30.38 -39.19
N THR D 151 -6.12 -31.07 -39.80
CA THR D 151 -5.89 -31.71 -41.09
C THR D 151 -5.46 -30.69 -42.15
N MET D 152 -6.01 -29.49 -42.09
CA MET D 152 -5.71 -28.46 -43.06
C MET D 152 -4.24 -28.04 -42.98
N THR D 153 -3.79 -27.38 -44.04
CA THR D 153 -2.44 -26.85 -44.15
C THR D 153 -2.44 -25.39 -43.70
N ASN D 154 -1.24 -24.86 -43.42
CA ASN D 154 -1.15 -23.43 -43.16
C ASN D 154 -1.46 -22.64 -44.43
N HIS D 155 -1.18 -23.22 -45.60
CA HIS D 155 -1.52 -22.54 -46.84
C HIS D 155 -3.03 -22.44 -47.01
N GLU D 156 -3.75 -23.48 -46.60
CA GLU D 156 -5.20 -23.47 -46.68
C GLU D 156 -5.79 -22.50 -45.65
N LYS D 157 -5.23 -22.48 -44.44
CA LYS D 157 -5.71 -21.55 -43.43
C LYS D 157 -5.47 -20.11 -43.88
N ASN D 158 -4.29 -19.85 -44.44
CA ASN D 158 -3.99 -18.52 -44.95
C ASN D 158 -4.92 -18.13 -46.08
N GLU D 159 -5.33 -19.08 -46.93
CA GLU D 159 -6.27 -18.72 -47.98
C GLU D 159 -7.65 -18.45 -47.42
N ARG D 160 -8.08 -19.22 -46.41
CA ARG D 160 -9.32 -18.88 -45.71
C ARG D 160 -9.26 -17.46 -45.16
N ILE D 161 -8.16 -17.11 -44.50
CA ILE D 161 -8.04 -15.78 -43.91
C ILE D 161 -8.03 -14.71 -44.99
N ASN D 162 -7.37 -14.97 -46.12
CA ASN D 162 -7.35 -13.99 -47.21
C ASN D 162 -8.74 -13.79 -47.79
N ARG D 163 -9.49 -14.87 -48.02
CA ARG D 163 -10.85 -14.73 -48.52
C ARG D 163 -11.73 -13.98 -47.53
N VAL D 164 -11.57 -14.24 -46.23
CA VAL D 164 -12.38 -13.56 -45.23
C VAL D 164 -12.02 -12.08 -45.15
N ILE D 165 -10.72 -11.76 -45.22
CA ILE D 165 -10.29 -10.36 -45.22
C ILE D 165 -10.84 -9.63 -46.44
N GLN D 166 -10.85 -10.29 -47.59
CA GLN D 166 -11.33 -9.67 -48.81
C GLN D 166 -12.83 -9.42 -48.74
N GLU D 167 -13.60 -10.41 -48.27
CA GLU D 167 -15.05 -10.27 -48.24
C GLU D 167 -15.49 -9.16 -47.30
N LEU D 168 -14.77 -8.95 -46.20
CA LEU D 168 -15.14 -7.88 -45.28
C LEU D 168 -14.69 -6.52 -45.77
N GLY D 169 -13.65 -6.46 -46.58
CA GLY D 169 -13.07 -5.18 -46.99
C GLY D 169 -12.03 -4.67 -46.01
N LEU D 170 -11.21 -5.58 -45.49
CA LEU D 170 -10.15 -5.23 -44.54
C LEU D 170 -8.75 -5.38 -45.14
N ASP D 171 -8.61 -5.09 -46.44
CA ASP D 171 -7.33 -5.31 -47.10
C ASP D 171 -6.30 -4.26 -46.68
N LYS D 172 -6.66 -2.99 -46.74
CA LYS D 172 -5.72 -1.92 -46.44
C LYS D 172 -5.41 -1.78 -44.96
N VAL D 173 -6.06 -2.55 -44.08
CA VAL D 173 -5.79 -2.43 -42.66
C VAL D 173 -5.45 -3.80 -42.09
N ALA D 174 -5.30 -4.79 -42.98
CA ALA D 174 -5.08 -6.16 -42.54
C ALA D 174 -3.80 -6.31 -41.74
N ASP D 175 -2.91 -5.34 -41.78
CA ASP D 175 -1.63 -5.45 -41.09
C ASP D 175 -1.39 -4.26 -40.17
N SER D 176 -2.47 -3.65 -39.70
CA SER D 176 -2.43 -2.57 -38.72
C SER D 176 -2.99 -3.07 -37.39
N LYS D 177 -2.47 -2.50 -36.30
CA LYS D 177 -2.91 -2.90 -34.98
C LYS D 177 -4.33 -2.41 -34.70
N VAL D 178 -5.13 -3.28 -34.10
CA VAL D 178 -6.52 -2.95 -33.80
C VAL D 178 -6.61 -1.76 -32.85
N GLY D 179 -5.65 -1.65 -31.93
CA GLY D 179 -5.56 -0.47 -31.10
C GLY D 179 -5.92 -0.67 -29.64
N THR D 180 -5.09 -0.12 -28.77
CA THR D 180 -5.29 -0.17 -27.33
C THR D 180 -5.19 1.23 -26.76
N GLN D 181 -5.08 1.34 -25.43
CA GLN D 181 -4.87 2.64 -24.81
C GLN D 181 -3.61 3.30 -25.36
N PHE D 182 -2.46 2.65 -25.17
CA PHE D 182 -1.19 3.24 -25.58
C PHE D 182 -1.02 3.23 -27.09
N ILE D 183 -1.62 2.27 -27.81
CA ILE D 183 -1.41 2.13 -29.24
C ILE D 183 -2.61 2.72 -29.97
N ARG D 184 -2.33 3.63 -30.90
CA ARG D 184 -3.35 4.09 -31.83
C ARG D 184 -3.76 2.96 -32.77
N GLY D 185 -5.06 2.83 -32.97
CA GLY D 185 -5.57 1.73 -33.77
C GLY D 185 -6.61 2.11 -34.81
N VAL D 186 -7.21 1.11 -35.43
CA VAL D 186 -8.21 1.36 -36.46
C VAL D 186 -9.45 1.98 -35.82
N SER D 187 -10.31 2.54 -36.67
CA SER D 187 -11.55 3.11 -36.18
C SER D 187 -12.42 2.02 -35.58
N GLY D 188 -13.38 2.43 -34.75
CA GLY D 188 -14.29 1.47 -34.16
C GLY D 188 -15.19 0.78 -35.15
N GLY D 189 -15.26 1.27 -36.38
CA GLY D 189 -16.10 0.66 -37.40
C GLY D 189 -15.48 -0.56 -38.04
N GLU D 190 -14.15 -0.66 -38.03
CA GLU D 190 -13.47 -1.80 -38.62
C GLU D 190 -13.02 -2.79 -37.57
N ARG D 191 -13.01 -2.40 -36.28
CA ARG D 191 -12.89 -3.38 -35.21
C ARG D 191 -14.09 -4.32 -35.20
N LYS D 192 -15.28 -3.78 -35.49
CA LYS D 192 -16.47 -4.63 -35.57
C LYS D 192 -16.36 -5.60 -36.72
N ARG D 193 -15.82 -5.15 -37.86
CA ARG D 193 -15.68 -6.05 -38.99
C ARG D 193 -14.59 -7.08 -38.74
N THR D 194 -13.62 -6.73 -37.91
CA THR D 194 -12.62 -7.71 -37.48
C THR D 194 -13.26 -8.77 -36.59
N SER D 195 -14.08 -8.34 -35.63
CA SER D 195 -14.77 -9.28 -34.75
C SER D 195 -15.74 -10.17 -35.53
N ILE D 196 -16.34 -9.65 -36.59
CA ILE D 196 -17.18 -10.47 -37.45
C ILE D 196 -16.31 -11.47 -38.22
N GLY D 197 -15.08 -11.07 -38.58
CA GLY D 197 -14.22 -11.98 -39.32
C GLY D 197 -13.67 -13.12 -38.47
N MET D 198 -13.53 -12.91 -37.17
CA MET D 198 -13.09 -13.98 -36.29
C MET D 198 -14.15 -15.05 -36.09
N GLU D 199 -15.38 -14.82 -36.56
CA GLU D 199 -16.44 -15.81 -36.52
C GLU D 199 -16.70 -16.47 -37.86
N LEU D 200 -16.39 -15.79 -38.97
CA LEU D 200 -16.56 -16.37 -40.29
C LEU D 200 -15.38 -17.24 -40.70
N ILE D 201 -14.38 -17.41 -39.82
CA ILE D 201 -13.24 -18.25 -40.13
C ILE D 201 -13.68 -19.70 -40.31
N THR D 202 -14.58 -20.17 -39.45
CA THR D 202 -15.12 -21.51 -39.58
C THR D 202 -16.25 -21.58 -40.59
N ASP D 203 -16.64 -20.44 -41.17
CA ASP D 203 -17.68 -20.28 -42.17
C ASP D 203 -19.00 -20.91 -41.72
N PRO D 204 -19.68 -20.33 -40.73
CA PRO D 204 -20.89 -20.94 -40.20
C PRO D 204 -22.08 -20.68 -41.11
N SER D 205 -23.14 -21.43 -40.86
CA SER D 205 -24.41 -21.22 -41.57
C SER D 205 -25.36 -20.30 -40.80
N ILE D 206 -25.18 -20.16 -39.49
CA ILE D 206 -26.01 -19.31 -38.66
C ILE D 206 -25.09 -18.36 -37.90
N LEU D 207 -25.35 -17.07 -38.00
CA LEU D 207 -24.50 -16.06 -37.41
C LEU D 207 -25.36 -15.21 -36.47
N PHE D 208 -25.07 -15.27 -35.18
CA PHE D 208 -25.77 -14.47 -34.18
C PHE D 208 -24.99 -13.20 -33.88
N LEU D 209 -25.69 -12.08 -33.69
CA LEU D 209 -25.05 -10.81 -33.40
C LEU D 209 -25.73 -10.14 -32.22
N ASP D 210 -24.98 -9.88 -31.15
CA ASP D 210 -25.52 -9.19 -29.98
C ASP D 210 -25.35 -7.69 -30.18
N GLU D 211 -26.39 -7.02 -30.68
CA GLU D 211 -26.40 -5.56 -30.84
C GLU D 211 -25.24 -5.11 -31.69
N PRO D 212 -25.23 -5.39 -33.00
CA PRO D 212 -24.05 -5.06 -33.81
C PRO D 212 -23.79 -3.58 -33.99
N THR D 213 -24.73 -2.71 -33.62
CA THR D 213 -24.58 -1.29 -33.88
C THR D 213 -24.50 -0.42 -32.62
N THR D 214 -24.73 -0.99 -31.44
CA THR D 214 -24.66 -0.19 -30.23
C THR D 214 -23.22 0.22 -29.96
N GLY D 215 -22.99 1.53 -29.92
CA GLY D 215 -21.67 2.12 -29.76
C GLY D 215 -21.12 2.73 -31.04
N LEU D 216 -21.50 2.19 -32.20
CA LEU D 216 -21.06 2.77 -33.46
C LEU D 216 -21.83 4.06 -33.75
N ASP D 217 -21.31 4.81 -34.71
CA ASP D 217 -21.97 6.03 -35.15
C ASP D 217 -23.00 5.68 -36.23
N SER D 218 -23.79 6.69 -36.63
CA SER D 218 -24.86 6.43 -37.59
C SER D 218 -24.31 5.98 -38.94
N SER D 219 -23.32 6.71 -39.46
CA SER D 219 -22.77 6.38 -40.76
C SER D 219 -21.94 5.11 -40.72
N THR D 220 -21.43 4.75 -39.53
CA THR D 220 -20.71 3.50 -39.39
C THR D 220 -21.69 2.35 -39.36
N ALA D 221 -22.73 2.48 -38.53
CA ALA D 221 -23.73 1.44 -38.36
C ALA D 221 -24.43 1.11 -39.68
N ASN D 222 -24.70 2.12 -40.50
CA ASN D 222 -25.34 1.87 -41.79
C ASN D 222 -24.46 0.99 -42.68
N ALA D 223 -23.17 1.28 -42.75
CA ALA D 223 -22.27 0.45 -43.56
C ALA D 223 -22.17 -0.96 -42.98
N VAL D 224 -22.16 -1.06 -41.65
CA VAL D 224 -22.07 -2.37 -41.01
C VAL D 224 -23.28 -3.22 -41.37
N LEU D 225 -24.47 -2.64 -41.31
CA LEU D 225 -25.67 -3.40 -41.65
C LEU D 225 -25.80 -3.67 -43.14
N LEU D 226 -25.29 -2.78 -44.01
CA LEU D 226 -25.27 -3.11 -45.43
C LEU D 226 -24.30 -4.25 -45.72
N LEU D 227 -23.21 -4.35 -44.95
CA LEU D 227 -22.32 -5.49 -45.06
C LEU D 227 -23.02 -6.76 -44.61
N LEU D 228 -23.73 -6.68 -43.48
CA LEU D 228 -24.46 -7.82 -42.97
C LEU D 228 -25.50 -8.30 -43.97
N LYS D 229 -26.15 -7.36 -44.66
CA LYS D 229 -27.18 -7.74 -45.62
C LYS D 229 -26.57 -8.39 -46.86
N ARG D 230 -25.46 -7.86 -47.35
CA ARG D 230 -24.79 -8.54 -48.46
C ARG D 230 -24.31 -9.93 -48.06
N MET D 231 -23.89 -10.11 -46.81
CA MET D 231 -23.58 -11.45 -46.31
C MET D 231 -24.80 -12.35 -46.34
N SER D 232 -25.94 -11.84 -45.86
CA SER D 232 -27.16 -12.63 -45.80
C SER D 232 -27.70 -13.03 -47.17
N LYS D 233 -27.13 -12.48 -48.25
CA LYS D 233 -27.59 -12.86 -49.58
C LYS D 233 -26.89 -14.10 -50.08
N GLN D 234 -25.65 -14.34 -49.66
CA GLN D 234 -24.95 -15.55 -50.05
C GLN D 234 -25.61 -16.81 -49.48
N GLY D 235 -26.48 -16.67 -48.48
CA GLY D 235 -27.15 -17.82 -47.91
C GLY D 235 -26.95 -18.09 -46.43
N ARG D 236 -26.49 -17.08 -45.69
CA ARG D 236 -26.30 -17.22 -44.25
C ARG D 236 -27.51 -16.67 -43.50
N THR D 237 -27.89 -17.35 -42.42
CA THR D 237 -28.99 -16.90 -41.58
C THR D 237 -28.42 -16.00 -40.51
N ILE D 238 -28.76 -14.71 -40.56
CA ILE D 238 -28.22 -13.72 -39.64
C ILE D 238 -29.29 -13.32 -38.66
N ILE D 239 -28.98 -13.43 -37.37
CA ILE D 239 -29.94 -13.20 -36.29
C ILE D 239 -29.31 -12.24 -35.31
N PHE D 240 -29.88 -11.04 -35.19
CA PHE D 240 -29.32 -10.03 -34.31
C PHE D 240 -30.43 -9.39 -33.50
N SER D 241 -30.03 -8.51 -32.58
CA SER D 241 -30.94 -7.76 -31.73
C SER D 241 -30.51 -6.29 -31.74
N ILE D 242 -31.30 -5.44 -32.40
CA ILE D 242 -30.95 -4.02 -32.54
C ILE D 242 -31.57 -3.23 -31.41
N HIS D 243 -30.90 -2.15 -31.02
CA HIS D 243 -31.44 -1.16 -30.09
C HIS D 243 -31.85 0.08 -30.86
N GLN D 244 -33.16 0.33 -30.94
CA GLN D 244 -33.80 1.48 -31.57
C GLN D 244 -33.15 1.88 -32.89
N PRO D 245 -33.39 1.12 -33.96
CA PRO D 245 -32.77 1.44 -35.25
C PRO D 245 -33.42 2.65 -35.91
N ARG D 246 -32.76 3.12 -36.97
CA ARG D 246 -33.27 4.17 -37.84
C ARG D 246 -33.89 3.53 -39.07
N TYR D 247 -34.70 4.31 -39.79
CA TYR D 247 -35.44 3.73 -40.91
C TYR D 247 -34.53 3.21 -42.00
N SER D 248 -33.36 3.83 -42.21
CA SER D 248 -32.42 3.31 -43.19
C SER D 248 -31.89 1.94 -42.78
N ILE D 249 -32.04 1.58 -41.51
CA ILE D 249 -31.72 0.25 -41.03
C ILE D 249 -32.93 -0.67 -41.14
N PHE D 250 -34.07 -0.22 -40.61
CA PHE D 250 -35.31 -0.99 -40.62
C PHE D 250 -35.72 -1.43 -42.02
N LYS D 251 -35.36 -0.65 -43.04
CA LYS D 251 -35.74 -1.01 -44.40
C LYS D 251 -34.96 -2.18 -44.96
N LEU D 252 -34.00 -2.74 -44.22
CA LEU D 252 -33.22 -3.87 -44.70
C LEU D 252 -33.65 -5.21 -44.11
N PHE D 253 -34.30 -5.21 -42.96
CA PHE D 253 -34.66 -6.43 -42.26
C PHE D 253 -35.57 -7.30 -43.13
N ASP D 254 -35.46 -8.61 -42.96
CA ASP D 254 -36.33 -9.55 -43.66
C ASP D 254 -37.34 -10.24 -42.75
N SER D 255 -37.15 -10.17 -41.44
CA SER D 255 -38.09 -10.72 -40.49
C SER D 255 -37.89 -10.02 -39.16
N LEU D 256 -38.99 -9.78 -38.46
CA LEU D 256 -38.99 -8.97 -37.25
C LEU D 256 -39.61 -9.78 -36.12
N THR D 257 -38.95 -9.76 -34.97
CA THR D 257 -39.47 -10.42 -33.78
C THR D 257 -39.47 -9.37 -32.68
N LEU D 258 -40.67 -8.91 -32.30
CA LEU D 258 -40.81 -7.86 -31.30
C LEU D 258 -41.17 -8.50 -29.97
N LEU D 259 -40.37 -8.21 -28.95
CA LEU D 259 -40.58 -8.76 -27.62
C LEU D 259 -40.68 -7.60 -26.64
N ALA D 260 -41.52 -7.76 -25.62
CA ALA D 260 -41.65 -6.74 -24.58
C ALA D 260 -42.06 -7.40 -23.27
N SER D 261 -41.26 -7.18 -22.22
CA SER D 261 -41.46 -7.80 -20.91
C SER D 261 -41.56 -9.32 -21.00
N GLY D 262 -40.73 -9.90 -21.85
CA GLY D 262 -40.73 -11.34 -22.07
C GLY D 262 -41.95 -11.86 -22.78
N ARG D 263 -42.76 -10.98 -23.35
CA ARG D 263 -43.94 -11.34 -24.11
C ARG D 263 -43.71 -11.06 -25.58
N LEU D 264 -44.27 -11.89 -26.45
CA LEU D 264 -44.12 -11.73 -27.88
C LEU D 264 -45.20 -10.78 -28.39
N MET D 265 -44.81 -9.54 -28.70
CA MET D 265 -45.75 -8.57 -29.22
C MET D 265 -45.97 -8.72 -30.72
N PHE D 266 -44.98 -9.26 -31.44
CA PHE D 266 -45.10 -9.48 -32.86
C PHE D 266 -43.98 -10.42 -33.31
N HIS D 267 -44.26 -11.18 -34.37
CA HIS D 267 -43.26 -12.00 -35.03
C HIS D 267 -43.71 -12.26 -36.45
N GLY D 268 -42.87 -11.92 -37.41
CA GLY D 268 -43.16 -12.13 -38.81
C GLY D 268 -42.21 -11.31 -39.66
N PRO D 269 -42.59 -11.09 -40.92
CA PRO D 269 -41.80 -10.18 -41.77
C PRO D 269 -41.75 -8.79 -41.17
N ALA D 270 -40.61 -8.13 -41.35
CA ALA D 270 -40.38 -6.83 -40.74
C ALA D 270 -41.08 -5.69 -41.46
N GLN D 271 -41.53 -5.94 -42.69
CA GLN D 271 -42.24 -4.93 -43.45
C GLN D 271 -43.74 -4.90 -43.18
N GLU D 272 -44.27 -5.95 -42.56
CA GLU D 272 -45.69 -6.06 -42.28
C GLU D 272 -46.06 -5.65 -40.86
N ALA D 273 -45.08 -5.32 -40.03
CA ALA D 273 -45.36 -4.87 -38.66
C ALA D 273 -46.13 -3.54 -38.66
N LEU D 274 -45.79 -2.64 -39.59
CA LEU D 274 -46.51 -1.37 -39.68
C LEU D 274 -47.99 -1.60 -39.90
N GLY D 275 -48.35 -2.41 -40.90
CA GLY D 275 -49.75 -2.69 -41.14
C GLY D 275 -50.39 -3.45 -40.00
N TYR D 276 -49.64 -4.36 -39.37
CA TYR D 276 -50.14 -5.09 -38.23
C TYR D 276 -50.59 -4.14 -37.12
N PHE D 277 -49.75 -3.15 -36.79
CA PHE D 277 -50.11 -2.21 -35.74
C PHE D 277 -51.15 -1.20 -36.21
N GLU D 278 -51.19 -0.89 -37.50
CA GLU D 278 -52.23 -0.01 -38.01
C GLU D 278 -53.61 -0.65 -37.90
N SER D 279 -53.69 -1.96 -38.14
CA SER D 279 -54.95 -2.68 -38.06
C SER D 279 -55.23 -3.23 -36.67
N ALA D 280 -54.27 -3.18 -35.76
CA ALA D 280 -54.51 -3.56 -34.37
C ALA D 280 -55.12 -2.44 -33.55
N GLY D 281 -55.43 -1.30 -34.16
CA GLY D 281 -56.02 -0.19 -33.47
C GLY D 281 -55.09 0.97 -33.12
N TYR D 282 -54.04 1.17 -33.92
CA TYR D 282 -53.07 2.25 -33.69
C TYR D 282 -52.75 2.92 -35.01
N HIS D 283 -52.34 4.19 -34.95
CA HIS D 283 -51.96 4.91 -36.15
C HIS D 283 -50.58 5.54 -35.94
N CYS D 284 -49.76 5.47 -36.98
CA CYS D 284 -48.44 6.10 -36.99
C CYS D 284 -48.44 7.29 -37.94
N GLU D 285 -48.06 8.46 -37.43
CA GLU D 285 -48.08 9.68 -38.22
C GLU D 285 -46.87 9.72 -39.14
N ALA D 286 -46.82 10.75 -39.99
CA ALA D 286 -45.74 10.90 -40.94
C ALA D 286 -44.45 11.32 -40.22
N TYR D 287 -43.32 10.97 -40.82
CA TYR D 287 -41.99 11.31 -40.30
C TYR D 287 -41.73 10.71 -38.93
N ASN D 288 -42.36 9.59 -38.62
CA ASN D 288 -42.15 8.91 -37.35
C ASN D 288 -41.54 7.56 -37.65
N ASN D 289 -40.42 7.25 -37.02
CA ASN D 289 -39.75 5.99 -37.27
C ASN D 289 -40.63 4.85 -36.80
N PRO D 290 -40.84 3.81 -37.62
CA PRO D 290 -41.60 2.66 -37.13
C PRO D 290 -40.95 1.98 -35.94
N ALA D 291 -39.63 1.89 -35.91
CA ALA D 291 -38.97 1.32 -34.73
C ALA D 291 -39.16 2.21 -33.51
N ASP D 292 -39.29 3.52 -33.71
CA ASP D 292 -39.72 4.41 -32.63
C ASP D 292 -41.20 4.21 -32.31
N PHE D 293 -42.01 4.02 -33.35
CA PHE D 293 -43.45 3.83 -33.17
C PHE D 293 -43.76 2.60 -32.32
N PHE D 294 -42.99 1.53 -32.49
CA PHE D 294 -43.25 0.30 -31.74
C PHE D 294 -42.95 0.48 -30.27
N LEU D 295 -41.79 1.06 -29.94
CA LEU D 295 -41.46 1.29 -28.54
C LEU D 295 -42.32 2.38 -27.94
N ASP D 296 -42.87 3.28 -28.76
CA ASP D 296 -43.85 4.23 -28.25
C ASP D 296 -45.14 3.52 -27.88
N ILE D 297 -45.52 2.51 -28.66
CA ILE D 297 -46.65 1.65 -28.29
C ILE D 297 -46.35 0.91 -26.99
N ILE D 298 -45.14 0.35 -26.89
CA ILE D 298 -44.80 -0.46 -25.72
C ILE D 298 -44.75 0.41 -24.47
N ASN D 299 -44.34 1.67 -24.60
CA ASN D 299 -44.25 2.54 -23.44
C ASN D 299 -45.61 3.05 -23.00
N GLY D 300 -46.47 3.40 -23.94
CA GLY D 300 -47.75 4.00 -23.63
C GLY D 300 -47.96 5.32 -24.34
N ASP D 301 -47.20 5.54 -25.41
CA ASP D 301 -47.30 6.76 -26.21
C ASP D 301 -47.07 8.01 -25.37
N LEU D 328 -51.82 -3.55 -20.52
CA LEU D 328 -51.46 -3.19 -21.89
C LEU D 328 -50.54 -4.23 -22.51
N ILE D 329 -49.64 -4.79 -21.70
CA ILE D 329 -48.76 -5.82 -22.20
C ILE D 329 -49.54 -7.08 -22.57
N GLU D 330 -50.45 -7.50 -21.70
CA GLU D 330 -51.37 -8.57 -22.06
C GLU D 330 -52.40 -8.12 -23.09
N LYS D 331 -52.52 -6.81 -23.33
CA LYS D 331 -53.42 -6.34 -24.37
C LYS D 331 -52.81 -6.53 -25.75
N LEU D 332 -51.48 -6.43 -25.84
CA LEU D 332 -50.84 -6.64 -27.13
C LEU D 332 -50.53 -8.11 -27.31
N ALA D 333 -50.19 -8.81 -26.22
CA ALA D 333 -49.93 -10.23 -26.31
C ALA D 333 -51.17 -11.01 -26.74
N GLU D 334 -52.35 -10.64 -26.23
CA GLU D 334 -53.56 -11.32 -26.65
C GLU D 334 -53.93 -10.98 -28.09
N ILE D 335 -53.71 -9.73 -28.51
CA ILE D 335 -54.05 -9.37 -29.88
C ILE D 335 -53.15 -10.15 -30.84
N TYR D 336 -51.87 -10.30 -30.51
CA TYR D 336 -51.02 -11.06 -31.41
C TYR D 336 -51.35 -12.55 -31.36
N VAL D 337 -51.73 -13.07 -30.19
CA VAL D 337 -52.09 -14.48 -30.12
C VAL D 337 -53.31 -14.74 -31.00
N ASN D 338 -54.22 -13.77 -31.09
CA ASN D 338 -55.40 -13.88 -31.94
C ASN D 338 -55.15 -13.40 -33.37
N SER D 339 -53.90 -13.14 -33.74
CA SER D 339 -53.58 -12.64 -35.06
C SER D 339 -53.40 -13.76 -36.07
N SER D 340 -53.34 -13.39 -37.34
CA SER D 340 -53.10 -14.38 -38.40
C SER D 340 -51.66 -14.83 -38.42
N PHE D 341 -50.73 -13.94 -38.11
CA PHE D 341 -49.32 -14.32 -38.02
C PHE D 341 -49.13 -15.44 -37.02
N TYR D 342 -49.75 -15.32 -35.84
CA TYR D 342 -49.62 -16.36 -34.83
C TYR D 342 -50.16 -17.69 -35.34
N LYS D 343 -51.27 -17.65 -36.09
CA LYS D 343 -51.84 -18.87 -36.62
C LYS D 343 -50.90 -19.52 -37.62
N GLU D 344 -50.34 -18.72 -38.53
CA GLU D 344 -49.40 -19.27 -39.50
C GLU D 344 -48.14 -19.81 -38.82
N THR D 345 -47.65 -19.13 -37.78
CA THR D 345 -46.47 -19.64 -37.08
C THR D 345 -46.76 -20.94 -36.36
N LYS D 346 -47.90 -21.04 -35.68
CA LYS D 346 -48.23 -22.29 -34.99
C LYS D 346 -48.45 -23.42 -35.98
N ALA D 347 -49.00 -23.09 -37.15
CA ALA D 347 -49.18 -24.10 -38.19
C ALA D 347 -47.84 -24.57 -38.75
N GLU D 348 -46.92 -23.63 -39.01
CA GLU D 348 -45.62 -24.02 -39.53
C GLU D 348 -44.81 -24.80 -38.49
N LEU D 349 -45.01 -24.52 -37.21
CA LEU D 349 -44.29 -25.24 -36.17
C LEU D 349 -44.89 -26.59 -35.85
N HIS D 350 -46.16 -26.80 -36.20
CA HIS D 350 -46.78 -28.11 -36.09
C HIS D 350 -46.77 -28.87 -37.41
N GLN D 351 -46.31 -28.24 -38.48
CA GLN D 351 -46.07 -28.94 -39.73
C GLN D 351 -44.81 -29.78 -39.65
N LEU D 352 -43.74 -29.24 -39.07
CA LEU D 352 -42.45 -29.95 -39.08
C LEU D 352 -42.37 -30.96 -37.94
N SER D 353 -42.45 -30.47 -36.70
CA SER D 353 -42.27 -31.37 -35.56
C SER D 353 -43.39 -32.40 -35.47
N GLY D 354 -44.60 -32.04 -35.88
CA GLY D 354 -45.72 -32.95 -35.89
C GLY D 354 -45.53 -34.08 -36.89
N TYR D 369 -12.17 -32.47 -27.59
CA TYR D 369 -11.97 -31.19 -28.27
C TYR D 369 -11.47 -31.31 -29.69
N THR D 370 -11.52 -30.18 -30.40
CA THR D 370 -11.07 -30.13 -31.79
C THR D 370 -9.57 -30.40 -31.90
N THR D 371 -8.76 -29.81 -31.03
CA THR D 371 -7.32 -29.84 -31.13
C THR D 371 -6.69 -30.40 -29.86
N SER D 372 -5.38 -30.60 -29.93
CA SER D 372 -4.61 -31.18 -28.84
C SER D 372 -4.26 -30.14 -27.79
N PHE D 373 -3.92 -30.65 -26.60
CA PHE D 373 -3.52 -29.78 -25.50
C PHE D 373 -2.34 -28.90 -25.89
N CYS D 374 -1.33 -29.49 -26.53
CA CYS D 374 -0.11 -28.73 -26.83
C CYS D 374 -0.35 -27.65 -27.87
N HIS D 375 -1.20 -27.92 -28.86
CA HIS D 375 -1.51 -26.90 -29.86
C HIS D 375 -2.20 -25.70 -29.24
N GLN D 376 -3.23 -25.95 -28.42
CA GLN D 376 -3.94 -24.88 -27.75
C GLN D 376 -3.02 -24.10 -26.81
N LEU D 377 -2.22 -24.81 -26.02
CA LEU D 377 -1.31 -24.14 -25.09
C LEU D 377 -0.28 -23.30 -25.83
N ARG D 378 0.27 -23.83 -26.91
CA ARG D 378 1.24 -23.09 -27.70
C ARG D 378 0.64 -21.80 -28.24
N TRP D 379 -0.57 -21.87 -28.81
CA TRP D 379 -1.15 -20.68 -29.43
C TRP D 379 -1.61 -19.68 -28.38
N VAL D 380 -2.13 -20.16 -27.25
CA VAL D 380 -2.46 -19.25 -26.16
C VAL D 380 -1.23 -18.51 -25.67
N SER D 381 -0.10 -19.24 -25.53
CA SER D 381 1.15 -18.61 -25.09
C SER D 381 1.67 -17.62 -26.11
N LYS D 382 1.61 -17.98 -27.40
CA LYS D 382 2.08 -17.08 -28.43
C LYS D 382 1.28 -15.78 -28.45
N ARG D 383 -0.05 -15.88 -28.36
CA ARG D 383 -0.86 -14.67 -28.35
C ARG D 383 -0.62 -13.85 -27.10
N SER D 384 -0.47 -14.49 -25.94
CA SER D 384 -0.25 -13.73 -24.72
C SER D 384 1.12 -13.07 -24.71
N PHE D 385 2.10 -13.66 -25.41
CA PHE D 385 3.40 -13.02 -25.45
C PHE D 385 3.46 -11.91 -26.49
N LYS D 386 2.80 -12.08 -27.63
CA LYS D 386 2.65 -10.95 -28.54
C LYS D 386 1.93 -9.79 -27.85
N ASN D 387 0.94 -10.10 -27.01
CA ASN D 387 0.22 -9.06 -26.29
C ASN D 387 1.12 -8.42 -25.23
N LEU D 388 2.06 -9.17 -24.66
CA LEU D 388 2.95 -8.60 -23.66
C LEU D 388 4.06 -7.76 -24.28
N LEU D 389 4.54 -8.14 -25.47
CA LEU D 389 5.52 -7.32 -26.18
C LEU D 389 4.88 -6.08 -26.80
N GLY D 390 3.67 -6.23 -27.34
CA GLY D 390 2.97 -5.12 -27.95
C GLY D 390 2.46 -4.10 -26.96
N ASN D 391 2.54 -4.42 -25.67
CA ASN D 391 2.19 -3.52 -24.57
C ASN D 391 3.46 -3.28 -23.77
N PRO D 392 4.41 -2.52 -24.34
CA PRO D 392 5.65 -2.29 -23.60
C PRO D 392 5.50 -1.36 -22.42
N GLN D 393 4.53 -0.43 -22.41
CA GLN D 393 4.51 0.55 -21.34
C GLN D 393 4.36 -0.08 -19.95
N ALA D 394 3.37 -0.96 -19.78
CA ALA D 394 3.13 -1.59 -18.48
C ALA D 394 4.06 -2.74 -18.15
N SER D 395 5.02 -3.06 -18.99
CA SER D 395 5.99 -4.10 -18.70
C SER D 395 7.39 -3.54 -18.57
N ILE D 396 7.71 -2.55 -19.39
CA ILE D 396 8.95 -1.80 -19.30
C ILE D 396 8.96 -0.93 -18.06
N ALA D 397 7.81 -0.34 -17.71
CA ALA D 397 7.77 0.53 -16.54
C ALA D 397 8.09 -0.22 -15.26
N GLN D 398 7.66 -1.49 -15.16
CA GLN D 398 8.04 -2.29 -14.00
C GLN D 398 9.54 -2.57 -13.95
N ILE D 399 10.21 -2.56 -15.09
CA ILE D 399 11.65 -2.75 -15.10
C ILE D 399 12.36 -1.46 -14.73
N ILE D 400 11.91 -0.36 -15.32
CA ILE D 400 12.44 0.95 -14.95
C ILE D 400 12.33 1.15 -13.45
N VAL D 401 11.14 0.94 -12.89
CA VAL D 401 10.94 1.05 -11.45
C VAL D 401 11.84 0.10 -10.69
N THR D 402 12.08 -1.11 -11.23
CA THR D 402 12.92 -2.04 -10.49
C THR D 402 14.37 -1.58 -10.46
N VAL D 403 14.80 -0.90 -11.52
CA VAL D 403 16.18 -0.43 -11.59
C VAL D 403 16.35 0.81 -10.75
N VAL D 404 15.47 1.80 -10.94
CA VAL D 404 15.51 3.02 -10.16
C VAL D 404 15.50 2.71 -8.67
N LEU D 405 14.48 1.95 -8.23
CA LEU D 405 14.41 1.54 -6.83
C LEU D 405 15.66 0.80 -6.38
N GLY D 406 16.17 -0.14 -7.18
CA GLY D 406 17.38 -0.84 -6.79
C GLY D 406 18.58 0.06 -6.64
N LEU D 407 18.67 1.12 -7.44
CA LEU D 407 19.80 2.04 -7.31
C LEU D 407 19.61 2.99 -6.14
N VAL D 408 18.38 3.28 -5.78
CA VAL D 408 18.14 4.12 -4.61
C VAL D 408 18.44 3.33 -3.36
N ILE D 409 17.96 2.09 -3.29
CA ILE D 409 18.29 1.22 -2.16
C ILE D 409 19.79 1.02 -2.06
N GLY D 410 20.46 0.85 -3.20
CA GLY D 410 21.91 0.68 -3.13
C GLY D 410 22.64 1.94 -2.77
N ALA D 411 22.00 3.09 -2.90
CA ALA D 411 22.63 4.34 -2.50
C ALA D 411 22.39 4.65 -1.02
N ILE D 412 21.24 4.25 -0.49
CA ILE D 412 20.92 4.54 0.91
C ILE D 412 21.67 3.60 1.84
N TYR D 413 21.82 2.33 1.45
CA TYR D 413 22.45 1.33 2.29
C TYR D 413 23.88 1.04 1.87
N PHE D 414 24.52 1.96 1.16
CA PHE D 414 25.84 1.72 0.60
C PHE D 414 26.86 1.42 1.69
N GLY D 415 27.54 0.29 1.56
CA GLY D 415 28.61 -0.07 2.47
C GLY D 415 28.18 -0.44 3.87
N LEU D 416 27.50 -1.58 4.01
CA LEU D 416 27.09 -2.06 5.31
C LEU D 416 28.31 -2.34 6.19
N LYS D 417 28.25 -1.86 7.43
CA LYS D 417 29.34 -2.03 8.38
C LYS D 417 29.03 -3.15 9.35
N ASN D 418 30.08 -3.72 9.93
CA ASN D 418 29.94 -4.70 11.00
C ASN D 418 30.16 -4.03 12.35
N ASP D 419 29.23 -3.15 12.69
CA ASP D 419 29.30 -2.38 13.93
C ASP D 419 27.90 -2.32 14.52
N SER D 420 27.70 -1.39 15.46
CA SER D 420 26.46 -1.31 16.20
C SER D 420 25.23 -1.11 15.32
N THR D 421 25.40 -0.60 14.09
CA THR D 421 24.28 -0.37 13.19
C THR D 421 24.16 -1.41 12.09
N GLY D 422 25.00 -2.43 12.09
CA GLY D 422 24.98 -3.39 10.99
C GLY D 422 23.78 -4.30 11.03
N ILE D 423 23.37 -4.73 12.23
CA ILE D 423 22.19 -5.57 12.35
C ILE D 423 20.95 -4.81 11.89
N GLN D 424 20.77 -3.57 12.34
CA GLN D 424 19.59 -2.81 11.96
C GLN D 424 19.54 -2.58 10.45
N ASN D 425 20.67 -2.24 9.84
CA ASN D 425 20.65 -1.93 8.41
C ASN D 425 20.44 -3.19 7.58
N ARG D 426 21.06 -4.30 7.95
CA ARG D 426 20.84 -5.55 7.22
C ARG D 426 19.40 -6.02 7.34
N ALA D 427 18.87 -6.06 8.57
CA ALA D 427 17.49 -6.47 8.77
C ALA D 427 16.52 -5.54 8.05
N GLY D 428 16.76 -4.23 8.11
CA GLY D 428 15.85 -3.30 7.44
C GLY D 428 15.85 -3.45 5.95
N VAL D 429 17.02 -3.62 5.33
CA VAL D 429 17.03 -3.72 3.88
C VAL D 429 16.43 -5.05 3.43
N LEU D 430 16.67 -6.14 4.17
CA LEU D 430 16.07 -7.41 3.79
C LEU D 430 14.56 -7.38 3.96
N PHE D 431 14.07 -6.77 5.04
CA PHE D 431 12.64 -6.60 5.20
C PHE D 431 12.04 -5.79 4.06
N PHE D 432 12.70 -4.69 3.67
CA PHE D 432 12.16 -3.90 2.58
C PHE D 432 12.11 -4.68 1.28
N LEU D 433 13.16 -5.46 0.99
CA LEU D 433 13.17 -6.24 -0.25
C LEU D 433 12.04 -7.26 -0.28
N THR D 434 11.85 -8.01 0.80
CA THR D 434 10.79 -9.01 0.81
C THR D 434 9.41 -8.37 0.70
N THR D 435 9.14 -7.33 1.49
CA THR D 435 7.82 -6.73 1.46
C THR D 435 7.59 -5.98 0.16
N ASN D 436 8.67 -5.52 -0.49
CA ASN D 436 8.53 -4.89 -1.79
C ASN D 436 8.16 -5.89 -2.86
N GLN D 437 8.76 -7.09 -2.82
CA GLN D 437 8.31 -8.15 -3.72
C GLN D 437 6.83 -8.43 -3.52
N CYS D 438 6.41 -8.54 -2.26
CA CYS D 438 5.01 -8.84 -1.98
C CYS D 438 4.08 -7.76 -2.50
N PHE D 439 4.41 -6.49 -2.29
CA PHE D 439 3.52 -5.42 -2.71
C PHE D 439 3.61 -5.11 -4.20
N SER D 440 4.72 -5.45 -4.85
CA SER D 440 4.81 -5.27 -6.29
C SER D 440 4.15 -6.42 -7.03
N SER D 441 3.86 -7.53 -6.36
CA SER D 441 3.12 -8.63 -6.98
C SER D 441 1.62 -8.46 -6.89
N VAL D 442 1.12 -7.22 -6.78
CA VAL D 442 -0.32 -7.00 -6.77
C VAL D 442 -0.89 -6.83 -8.16
N SER D 443 -0.07 -6.47 -9.15
CA SER D 443 -0.57 -6.35 -10.51
C SER D 443 -1.02 -7.68 -11.10
N ALA D 444 -0.76 -8.81 -10.45
CA ALA D 444 -1.25 -10.08 -10.94
C ALA D 444 -2.77 -10.21 -10.81
N VAL D 445 -3.40 -9.29 -10.09
CA VAL D 445 -4.86 -9.23 -10.05
C VAL D 445 -5.39 -9.03 -11.46
N GLU D 446 -4.66 -8.27 -12.28
CA GLU D 446 -5.01 -7.93 -13.65
C GLU D 446 -4.89 -9.11 -14.62
N LEU D 447 -4.29 -10.23 -14.22
CA LEU D 447 -3.97 -11.28 -15.18
C LEU D 447 -5.23 -11.89 -15.78
N PHE D 448 -6.13 -12.39 -14.93
CA PHE D 448 -7.34 -13.04 -15.40
C PHE D 448 -8.57 -12.15 -15.32
N VAL D 449 -8.44 -10.93 -14.80
CA VAL D 449 -9.58 -10.06 -14.62
C VAL D 449 -9.83 -9.21 -15.86
N VAL D 450 -8.76 -8.75 -16.50
CA VAL D 450 -8.90 -7.85 -17.64
C VAL D 450 -9.52 -8.57 -18.83
N GLU D 451 -9.19 -9.85 -19.01
CA GLU D 451 -9.69 -10.62 -20.15
C GLU D 451 -10.67 -11.71 -19.74
N LYS D 452 -11.52 -11.43 -18.75
CA LYS D 452 -12.50 -12.42 -18.34
C LYS D 452 -13.56 -12.65 -19.41
N LYS D 453 -14.04 -11.59 -20.05
CA LYS D 453 -15.08 -11.72 -21.05
C LYS D 453 -14.59 -12.45 -22.29
N LEU D 454 -13.40 -12.11 -22.77
CA LEU D 454 -12.81 -12.84 -23.89
C LEU D 454 -12.57 -14.30 -23.53
N PHE D 455 -12.15 -14.58 -22.30
CA PHE D 455 -11.99 -15.97 -21.90
C PHE D 455 -13.31 -16.73 -21.93
N ILE D 456 -14.37 -16.14 -21.38
CA ILE D 456 -15.66 -16.81 -21.39
C ILE D 456 -16.15 -17.03 -22.80
N HIS D 457 -16.03 -16.01 -23.65
CA HIS D 457 -16.46 -16.14 -25.04
C HIS D 457 -15.71 -17.26 -25.75
N GLU D 458 -14.38 -17.28 -25.60
CA GLU D 458 -13.61 -18.27 -26.34
C GLU D 458 -13.73 -19.67 -25.74
N TYR D 459 -14.03 -19.79 -24.45
CA TYR D 459 -14.28 -21.11 -23.89
C TYR D 459 -15.61 -21.67 -24.37
N ILE D 460 -16.66 -20.83 -24.39
CA ILE D 460 -17.94 -21.30 -24.91
C ILE D 460 -17.79 -21.75 -26.36
N SER D 461 -17.13 -20.93 -27.17
CA SER D 461 -16.99 -21.18 -28.59
C SER D 461 -16.12 -22.38 -28.92
N GLY D 462 -15.52 -23.03 -27.93
CA GLY D 462 -14.72 -24.22 -28.15
C GLY D 462 -13.32 -23.96 -28.63
N TYR D 463 -12.70 -22.85 -28.19
CA TYR D 463 -11.33 -22.56 -28.55
C TYR D 463 -10.35 -23.49 -27.86
N TYR D 464 -10.47 -23.62 -26.55
CA TYR D 464 -9.52 -24.41 -25.78
C TYR D 464 -10.17 -24.85 -24.48
N ARG D 465 -9.40 -25.58 -23.68
CA ARG D 465 -9.84 -26.03 -22.37
C ARG D 465 -9.43 -24.99 -21.33
N VAL D 466 -9.96 -25.12 -20.13
CA VAL D 466 -9.54 -24.24 -19.05
C VAL D 466 -8.09 -24.50 -18.71
N SER D 467 -7.67 -25.76 -18.76
CA SER D 467 -6.31 -26.14 -18.38
C SER D 467 -5.27 -25.51 -19.29
N SER D 468 -5.44 -25.63 -20.61
CA SER D 468 -4.43 -25.11 -21.53
C SER D 468 -4.40 -23.58 -21.53
N TYR D 469 -5.56 -22.94 -21.44
CA TYR D 469 -5.60 -21.48 -21.33
C TYR D 469 -4.90 -21.00 -20.06
N PHE D 470 -5.22 -21.65 -18.93
CA PHE D 470 -4.61 -21.30 -17.65
C PHE D 470 -3.09 -21.45 -17.72
N LEU D 471 -2.62 -22.58 -18.23
CA LEU D 471 -1.19 -22.84 -18.29
C LEU D 471 -0.47 -21.90 -19.24
N GLY D 472 -1.07 -21.63 -20.41
CA GLY D 472 -0.44 -20.72 -21.34
C GLY D 472 -0.36 -19.30 -20.82
N LYS D 473 -1.40 -18.83 -20.13
CA LYS D 473 -1.34 -17.50 -19.55
C LYS D 473 -0.36 -17.43 -18.39
N LEU D 474 -0.23 -18.50 -17.60
CA LEU D 474 0.80 -18.52 -16.57
C LEU D 474 2.19 -18.54 -17.17
N LEU D 475 2.37 -19.26 -18.27
CA LEU D 475 3.68 -19.45 -18.85
C LEU D 475 4.16 -18.21 -19.59
N SER D 476 3.25 -17.45 -20.18
CA SER D 476 3.64 -16.32 -21.01
C SER D 476 3.74 -15.02 -20.23
N ASP D 477 2.87 -14.80 -19.24
CA ASP D 477 2.84 -13.55 -18.52
C ASP D 477 3.44 -13.65 -17.12
N LEU D 478 2.92 -14.54 -16.28
CA LEU D 478 3.35 -14.55 -14.89
C LEU D 478 4.80 -15.00 -14.75
N LEU D 479 5.25 -15.94 -15.58
CA LEU D 479 6.59 -16.49 -15.38
C LEU D 479 7.67 -15.49 -15.74
N PRO D 480 7.75 -14.95 -16.96
CA PRO D 480 8.90 -14.12 -17.31
C PRO D 480 8.93 -12.75 -16.66
N MET D 481 7.80 -12.21 -16.21
CA MET D 481 7.77 -10.87 -15.64
C MET D 481 7.81 -10.85 -14.12
N ARG D 482 7.86 -12.01 -13.48
CA ARG D 482 8.08 -12.08 -12.05
C ARG D 482 9.48 -12.57 -11.71
N MET D 483 10.16 -13.21 -12.67
CA MET D 483 11.54 -13.65 -12.49
C MET D 483 12.53 -12.51 -12.65
N LEU D 484 12.23 -11.57 -13.55
CA LEU D 484 13.21 -10.57 -13.96
C LEU D 484 13.47 -9.51 -12.89
N PRO D 485 12.45 -8.98 -12.21
CA PRO D 485 12.74 -8.04 -11.12
C PRO D 485 13.64 -8.60 -10.04
N SER D 486 13.47 -9.88 -9.69
CA SER D 486 14.32 -10.48 -8.67
C SER D 486 15.78 -10.50 -9.10
N ILE D 487 16.01 -10.92 -10.35
CA ILE D 487 17.37 -10.95 -10.89
C ILE D 487 17.96 -9.55 -10.92
N ILE D 488 17.21 -8.57 -11.42
CA ILE D 488 17.72 -7.20 -11.51
C ILE D 488 18.03 -6.65 -10.12
N PHE D 489 17.11 -6.82 -9.18
CA PHE D 489 17.31 -6.35 -7.82
C PHE D 489 18.57 -6.94 -7.20
N THR D 490 18.70 -8.26 -7.26
CA THR D 490 19.87 -8.91 -6.67
C THR D 490 21.15 -8.41 -7.32
N CYS D 491 21.22 -8.47 -8.65
CA CYS D 491 22.42 -8.05 -9.35
C CYS D 491 22.80 -6.61 -9.07
N ILE D 492 21.81 -5.73 -8.85
CA ILE D 492 22.13 -4.33 -8.58
C ILE D 492 22.59 -4.14 -7.15
N VAL D 493 21.75 -4.54 -6.18
CA VAL D 493 22.02 -4.15 -4.80
C VAL D 493 23.05 -5.03 -4.10
N TYR D 494 23.29 -6.27 -4.55
CA TYR D 494 24.05 -7.21 -3.73
C TYR D 494 25.48 -6.72 -3.50
N PHE D 495 26.09 -6.10 -4.52
CA PHE D 495 27.47 -5.66 -4.40
C PHE D 495 27.61 -4.19 -4.04
N MET D 496 26.58 -3.37 -4.26
CA MET D 496 26.59 -2.03 -3.69
C MET D 496 26.48 -2.07 -2.18
N LEU D 497 25.57 -2.91 -1.67
CA LEU D 497 25.41 -3.05 -0.22
C LEU D 497 26.60 -3.74 0.41
N GLY D 498 27.22 -4.67 -0.30
CA GLY D 498 28.30 -5.45 0.27
C GLY D 498 27.81 -6.58 1.14
N LEU D 499 26.89 -7.38 0.62
CA LEU D 499 26.41 -8.56 1.32
C LEU D 499 27.45 -9.68 1.24
N LYS D 500 27.15 -10.81 1.88
CA LYS D 500 28.01 -11.99 1.94
C LYS D 500 28.56 -12.34 0.56
N PRO D 501 29.87 -12.20 0.35
CA PRO D 501 30.44 -12.32 -1.00
C PRO D 501 30.76 -13.76 -1.42
N LYS D 502 29.73 -14.59 -1.44
CA LYS D 502 29.85 -15.96 -1.92
C LYS D 502 28.90 -16.14 -3.10
N ALA D 503 29.22 -17.11 -3.96
CA ALA D 503 28.35 -17.34 -5.11
C ALA D 503 27.04 -18.00 -4.69
N ASP D 504 27.10 -18.87 -3.68
CA ASP D 504 25.89 -19.55 -3.25
C ASP D 504 24.97 -18.63 -2.46
N ALA D 505 25.53 -17.70 -1.70
CA ALA D 505 24.66 -16.74 -1.00
C ALA D 505 23.97 -15.82 -1.99
N PHE D 506 24.71 -15.37 -3.00
CA PHE D 506 24.13 -14.57 -4.08
C PHE D 506 22.96 -15.29 -4.74
N PHE D 507 23.16 -16.57 -5.10
CA PHE D 507 22.11 -17.28 -5.80
C PHE D 507 20.98 -17.71 -4.89
N VAL D 508 21.24 -17.97 -3.61
CA VAL D 508 20.15 -18.24 -2.68
C VAL D 508 19.28 -17.01 -2.50
N MET D 509 19.89 -15.82 -2.41
CA MET D 509 19.10 -14.61 -2.34
C MET D 509 18.24 -14.42 -3.58
N MET D 510 18.82 -14.64 -4.76
CA MET D 510 18.07 -14.52 -6.00
C MET D 510 16.88 -15.48 -6.03
N PHE D 511 17.11 -16.75 -5.69
CA PHE D 511 16.05 -17.75 -5.71
C PHE D 511 14.98 -17.48 -4.65
N THR D 512 15.36 -16.98 -3.48
CA THR D 512 14.39 -16.64 -2.44
C THR D 512 13.49 -15.49 -2.88
N LEU D 513 14.09 -14.44 -3.44
CA LEU D 513 13.31 -13.34 -3.98
C LEU D 513 12.35 -13.81 -5.07
N MET D 514 12.83 -14.68 -5.95
CA MET D 514 11.99 -15.27 -6.99
C MET D 514 10.80 -16.01 -6.40
N MET D 515 11.05 -16.84 -5.39
CA MET D 515 9.99 -17.63 -4.77
C MET D 515 8.95 -16.76 -4.08
N VAL D 516 9.37 -15.72 -3.37
CA VAL D 516 8.39 -14.86 -2.71
C VAL D 516 7.57 -14.08 -3.73
N ALA D 517 8.19 -13.67 -4.84
CA ALA D 517 7.41 -13.05 -5.91
C ALA D 517 6.37 -14.00 -6.47
N TYR D 518 6.77 -15.25 -6.75
CA TYR D 518 5.84 -16.23 -7.31
C TYR D 518 4.72 -16.54 -6.34
N SER D 519 5.03 -16.62 -5.04
CA SER D 519 4.03 -16.95 -4.05
C SER D 519 3.01 -15.82 -3.88
N ALA D 520 3.48 -14.58 -3.82
CA ALA D 520 2.54 -13.46 -3.74
C ALA D 520 1.69 -13.37 -4.99
N SER D 521 2.27 -13.66 -6.16
CA SER D 521 1.49 -13.61 -7.39
C SER D 521 0.44 -14.71 -7.44
N SER D 522 0.78 -15.93 -7.02
CA SER D 522 -0.20 -17.02 -6.99
C SER D 522 -1.33 -16.71 -6.02
N MET D 523 -1.01 -16.07 -4.90
CA MET D 523 -2.08 -15.68 -3.98
C MET D 523 -2.99 -14.63 -4.61
N ALA D 524 -2.40 -13.64 -5.28
CA ALA D 524 -3.20 -12.64 -5.97
C ALA D 524 -4.11 -13.27 -7.03
N LEU D 525 -3.60 -14.26 -7.77
CA LEU D 525 -4.43 -14.96 -8.73
C LEU D 525 -5.57 -15.71 -8.06
N ALA D 526 -5.26 -16.48 -7.01
CA ALA D 526 -6.30 -17.20 -6.30
C ALA D 526 -7.38 -16.28 -5.76
N ILE D 527 -6.99 -15.08 -5.35
CA ILE D 527 -7.97 -14.13 -4.84
C ILE D 527 -8.79 -13.53 -5.97
N ALA D 528 -8.16 -13.18 -7.10
CA ALA D 528 -8.83 -12.44 -8.15
C ALA D 528 -9.29 -13.28 -9.33
N ALA D 529 -9.14 -14.61 -9.28
CA ALA D 529 -9.57 -15.44 -10.40
C ALA D 529 -11.09 -15.56 -10.40
N GLY D 530 -11.70 -15.21 -11.53
CA GLY D 530 -13.13 -15.28 -11.68
C GLY D 530 -13.85 -13.97 -11.46
N GLN D 531 -13.23 -13.03 -10.74
CA GLN D 531 -13.85 -11.74 -10.49
C GLN D 531 -13.83 -10.88 -11.75
N SER D 532 -14.47 -9.72 -11.66
CA SER D 532 -14.53 -8.77 -12.76
C SER D 532 -14.18 -7.35 -12.37
N VAL D 533 -14.01 -7.05 -11.08
CA VAL D 533 -13.62 -5.72 -10.62
C VAL D 533 -12.31 -5.86 -9.86
N VAL D 534 -11.33 -5.02 -10.22
CA VAL D 534 -10.01 -5.07 -9.62
C VAL D 534 -10.02 -4.51 -8.20
N SER D 535 -10.89 -3.55 -7.91
CA SER D 535 -10.78 -2.75 -6.69
C SER D 535 -10.85 -3.61 -5.44
N VAL D 536 -11.87 -4.47 -5.35
CA VAL D 536 -12.05 -5.29 -4.15
C VAL D 536 -10.91 -6.29 -4.01
N ALA D 537 -10.45 -6.86 -5.12
CA ALA D 537 -9.35 -7.80 -5.07
C ALA D 537 -8.07 -7.12 -4.60
N THR D 538 -7.80 -5.92 -5.11
CA THR D 538 -6.62 -5.18 -4.68
C THR D 538 -6.70 -4.82 -3.21
N LEU D 539 -7.87 -4.39 -2.73
CA LEU D 539 -8.03 -4.05 -1.32
C LEU D 539 -7.80 -5.28 -0.44
N LEU D 540 -8.37 -6.42 -0.82
CA LEU D 540 -8.20 -7.63 -0.02
C LEU D 540 -6.75 -8.10 -0.01
N MET D 541 -6.06 -7.99 -1.16
CA MET D 541 -4.64 -8.33 -1.21
C MET D 541 -3.83 -7.44 -0.27
N THR D 542 -4.07 -6.13 -0.32
CA THR D 542 -3.34 -5.23 0.56
C THR D 542 -3.60 -5.52 2.03
N ILE D 543 -4.85 -5.78 2.40
CA ILE D 543 -5.15 -6.08 3.80
C ILE D 543 -4.45 -7.35 4.25
N CYS D 544 -4.45 -8.38 3.40
CA CYS D 544 -3.80 -9.62 3.77
C CYS D 544 -2.30 -9.44 3.89
N PHE D 545 -1.71 -8.66 2.99
CA PHE D 545 -0.27 -8.43 3.04
C PHE D 545 0.11 -7.62 4.27
N VAL D 546 -0.74 -6.66 4.65
CA VAL D 546 -0.46 -5.85 5.83
C VAL D 546 -0.46 -6.73 7.07
N PHE D 547 -1.37 -7.68 7.15
CA PHE D 547 -1.37 -8.58 8.31
C PHE D 547 -0.19 -9.54 8.26
N MET D 548 0.08 -10.13 7.10
CA MET D 548 1.24 -11.00 6.97
C MET D 548 2.54 -10.28 7.31
N MET D 549 2.57 -8.95 7.16
CA MET D 549 3.78 -8.18 7.45
C MET D 549 4.03 -8.09 8.95
N ILE D 550 2.98 -7.99 9.74
CA ILE D 550 3.13 -7.92 11.19
C ILE D 550 3.74 -9.22 11.72
N PHE D 551 3.40 -10.34 11.11
CA PHE D 551 3.91 -11.64 11.54
C PHE D 551 5.16 -12.07 10.78
N SER D 552 5.95 -11.13 10.27
CA SER D 552 7.10 -11.51 9.48
C SER D 552 8.38 -11.58 10.29
N GLY D 553 8.43 -10.94 11.45
CA GLY D 553 9.55 -11.06 12.36
C GLY D 553 10.35 -9.80 12.59
N LEU D 554 9.97 -8.66 12.01
CA LEU D 554 10.67 -7.42 12.30
C LEU D 554 9.91 -6.53 13.27
N LEU D 555 8.61 -6.34 13.06
CA LEU D 555 7.86 -5.41 13.89
C LEU D 555 7.54 -5.99 15.25
N VAL D 556 7.27 -7.29 15.34
CA VAL D 556 7.05 -7.95 16.61
C VAL D 556 7.92 -9.19 16.65
N ASN D 557 8.52 -9.45 17.81
CA ASN D 557 9.32 -10.65 17.96
C ASN D 557 8.39 -11.84 18.04
N LEU D 558 8.62 -12.83 17.17
CA LEU D 558 7.67 -13.93 17.01
C LEU D 558 7.72 -14.91 18.17
N THR D 559 8.76 -14.87 18.99
CA THR D 559 8.83 -15.75 20.16
C THR D 559 8.01 -15.22 21.32
N THR D 560 7.49 -14.00 21.24
CA THR D 560 6.80 -13.37 22.35
C THR D 560 5.28 -13.36 22.19
N ILE D 561 4.75 -13.82 21.06
CA ILE D 561 3.30 -13.81 20.88
C ILE D 561 2.67 -14.95 21.65
N ALA D 562 1.45 -14.74 22.12
CA ALA D 562 0.73 -15.73 22.90
C ALA D 562 0.42 -16.96 22.07
N SER D 563 0.33 -18.11 22.74
CA SER D 563 0.19 -19.38 22.05
C SER D 563 -1.14 -19.47 21.30
N TRP D 564 -2.20 -18.88 21.85
CA TRP D 564 -3.48 -18.93 21.13
C TRP D 564 -3.48 -18.06 19.90
N LEU D 565 -2.38 -17.36 19.63
CA LEU D 565 -2.27 -16.45 18.49
C LEU D 565 -1.03 -16.67 17.65
N SER D 566 0.01 -17.34 18.18
CA SER D 566 1.26 -17.54 17.47
C SER D 566 1.12 -18.35 16.19
N TRP D 567 0.11 -19.19 16.06
CA TRP D 567 0.00 -20.09 14.92
C TRP D 567 -0.30 -19.36 13.61
N LEU D 568 -0.70 -18.09 13.68
CA LEU D 568 -0.95 -17.32 12.47
C LEU D 568 0.32 -17.01 11.69
N GLN D 569 1.49 -17.08 12.32
CA GLN D 569 2.73 -16.81 11.60
C GLN D 569 2.99 -17.79 10.47
N TYR D 570 2.37 -18.96 10.50
CA TYR D 570 2.56 -19.93 9.44
C TYR D 570 1.78 -19.59 8.18
N PHE D 571 1.04 -18.49 8.19
CA PHE D 571 0.31 -18.01 7.02
C PHE D 571 0.92 -16.73 6.47
N SER D 572 2.25 -16.60 6.52
CA SER D 572 2.92 -15.36 6.11
C SER D 572 3.98 -15.68 5.08
N ILE D 573 3.77 -15.20 3.86
CA ILE D 573 4.75 -15.28 2.77
C ILE D 573 5.95 -14.39 3.10
N PRO D 574 5.74 -13.14 3.54
CA PRO D 574 6.90 -12.34 3.96
C PRO D 574 7.72 -12.97 5.05
N ARG D 575 7.11 -13.76 5.94
CA ARG D 575 7.88 -14.41 6.99
C ARG D 575 8.87 -15.42 6.44
N TYR D 576 8.43 -16.29 5.53
CA TYR D 576 9.35 -17.25 4.95
C TYR D 576 10.41 -16.57 4.10
N GLY D 577 10.03 -15.58 3.30
CA GLY D 577 11.04 -14.85 2.54
C GLY D 577 12.09 -14.20 3.41
N PHE D 578 11.63 -13.45 4.42
CA PHE D 578 12.52 -12.74 5.34
C PHE D 578 13.38 -13.69 6.16
N THR D 579 12.82 -14.81 6.60
CA THR D 579 13.58 -15.77 7.36
C THR D 579 14.69 -16.40 6.52
N ALA D 580 14.38 -16.76 5.27
CA ALA D 580 15.43 -17.30 4.40
C ALA D 580 16.50 -16.25 4.11
N LEU D 581 16.11 -15.02 3.83
CA LEU D 581 17.12 -13.99 3.58
C LEU D 581 18.00 -13.73 4.80
N GLN D 582 17.41 -13.66 5.99
CA GLN D 582 18.18 -13.45 7.20
C GLN D 582 19.11 -14.62 7.48
N HIS D 583 18.61 -15.85 7.35
CA HIS D 583 19.45 -17.02 7.52
C HIS D 583 20.65 -16.97 6.58
N ASN D 584 20.40 -16.62 5.32
CA ASN D 584 21.45 -16.58 4.32
C ASN D 584 22.48 -15.49 4.61
N GLU D 585 22.06 -14.37 5.19
CA GLU D 585 22.96 -13.23 5.38
C GLU D 585 23.75 -13.26 6.69
N PHE D 586 23.10 -13.56 7.81
CA PHE D 586 23.65 -13.28 9.12
C PHE D 586 24.56 -14.37 9.68
N LEU D 587 24.80 -15.47 8.97
CA LEU D 587 25.37 -16.65 9.61
C LEU D 587 26.76 -16.39 10.19
N GLY D 588 27.72 -16.00 9.36
CA GLY D 588 29.07 -15.90 9.88
C GLY D 588 29.54 -14.52 10.31
N GLN D 589 28.63 -13.65 10.74
CA GLN D 589 28.92 -12.24 10.93
C GLN D 589 29.22 -11.90 12.39
N ASN D 590 30.13 -10.95 12.56
CA ASN D 590 30.40 -10.30 13.85
C ASN D 590 29.94 -8.84 13.79
N PHE D 591 29.47 -8.33 14.92
CA PHE D 591 28.92 -6.98 14.97
C PHE D 591 29.42 -6.13 16.13
N CYS D 592 30.40 -6.60 16.88
CA CYS D 592 31.03 -5.80 17.94
C CYS D 592 32.52 -5.69 17.68
N PRO D 593 33.01 -4.58 17.16
CA PRO D 593 34.43 -4.48 16.82
C PRO D 593 35.32 -4.49 18.05
N GLY D 594 36.36 -5.31 18.00
CA GLY D 594 37.26 -5.46 19.11
C GLY D 594 36.90 -6.55 20.09
N LEU D 595 35.76 -7.21 19.89
CA LEU D 595 35.31 -8.24 20.82
C LEU D 595 35.08 -9.57 20.12
N ASN D 596 35.77 -10.61 20.57
CA ASN D 596 35.63 -11.97 20.02
C ASN D 596 34.45 -12.67 20.68
N ALA D 597 33.26 -12.25 20.27
CA ALA D 597 32.03 -12.83 20.80
C ALA D 597 31.88 -14.29 20.42
N THR D 598 32.35 -14.66 19.22
CA THR D 598 32.17 -16.03 18.75
C THR D 598 32.81 -17.03 19.70
N GLY D 599 33.92 -16.66 20.33
CA GLY D 599 34.48 -17.53 21.34
C GLY D 599 33.57 -17.59 22.55
N ASN D 600 33.41 -16.46 23.23
CA ASN D 600 32.58 -16.39 24.43
C ASN D 600 31.86 -15.05 24.49
N ASN D 601 30.80 -15.02 25.30
CA ASN D 601 30.03 -13.81 25.56
C ASN D 601 30.54 -13.12 26.84
N PRO D 602 31.28 -12.02 26.70
CA PRO D 602 31.76 -11.30 27.89
C PRO D 602 30.59 -10.88 28.75
N CYS D 603 29.70 -10.05 28.19
CA CYS D 603 28.52 -9.59 28.90
C CYS D 603 27.25 -10.04 28.19
N ASN D 604 26.42 -10.71 28.98
CA ASN D 604 25.15 -11.38 28.68
C ASN D 604 24.20 -10.73 27.69
N TYR D 605 24.26 -9.41 27.47
CA TYR D 605 23.26 -8.77 26.61
C TYR D 605 23.88 -8.00 25.45
N ALA D 606 24.88 -8.55 24.77
CA ALA D 606 25.53 -7.75 23.74
C ALA D 606 25.02 -7.96 22.32
N THR D 607 24.50 -9.14 21.96
CA THR D 607 24.08 -9.44 20.58
C THR D 607 25.19 -9.10 19.58
N CYS D 608 26.36 -9.68 19.81
CA CYS D 608 27.51 -9.40 18.97
C CYS D 608 27.70 -10.30 17.75
N THR D 609 26.92 -11.35 17.57
CA THR D 609 27.12 -12.28 16.47
C THR D 609 25.80 -12.52 15.76
N GLY D 610 25.88 -12.89 14.48
CA GLY D 610 24.68 -13.14 13.71
C GLY D 610 23.91 -14.37 14.15
N GLU D 611 24.60 -15.38 14.69
CA GLU D 611 23.91 -16.52 15.28
C GLU D 611 23.05 -16.13 16.47
N GLU D 612 23.55 -15.25 17.33
CA GLU D 612 22.76 -14.77 18.46
C GLU D 612 21.54 -14.03 17.99
N TYR D 613 21.71 -13.15 17.01
CA TYR D 613 20.58 -12.41 16.47
C TYR D 613 19.56 -13.36 15.85
N LEU D 614 20.02 -14.38 15.12
CA LEU D 614 19.08 -15.31 14.49
C LEU D 614 18.32 -16.13 15.50
N VAL D 615 18.99 -16.62 16.54
CA VAL D 615 18.29 -17.41 17.55
C VAL D 615 17.36 -16.54 18.38
N LYS D 616 17.76 -15.28 18.62
CA LYS D 616 16.91 -14.37 19.37
C LYS D 616 15.62 -14.06 18.63
N GLN D 617 15.59 -14.23 17.32
CA GLN D 617 14.40 -14.01 16.52
C GLN D 617 13.59 -15.27 16.33
N GLY D 618 14.08 -16.42 16.79
CA GLY D 618 13.38 -17.68 16.65
C GLY D 618 13.73 -18.47 15.42
N ILE D 619 14.88 -18.23 14.81
CA ILE D 619 15.27 -18.84 13.56
C ILE D 619 16.17 -20.03 13.83
N ASP D 620 16.02 -21.08 13.03
CA ASP D 620 16.79 -22.31 13.16
C ASP D 620 18.14 -22.18 12.45
N LEU D 621 19.21 -22.57 13.14
CA LEU D 621 20.57 -22.40 12.65
C LEU D 621 21.02 -23.50 11.69
N SER D 622 20.24 -24.53 11.50
CA SER D 622 20.61 -25.65 10.64
C SER D 622 20.24 -25.36 9.20
N PRO D 623 20.87 -26.05 8.24
CA PRO D 623 20.49 -25.83 6.83
C PRO D 623 19.04 -26.13 6.55
N TRP D 624 18.41 -27.00 7.33
CA TRP D 624 16.96 -27.18 7.20
C TRP D 624 16.20 -25.93 7.62
N GLY D 625 16.77 -25.14 8.52
CA GLY D 625 16.15 -23.88 8.90
C GLY D 625 16.17 -22.85 7.79
N LEU D 626 16.85 -23.14 6.69
CA LEU D 626 16.85 -22.32 5.48
C LEU D 626 15.87 -22.81 4.43
N TRP D 627 15.92 -24.11 4.10
CA TRP D 627 15.10 -24.65 3.02
C TRP D 627 13.69 -25.03 3.44
N LYS D 628 13.43 -25.12 4.74
CA LYS D 628 12.07 -25.24 5.22
C LYS D 628 11.20 -24.10 4.67
N ASN D 629 11.78 -22.90 4.58
CA ASN D 629 11.05 -21.75 4.05
C ASN D 629 10.74 -21.91 2.57
N HIS D 630 11.67 -22.47 1.80
CA HIS D 630 11.43 -22.66 0.38
C HIS D 630 10.43 -23.78 0.11
N VAL D 631 10.44 -24.84 0.90
CA VAL D 631 9.38 -25.83 0.70
C VAL D 631 8.02 -25.29 1.12
N ALA D 632 7.97 -24.44 2.16
CA ALA D 632 6.68 -23.80 2.49
C ALA D 632 6.21 -22.84 1.42
N LEU D 633 7.13 -22.17 0.72
CA LEU D 633 6.73 -21.29 -0.37
C LEU D 633 6.30 -22.07 -1.59
N ALA D 634 6.94 -23.21 -1.88
CA ALA D 634 6.53 -24.02 -3.01
C ALA D 634 5.15 -24.64 -2.77
N CYS D 635 4.91 -25.12 -1.56
CA CYS D 635 3.57 -25.63 -1.22
C CYS D 635 2.51 -24.54 -1.34
N MET D 636 2.83 -23.32 -0.89
CA MET D 636 1.89 -22.22 -1.07
C MET D 636 1.61 -21.96 -2.55
N ILE D 637 2.64 -21.98 -3.39
CA ILE D 637 2.45 -21.77 -4.82
C ILE D 637 1.50 -22.83 -5.39
N VAL D 638 1.72 -24.09 -5.05
CA VAL D 638 0.89 -25.17 -5.59
C VAL D 638 -0.57 -25.01 -5.13
N ILE D 639 -0.77 -24.73 -3.85
CA ILE D 639 -2.13 -24.60 -3.31
C ILE D 639 -2.85 -23.43 -3.97
N PHE D 640 -2.18 -22.29 -4.11
CA PHE D 640 -2.84 -21.12 -4.66
C PHE D 640 -3.12 -21.27 -6.16
N LEU D 641 -2.21 -21.90 -6.91
CA LEU D 641 -2.51 -22.12 -8.31
C LEU D 641 -3.56 -23.20 -8.54
N THR D 642 -3.78 -24.06 -7.55
CA THR D 642 -4.89 -24.99 -7.67
C THR D 642 -6.20 -24.31 -7.34
N ILE D 643 -6.20 -23.43 -6.33
CA ILE D 643 -7.40 -22.65 -6.05
C ILE D 643 -7.77 -21.78 -7.23
N ALA D 644 -6.79 -21.16 -7.90
CA ALA D 644 -7.09 -20.33 -9.06
C ALA D 644 -7.61 -21.16 -10.24
N TYR D 645 -7.14 -22.40 -10.38
CA TYR D 645 -7.66 -23.19 -11.48
C TYR D 645 -9.05 -23.73 -11.16
N LEU D 646 -9.33 -24.06 -9.91
CA LEU D 646 -10.67 -24.50 -9.54
C LEU D 646 -11.65 -23.33 -9.53
N LYS D 647 -11.18 -22.10 -9.35
CA LYS D 647 -12.06 -20.95 -9.47
C LYS D 647 -12.35 -20.59 -10.92
N LEU D 648 -11.47 -20.97 -11.84
CA LEU D 648 -11.80 -20.78 -13.25
C LEU D 648 -12.62 -21.92 -13.82
N LEU D 649 -12.43 -23.14 -13.31
CA LEU D 649 -13.20 -24.28 -13.80
C LEU D 649 -14.66 -24.20 -13.39
N PHE D 650 -14.94 -23.78 -12.14
CA PHE D 650 -16.29 -23.69 -11.61
C PHE D 650 -16.92 -22.32 -11.79
N LEU D 651 -16.33 -21.46 -12.62
CA LEU D 651 -16.93 -20.17 -12.93
C LEU D 651 -18.11 -20.37 -13.86
N LYS D 652 -19.12 -19.51 -13.72
CA LYS D 652 -20.29 -19.61 -14.58
C LYS D 652 -19.95 -19.02 -15.94
N LYS D 653 -20.05 -19.84 -16.98
CA LYS D 653 -19.79 -19.39 -18.33
C LYS D 653 -21.03 -18.88 -19.05
N TYR D 654 -22.21 -19.10 -18.48
CA TYR D 654 -23.45 -18.72 -19.12
C TYR D 654 -23.89 -17.33 -18.68
N ALA E 35 -37.23 37.71 -22.92
CA ALA E 35 -35.81 37.87 -23.21
C ALA E 35 -35.49 37.45 -24.63
N VAL E 36 -34.51 38.11 -25.24
CA VAL E 36 -34.08 37.80 -26.60
C VAL E 36 -32.55 37.79 -26.63
N LEU E 37 -31.97 36.62 -26.85
CA LEU E 37 -30.52 36.47 -26.85
C LEU E 37 -30.05 36.42 -28.30
N SER E 38 -29.27 37.42 -28.70
CA SER E 38 -28.85 37.55 -30.09
C SER E 38 -27.33 37.48 -30.16
N PHE E 39 -26.83 36.60 -31.02
CA PHE E 39 -25.41 36.42 -31.24
C PHE E 39 -25.08 36.81 -32.68
N HIS E 40 -24.04 37.62 -32.85
CA HIS E 40 -23.70 38.20 -34.14
C HIS E 40 -22.24 37.95 -34.48
N ASN E 41 -21.99 37.21 -35.55
CA ASN E 41 -20.63 36.99 -36.06
C ASN E 41 -19.72 36.47 -34.95
N ILE E 42 -20.17 35.42 -34.28
CA ILE E 42 -19.44 34.79 -33.19
C ILE E 42 -18.33 33.93 -33.77
N CYS E 43 -17.10 34.17 -33.32
CA CYS E 43 -15.94 33.38 -33.74
C CYS E 43 -15.15 33.01 -32.49
N TYR E 44 -15.40 31.84 -31.92
CA TYR E 44 -14.60 31.39 -30.79
C TYR E 44 -13.42 30.58 -31.32
N ARG E 45 -12.24 30.88 -30.80
CA ARG E 45 -11.01 30.15 -31.12
C ARG E 45 -10.37 29.68 -29.83
N VAL E 46 -9.77 28.50 -29.86
CA VAL E 46 -9.16 27.95 -28.65
C VAL E 46 -7.69 28.33 -28.61
N LYS E 61 -6.31 27.05 -33.47
CA LYS E 61 -7.43 26.15 -33.74
C LYS E 61 -8.75 26.86 -33.47
N GLU E 62 -9.74 26.62 -34.34
CA GLU E 62 -11.04 27.25 -34.23
C GLU E 62 -12.12 26.20 -34.08
N ILE E 63 -13.15 26.53 -33.30
CA ILE E 63 -14.29 25.64 -33.11
C ILE E 63 -15.57 26.19 -33.73
N LEU E 64 -15.78 27.50 -33.74
CA LEU E 64 -16.95 28.12 -34.36
C LEU E 64 -16.50 29.13 -35.39
N SER E 65 -16.97 28.95 -36.63
CA SER E 65 -16.51 29.76 -37.76
C SER E 65 -17.22 31.12 -37.82
N ASN E 66 -18.54 31.10 -38.04
CA ASN E 66 -19.32 32.34 -38.08
C ASN E 66 -20.78 31.98 -37.84
N ILE E 67 -21.29 32.32 -36.66
CA ILE E 67 -22.63 31.94 -36.24
C ILE E 67 -23.43 33.19 -35.90
N ASN E 68 -24.64 33.28 -36.46
CA ASN E 68 -25.55 34.40 -36.24
C ASN E 68 -26.94 33.86 -35.97
N GLY E 69 -27.68 34.57 -35.13
CA GLY E 69 -29.06 34.18 -34.88
C GLY E 69 -29.62 34.89 -33.67
N ILE E 70 -30.90 34.64 -33.43
CA ILE E 70 -31.62 35.21 -32.30
C ILE E 70 -32.55 34.16 -31.73
N MET E 71 -32.71 34.19 -30.41
CA MET E 71 -33.59 33.27 -29.71
C MET E 71 -34.57 34.05 -28.85
N LYS E 72 -35.86 33.91 -29.13
CA LYS E 72 -36.92 34.62 -28.45
C LYS E 72 -37.61 33.66 -27.48
N PRO E 73 -38.56 34.16 -26.67
CA PRO E 73 -39.27 33.24 -25.76
C PRO E 73 -39.81 32.01 -26.47
N GLY E 74 -39.55 30.86 -25.88
CA GLY E 74 -39.98 29.60 -26.48
C GLY E 74 -39.00 28.47 -26.26
N LEU E 75 -38.96 27.54 -27.21
CA LEU E 75 -38.15 26.32 -27.13
C LEU E 75 -37.14 26.34 -28.28
N ASN E 76 -35.89 26.66 -27.97
CA ASN E 76 -34.83 26.81 -28.97
C ASN E 76 -33.85 25.65 -28.85
N ALA E 77 -33.79 24.82 -29.89
CA ALA E 77 -32.94 23.64 -29.89
C ALA E 77 -31.72 23.87 -30.76
N ILE E 78 -30.58 23.34 -30.32
CA ILE E 78 -29.34 23.43 -31.08
C ILE E 78 -28.94 22.01 -31.45
N LEU E 79 -29.15 21.62 -32.70
CA LEU E 79 -28.91 20.25 -33.15
C LEU E 79 -27.67 20.19 -34.04
N GLY E 80 -27.28 18.97 -34.37
CA GLY E 80 -26.12 18.73 -35.19
C GLY E 80 -25.37 17.50 -34.71
N PRO E 81 -24.28 17.15 -35.39
CA PRO E 81 -23.47 16.02 -34.94
C PRO E 81 -22.67 16.37 -33.69
N THR E 82 -21.90 15.42 -33.18
CA THR E 82 -21.15 15.65 -31.95
C THR E 82 -19.94 16.56 -32.18
N GLY E 83 -19.39 16.54 -33.39
CA GLY E 83 -18.22 17.37 -33.66
C GLY E 83 -18.54 18.83 -33.79
N GLY E 84 -19.67 19.16 -34.42
CA GLY E 84 -20.02 20.55 -34.64
C GLY E 84 -20.19 21.31 -33.34
N GLY E 85 -20.37 22.61 -33.47
CA GLY E 85 -20.47 23.47 -32.31
C GLY E 85 -21.80 23.39 -31.60
N LYS E 86 -22.30 22.18 -31.36
CA LYS E 86 -23.56 22.03 -30.66
C LYS E 86 -23.41 22.35 -29.17
N SER E 87 -22.40 21.79 -28.51
CA SER E 87 -22.15 22.12 -27.12
C SER E 87 -21.22 23.31 -26.93
N SER E 88 -20.61 23.82 -28.00
CA SER E 88 -19.74 24.99 -27.87
C SER E 88 -20.56 26.27 -27.89
N LEU E 89 -21.52 26.34 -28.80
CA LEU E 89 -22.38 27.52 -28.89
C LEU E 89 -23.21 27.67 -27.63
N LEU E 90 -23.54 26.55 -26.97
CA LEU E 90 -24.33 26.63 -25.74
C LEU E 90 -23.53 27.27 -24.62
N ASP E 91 -22.24 26.94 -24.51
CA ASP E 91 -21.41 27.57 -23.49
C ASP E 91 -21.08 29.01 -23.84
N VAL E 92 -20.85 29.29 -25.13
CA VAL E 92 -20.62 30.68 -25.53
C VAL E 92 -21.85 31.52 -25.19
N LEU E 93 -23.04 31.00 -25.49
CA LEU E 93 -24.26 31.74 -25.23
C LEU E 93 -24.52 31.89 -23.73
N ALA E 94 -24.02 30.97 -22.91
CA ALA E 94 -24.29 30.96 -21.48
C ALA E 94 -23.17 31.57 -20.65
N ALA E 95 -22.18 32.19 -21.29
CA ALA E 95 -21.06 32.82 -20.61
C ALA E 95 -20.24 31.82 -19.80
N ARG E 96 -20.28 30.55 -20.21
CA ARG E 96 -19.53 29.49 -19.54
C ARG E 96 -18.26 29.12 -20.31
N LYS E 97 -17.71 30.07 -21.08
CA LYS E 97 -16.45 29.87 -21.77
C LYS E 97 -15.61 31.13 -21.61
N ASP E 98 -14.31 30.97 -21.82
CA ASP E 98 -13.38 32.08 -21.65
C ASP E 98 -13.58 33.15 -22.71
N PRO E 99 -13.82 34.41 -22.32
CA PRO E 99 -14.00 35.46 -23.33
C PRO E 99 -12.73 35.82 -24.08
N SER E 100 -11.60 35.16 -23.79
CA SER E 100 -10.37 35.46 -24.50
C SER E 100 -10.46 35.02 -25.95
N GLY E 101 -11.12 33.89 -26.20
CA GLY E 101 -11.21 33.33 -27.54
C GLY E 101 -12.37 33.86 -28.35
N LEU E 102 -13.28 34.60 -27.71
CA LEU E 102 -14.49 35.06 -28.36
C LEU E 102 -14.20 36.26 -29.25
N SER E 103 -14.90 36.33 -30.37
CA SER E 103 -14.73 37.42 -31.33
C SER E 103 -15.98 38.28 -31.46
N GLY E 104 -17.13 37.68 -31.73
CA GLY E 104 -18.33 38.43 -31.99
C GLY E 104 -18.98 38.96 -30.71
N ASP E 105 -20.19 39.46 -30.86
CA ASP E 105 -20.95 40.05 -29.77
C ASP E 105 -22.23 39.27 -29.50
N VAL E 106 -22.50 39.03 -28.21
CA VAL E 106 -23.75 38.43 -27.74
C VAL E 106 -24.49 39.50 -26.96
N LEU E 107 -25.77 39.69 -27.27
CA LEU E 107 -26.55 40.82 -26.77
C LEU E 107 -27.87 40.33 -26.18
N ILE E 108 -28.39 41.07 -25.23
CA ILE E 108 -29.67 40.78 -24.59
C ILE E 108 -30.52 42.03 -24.60
N ASN E 109 -31.63 42.00 -25.33
CA ASN E 109 -32.55 43.13 -25.46
C ASN E 109 -31.83 44.41 -25.87
N GLY E 110 -30.76 44.26 -26.65
CA GLY E 110 -29.99 45.37 -27.14
C GLY E 110 -28.79 45.74 -26.30
N ALA E 111 -28.73 45.30 -25.04
CA ALA E 111 -27.64 45.62 -24.13
C ALA E 111 -26.72 44.43 -23.93
N PRO E 112 -25.40 44.64 -23.91
CA PRO E 112 -24.46 43.51 -23.78
C PRO E 112 -24.70 42.75 -22.49
N ARG E 113 -24.23 41.51 -22.47
CA ARG E 113 -24.39 40.65 -21.30
C ARG E 113 -23.66 41.27 -20.11
N PRO E 114 -24.37 41.64 -19.05
CA PRO E 114 -23.70 42.26 -17.90
C PRO E 114 -22.90 41.25 -17.11
N ALA E 115 -22.09 41.77 -16.19
CA ALA E 115 -21.33 40.91 -15.29
C ALA E 115 -22.25 40.12 -14.37
N ASN E 116 -23.48 40.60 -14.16
CA ASN E 116 -24.49 39.93 -13.37
C ASN E 116 -25.25 38.88 -14.15
N PHE E 117 -24.74 38.44 -15.30
CA PHE E 117 -25.51 37.57 -16.18
C PHE E 117 -25.66 36.17 -15.60
N LYS E 118 -24.54 35.47 -15.37
CA LYS E 118 -24.60 34.08 -14.95
C LYS E 118 -25.34 33.89 -13.64
N CYS E 119 -25.52 34.94 -12.86
CA CYS E 119 -26.31 34.82 -11.64
C CYS E 119 -27.80 34.92 -11.92
N ASN E 120 -28.18 35.62 -12.99
CA ASN E 120 -29.58 35.80 -13.35
C ASN E 120 -30.07 34.78 -14.38
N SER E 121 -29.20 33.91 -14.86
CA SER E 121 -29.57 32.88 -15.82
C SER E 121 -29.35 31.52 -15.20
N GLY E 122 -30.23 30.57 -15.55
CA GLY E 122 -30.09 29.21 -15.07
C GLY E 122 -29.35 28.37 -16.11
N TYR E 123 -28.54 27.44 -15.63
CA TYR E 123 -27.83 26.53 -16.51
C TYR E 123 -27.86 25.15 -15.89
N VAL E 124 -28.51 24.21 -16.55
CA VAL E 124 -28.64 22.84 -16.06
C VAL E 124 -27.61 21.98 -16.77
N VAL E 125 -26.86 21.20 -16.02
CA VAL E 125 -25.78 20.43 -16.61
C VAL E 125 -26.35 19.14 -17.21
N GLN E 126 -25.57 18.49 -18.07
CA GLN E 126 -25.99 17.24 -18.66
C GLN E 126 -26.14 16.15 -17.60
N ASP E 127 -25.04 15.79 -16.94
CA ASP E 127 -25.16 14.79 -15.91
C ASP E 127 -25.64 15.45 -14.61
N ASP E 128 -25.84 14.63 -13.58
CA ASP E 128 -26.39 15.15 -12.34
C ASP E 128 -25.30 15.78 -11.47
N VAL E 129 -25.64 16.89 -10.83
CA VAL E 129 -24.80 17.49 -9.80
C VAL E 129 -25.62 17.66 -8.53
N VAL E 130 -26.71 16.93 -8.41
CA VAL E 130 -27.50 16.96 -7.19
C VAL E 130 -26.88 16.03 -6.17
N MET E 131 -26.91 16.45 -4.91
CA MET E 131 -26.39 15.61 -3.83
C MET E 131 -27.35 14.46 -3.58
N GLY E 132 -26.96 13.26 -3.97
CA GLY E 132 -27.80 12.10 -3.84
C GLY E 132 -28.09 11.70 -2.41
N THR E 133 -27.38 12.28 -1.45
CA THR E 133 -27.57 12.01 -0.05
C THR E 133 -28.43 13.03 0.68
N LEU E 134 -28.75 14.15 0.03
CA LEU E 134 -29.75 15.07 0.52
C LEU E 134 -31.11 14.63 -0.01
N THR E 135 -32.14 15.43 0.23
CA THR E 135 -33.48 15.14 -0.26
C THR E 135 -33.87 16.21 -1.27
N VAL E 136 -34.97 15.97 -1.98
CA VAL E 136 -35.39 16.91 -3.02
C VAL E 136 -35.69 18.29 -2.44
N ARG E 137 -36.12 18.36 -1.19
CA ARG E 137 -36.34 19.65 -0.54
C ARG E 137 -35.04 20.24 -0.03
N GLU E 138 -34.10 19.39 0.40
CA GLU E 138 -32.86 19.87 0.98
C GLU E 138 -31.94 20.47 -0.07
N ASN E 139 -31.88 19.87 -1.27
CA ASN E 139 -31.09 20.44 -2.35
C ASN E 139 -31.59 21.84 -2.69
N LEU E 140 -32.91 21.99 -2.82
CA LEU E 140 -33.47 23.30 -3.13
C LEU E 140 -33.26 24.29 -2.00
N GLN E 141 -33.26 23.82 -0.75
CA GLN E 141 -32.96 24.73 0.36
C GLN E 141 -31.51 25.22 0.31
N PHE E 142 -30.57 24.32 0.04
CA PHE E 142 -29.18 24.75 -0.10
C PHE E 142 -29.02 25.72 -1.25
N SER E 143 -29.76 25.50 -2.34
CA SER E 143 -29.68 26.41 -3.48
C SER E 143 -30.29 27.77 -3.16
N ALA E 144 -31.43 27.79 -2.47
CA ALA E 144 -32.08 29.05 -2.12
C ALA E 144 -31.28 29.83 -1.07
N ALA E 145 -30.52 29.12 -0.24
CA ALA E 145 -29.74 29.80 0.78
C ALA E 145 -28.62 30.63 0.19
N LEU E 146 -28.08 30.23 -0.97
CA LEU E 146 -26.91 30.88 -1.55
C LEU E 146 -27.20 31.60 -2.86
N ARG E 147 -28.36 31.34 -3.48
CA ARG E 147 -28.72 31.98 -4.74
C ARG E 147 -29.73 33.10 -4.58
N LEU E 148 -30.42 33.17 -3.45
CA LEU E 148 -31.35 34.26 -3.17
C LEU E 148 -30.70 35.29 -2.26
N ALA E 149 -31.36 36.42 -2.10
CA ALA E 149 -30.84 37.51 -1.29
C ALA E 149 -31.09 37.29 0.19
N THR E 150 -30.18 37.78 1.03
CA THR E 150 -30.33 37.63 2.47
C THR E 150 -31.42 38.54 3.04
N THR E 151 -31.84 39.56 2.29
CA THR E 151 -32.94 40.40 2.73
C THR E 151 -34.21 39.58 2.96
N MET E 152 -34.42 38.57 2.14
CA MET E 152 -35.62 37.74 2.24
C MET E 152 -35.66 36.98 3.56
N THR E 153 -36.84 36.49 3.88
CA THR E 153 -37.11 35.71 5.07
C THR E 153 -36.99 34.21 4.74
N ASN E 154 -36.85 33.39 5.78
CA ASN E 154 -36.94 31.95 5.55
C ASN E 154 -38.34 31.55 5.12
N HIS E 155 -39.35 32.30 5.56
CA HIS E 155 -40.72 32.02 5.12
C HIS E 155 -40.86 32.27 3.63
N GLU E 156 -40.22 33.32 3.13
CA GLU E 156 -40.27 33.63 1.71
C GLU E 156 -39.48 32.61 0.91
N LYS E 157 -38.31 32.19 1.41
CA LYS E 157 -37.55 31.17 0.70
C LYS E 157 -38.31 29.86 0.66
N ASN E 158 -38.93 29.49 1.77
CA ASN E 158 -39.73 28.27 1.81
C ASN E 158 -40.91 28.34 0.85
N GLU E 159 -41.52 29.52 0.69
CA GLU E 159 -42.61 29.61 -0.27
C GLU E 159 -42.09 29.53 -1.71
N ARG E 160 -40.94 30.13 -1.98
CA ARG E 160 -40.32 29.92 -3.30
C ARG E 160 -40.10 28.45 -3.57
N ILE E 161 -39.55 27.73 -2.59
CA ILE E 161 -39.27 26.30 -2.79
C ILE E 161 -40.56 25.52 -2.97
N ASN E 162 -41.62 25.88 -2.22
CA ASN E 162 -42.89 25.19 -2.38
C ASN E 162 -43.48 25.42 -3.76
N ARG E 163 -43.46 26.66 -4.24
CA ARG E 163 -43.96 26.95 -5.58
C ARG E 163 -43.15 26.20 -6.64
N VAL E 164 -41.84 26.13 -6.48
CA VAL E 164 -41.00 25.43 -7.45
C VAL E 164 -41.26 23.92 -7.42
N ILE E 165 -41.41 23.35 -6.23
CA ILE E 165 -41.72 21.93 -6.11
C ILE E 165 -43.07 21.63 -6.75
N GLN E 166 -44.04 22.51 -6.56
CA GLN E 166 -45.36 22.28 -7.13
C GLN E 166 -45.34 22.37 -8.65
N GLU E 167 -44.66 23.37 -9.20
CA GLU E 167 -44.64 23.55 -10.65
C GLU E 167 -43.94 22.39 -11.36
N LEU E 168 -42.90 21.81 -10.75
CA LEU E 168 -42.23 20.69 -11.39
C LEU E 168 -43.00 19.38 -11.24
N GLY E 169 -43.82 19.26 -10.20
CA GLY E 169 -44.48 17.99 -9.92
C GLY E 169 -43.66 17.06 -9.05
N LEU E 170 -42.96 17.62 -8.06
CA LEU E 170 -42.13 16.85 -7.14
C LEU E 170 -42.70 16.80 -5.74
N ASP E 171 -44.03 16.77 -5.60
CA ASP E 171 -44.65 16.83 -4.28
C ASP E 171 -44.48 15.52 -3.52
N LYS E 172 -44.81 14.40 -4.15
CA LYS E 172 -44.75 13.10 -3.47
C LYS E 172 -43.34 12.59 -3.26
N VAL E 173 -42.32 13.30 -3.74
CA VAL E 173 -40.95 12.84 -3.55
C VAL E 173 -40.12 13.97 -2.94
N ALA E 174 -40.79 15.07 -2.57
CA ALA E 174 -40.09 16.24 -2.06
C ALA E 174 -39.29 15.95 -0.81
N ASP E 175 -39.55 14.84 -0.13
CA ASP E 175 -38.86 14.54 1.11
C ASP E 175 -38.22 13.15 1.06
N SER E 176 -37.87 12.71 -0.14
CA SER E 176 -37.16 11.46 -0.37
C SER E 176 -35.75 11.75 -0.85
N LYS E 177 -34.81 10.87 -0.51
CA LYS E 177 -33.43 11.05 -0.90
C LYS E 177 -33.25 10.83 -2.40
N VAL E 178 -32.46 11.69 -3.02
CA VAL E 178 -32.23 11.62 -4.47
C VAL E 178 -31.56 10.30 -4.83
N GLY E 179 -30.69 9.79 -3.98
CA GLY E 179 -30.13 8.46 -4.17
C GLY E 179 -28.67 8.42 -4.54
N THR E 180 -27.94 7.52 -3.88
CA THR E 180 -26.52 7.31 -4.14
C THR E 180 -26.27 5.83 -4.35
N GLN E 181 -25.01 5.40 -4.31
CA GLN E 181 -24.70 3.98 -4.42
C GLN E 181 -25.39 3.20 -3.31
N PHE E 182 -25.09 3.54 -2.06
CA PHE E 182 -25.64 2.78 -0.94
C PHE E 182 -27.12 3.07 -0.71
N ILE E 183 -27.59 4.27 -1.07
CA ILE E 183 -28.97 4.68 -0.78
C ILE E 183 -29.79 4.54 -2.04
N ARG E 184 -30.91 3.84 -1.92
CA ARG E 184 -31.93 3.83 -2.95
C ARG E 184 -32.58 5.19 -3.09
N GLY E 185 -32.75 5.65 -4.33
CA GLY E 185 -33.27 6.97 -4.56
C GLY E 185 -34.36 7.05 -5.60
N VAL E 186 -34.73 8.27 -5.97
CA VAL E 186 -35.79 8.51 -6.95
C VAL E 186 -35.31 8.02 -8.32
N SER E 187 -36.24 7.87 -9.26
CA SER E 187 -35.87 7.47 -10.60
C SER E 187 -34.98 8.55 -11.24
N GLY E 188 -34.25 8.15 -12.27
CA GLY E 188 -33.43 9.12 -12.97
C GLY E 188 -34.21 10.19 -13.69
N GLY E 189 -35.52 10.01 -13.84
CA GLY E 189 -36.34 11.01 -14.50
C GLY E 189 -36.71 12.18 -13.61
N GLU E 190 -36.72 11.97 -12.31
CA GLU E 190 -37.05 13.04 -11.38
C GLU E 190 -35.82 13.65 -10.73
N ARG E 191 -34.66 13.00 -10.84
CA ARG E 191 -33.41 13.67 -10.53
C ARG E 191 -33.16 14.82 -11.48
N LYS E 192 -33.52 14.64 -12.75
CA LYS E 192 -33.38 15.72 -13.71
C LYS E 192 -34.30 16.88 -13.36
N ARG E 193 -35.52 16.58 -12.90
CA ARG E 193 -36.44 17.65 -12.53
C ARG E 193 -35.98 18.34 -11.25
N THR E 194 -35.25 17.61 -10.40
CA THR E 194 -34.65 18.24 -9.23
C THR E 194 -33.54 19.19 -9.65
N SER E 195 -32.68 18.74 -10.57
CA SER E 195 -31.60 19.60 -11.07
C SER E 195 -32.15 20.82 -11.80
N ILE E 196 -33.29 20.68 -12.48
CA ILE E 196 -33.94 21.84 -13.08
C ILE E 196 -34.51 22.77 -12.02
N GLY E 197 -34.97 22.21 -10.90
CA GLY E 197 -35.53 23.05 -9.86
C GLY E 197 -34.49 23.85 -9.09
N MET E 198 -33.26 23.35 -9.02
CA MET E 198 -32.18 24.08 -8.37
C MET E 198 -31.73 25.29 -9.18
N GLU E 199 -32.20 25.44 -10.41
CA GLU E 199 -31.89 26.61 -11.22
C GLU E 199 -33.04 27.61 -11.29
N LEU E 200 -34.28 27.15 -11.11
CA LEU E 200 -35.44 28.03 -11.10
C LEU E 200 -35.67 28.68 -9.75
N ILE E 201 -34.81 28.43 -8.77
CA ILE E 201 -34.95 29.04 -7.45
C ILE E 201 -34.79 30.55 -7.54
N THR E 202 -33.84 31.00 -8.34
CA THR E 202 -33.65 32.43 -8.58
C THR E 202 -34.61 32.96 -9.63
N ASP E 203 -35.43 32.10 -10.23
CA ASP E 203 -36.42 32.40 -11.26
C ASP E 203 -35.83 33.18 -12.42
N PRO E 204 -34.99 32.56 -13.23
CA PRO E 204 -34.32 33.30 -14.30
C PRO E 204 -35.24 33.51 -15.49
N SER E 205 -34.81 34.40 -16.37
CA SER E 205 -35.52 34.65 -17.63
C SER E 205 -34.98 33.82 -18.78
N ILE E 206 -33.74 33.35 -18.68
CA ILE E 206 -33.12 32.53 -19.71
C ILE E 206 -32.60 31.26 -19.05
N LEU E 207 -32.98 30.12 -19.59
CA LEU E 207 -32.63 28.83 -18.99
C LEU E 207 -31.90 28.02 -20.05
N PHE E 208 -30.62 27.73 -19.81
CA PHE E 208 -29.82 26.92 -20.71
C PHE E 208 -29.81 25.48 -20.24
N LEU E 209 -29.87 24.53 -21.19
CA LEU E 209 -29.86 23.11 -20.86
C LEU E 209 -28.86 22.38 -21.73
N ASP E 210 -27.89 21.72 -21.10
CA ASP E 210 -26.91 20.93 -21.83
C ASP E 210 -27.45 19.51 -21.96
N GLU E 211 -28.08 19.20 -23.10
CA GLU E 211 -28.57 17.86 -23.40
C GLU E 211 -29.50 17.35 -22.30
N PRO E 212 -30.70 17.91 -22.15
CA PRO E 212 -31.56 17.51 -21.03
C PRO E 212 -32.07 16.09 -21.10
N THR E 213 -31.92 15.40 -22.22
CA THR E 213 -32.49 14.07 -22.37
C THR E 213 -31.47 12.97 -22.55
N THR E 214 -30.18 13.29 -22.72
CA THR E 214 -29.17 12.27 -22.91
C THR E 214 -28.98 11.47 -21.63
N GLY E 215 -29.23 10.16 -21.71
CA GLY E 215 -29.19 9.26 -20.57
C GLY E 215 -30.57 8.81 -20.11
N LEU E 216 -31.59 9.64 -20.30
CA LEU E 216 -32.94 9.26 -19.96
C LEU E 216 -33.50 8.29 -20.97
N ASP E 217 -34.61 7.64 -20.60
CA ASP E 217 -35.31 6.75 -21.51
C ASP E 217 -36.28 7.56 -22.37
N SER E 218 -36.89 6.88 -23.34
CA SER E 218 -37.78 7.59 -24.28
C SER E 218 -39.00 8.18 -23.58
N SER E 219 -39.67 7.37 -22.76
CA SER E 219 -40.88 7.86 -22.11
C SER E 219 -40.57 8.86 -21.02
N THR E 220 -39.35 8.83 -20.48
CA THR E 220 -38.97 9.83 -19.50
C THR E 220 -38.66 11.14 -20.20
N ALA E 221 -37.87 11.07 -21.26
CA ALA E 221 -37.45 12.25 -22.00
C ALA E 221 -38.64 12.99 -22.58
N ASN E 222 -39.65 12.26 -23.06
CA ASN E 222 -40.83 12.94 -23.60
C ASN E 222 -41.55 13.77 -22.54
N ALA E 223 -41.72 13.21 -21.34
CA ALA E 223 -42.35 13.98 -20.27
C ALA E 223 -41.48 15.16 -19.86
N VAL E 224 -40.17 14.98 -19.87
CA VAL E 224 -39.26 16.07 -19.51
C VAL E 224 -39.41 17.23 -20.48
N LEU E 225 -39.44 16.93 -21.78
CA LEU E 225 -39.59 18.00 -22.75
C LEU E 225 -40.98 18.60 -22.77
N LEU E 226 -42.03 17.82 -22.45
CA LEU E 226 -43.34 18.43 -22.31
C LEU E 226 -43.40 19.36 -21.11
N LEU E 227 -42.66 19.04 -20.05
CA LEU E 227 -42.54 19.96 -18.92
C LEU E 227 -41.80 21.22 -19.32
N LEU E 228 -40.71 21.07 -20.07
CA LEU E 228 -39.95 22.21 -20.53
C LEU E 228 -40.79 23.12 -21.41
N LYS E 229 -41.66 22.52 -22.25
CA LYS E 229 -42.50 23.33 -23.13
C LYS E 229 -43.58 24.06 -22.35
N ARG E 230 -44.21 23.41 -21.37
CA ARG E 230 -45.15 24.14 -20.53
C ARG E 230 -44.47 25.26 -19.77
N MET E 231 -43.21 25.07 -19.36
CA MET E 231 -42.45 26.17 -18.77
C MET E 231 -42.25 27.31 -19.77
N SER E 232 -41.87 26.98 -21.01
CA SER E 232 -41.59 27.99 -22.02
C SER E 232 -42.82 28.78 -22.43
N LYS E 233 -44.00 28.39 -21.98
CA LYS E 233 -45.21 29.13 -22.31
C LYS E 233 -45.44 30.29 -21.34
N GLN E 234 -45.00 30.15 -20.09
CA GLN E 234 -45.12 31.22 -19.12
C GLN E 234 -44.27 32.44 -19.50
N GLY E 235 -43.32 32.27 -20.42
CA GLY E 235 -42.48 33.38 -20.83
C GLY E 235 -40.98 33.25 -20.61
N ARG E 236 -40.50 32.03 -20.40
CA ARG E 236 -39.07 31.79 -20.22
C ARG E 236 -38.44 31.37 -21.55
N THR E 237 -37.23 31.87 -21.80
CA THR E 237 -36.49 31.52 -23.01
C THR E 237 -35.65 30.30 -22.67
N ILE E 238 -35.97 29.16 -23.29
CA ILE E 238 -35.30 27.90 -23.01
C ILE E 238 -34.42 27.55 -24.20
N ILE E 239 -33.15 27.30 -23.94
CA ILE E 239 -32.16 27.06 -24.98
C ILE E 239 -31.41 25.78 -24.63
N PHE E 240 -31.55 24.76 -25.46
CA PHE E 240 -30.93 23.48 -25.17
C PHE E 240 -30.26 22.94 -26.41
N SER E 241 -29.55 21.82 -26.25
CA SER E 241 -28.88 21.12 -27.34
C SER E 241 -29.22 19.65 -27.22
N ILE E 242 -30.04 19.13 -28.15
CA ILE E 242 -30.48 17.74 -28.09
C ILE E 242 -29.56 16.88 -28.93
N HIS E 243 -29.42 15.62 -28.53
CA HIS E 243 -28.73 14.59 -29.30
C HIS E 243 -29.77 13.68 -29.95
N GLN E 244 -29.88 13.77 -31.28
CA GLN E 244 -30.74 12.96 -32.15
C GLN E 244 -32.12 12.73 -31.54
N PRO E 245 -32.99 13.73 -31.54
CA PRO E 245 -34.32 13.57 -30.97
C PRO E 245 -35.23 12.72 -31.83
N ARG E 246 -36.37 12.36 -31.26
CA ARG E 246 -37.44 11.67 -31.95
C ARG E 246 -38.49 12.69 -32.37
N TYR E 247 -39.36 12.28 -33.30
CA TYR E 247 -40.31 13.24 -33.85
C TYR E 247 -41.26 13.79 -32.78
N SER E 248 -41.60 12.97 -31.78
CA SER E 248 -42.43 13.48 -30.69
C SER E 248 -41.72 14.55 -29.89
N ILE E 249 -40.40 14.65 -30.03
CA ILE E 249 -39.62 15.73 -29.44
C ILE E 249 -39.51 16.90 -30.42
N PHE E 250 -39.11 16.60 -31.65
CA PHE E 250 -38.93 17.62 -32.68
C PHE E 250 -40.20 18.43 -32.92
N LYS E 251 -41.37 17.84 -32.68
CA LYS E 251 -42.62 18.55 -32.90
C LYS E 251 -42.89 19.62 -31.86
N LEU E 252 -42.04 19.78 -30.85
CA LEU E 252 -42.25 20.79 -29.82
C LEU E 252 -41.38 22.02 -29.99
N PHE E 253 -40.26 21.89 -30.70
CA PHE E 253 -39.30 22.99 -30.84
C PHE E 253 -39.96 24.20 -31.49
N ASP E 254 -39.48 25.38 -31.12
CA ASP E 254 -39.95 26.63 -31.72
C ASP E 254 -38.91 27.30 -32.59
N SER E 255 -37.64 26.91 -32.48
CA SER E 255 -36.59 27.44 -33.32
C SER E 255 -35.45 26.42 -33.32
N LEU E 256 -34.81 26.27 -34.47
CA LEU E 256 -33.81 25.23 -34.69
C LEU E 256 -32.52 25.88 -35.14
N THR E 257 -31.42 25.48 -34.53
CA THR E 257 -30.10 25.94 -34.94
C THR E 257 -29.25 24.72 -35.20
N LEU E 258 -28.97 24.46 -36.47
CA LEU E 258 -28.20 23.28 -36.87
C LEU E 258 -26.76 23.69 -37.12
N LEU E 259 -25.85 23.02 -36.45
CA LEU E 259 -24.42 23.31 -36.59
C LEU E 259 -23.71 22.03 -36.99
N ALA E 260 -22.69 22.16 -37.83
CA ALA E 260 -21.89 21.00 -38.22
C ALA E 260 -20.47 21.45 -38.54
N SER E 261 -19.51 20.85 -37.86
CA SER E 261 -18.09 21.23 -37.98
C SER E 261 -17.87 22.72 -37.73
N GLY E 262 -18.58 23.26 -36.74
CA GLY E 262 -18.51 24.66 -36.42
C GLY E 262 -19.11 25.57 -37.47
N ARG E 263 -19.84 25.02 -38.42
CA ARG E 263 -20.50 25.77 -39.47
C ARG E 263 -22.00 25.76 -39.24
N LEU E 264 -22.67 26.86 -39.57
CA LEU E 264 -24.10 26.97 -39.40
C LEU E 264 -24.80 26.42 -40.64
N MET E 265 -25.38 25.22 -40.51
CA MET E 265 -26.08 24.60 -41.62
C MET E 265 -27.51 25.12 -41.75
N PHE E 266 -28.11 25.57 -40.65
CA PHE E 266 -29.45 26.13 -40.66
C PHE E 266 -29.70 26.88 -39.36
N HIS E 267 -30.54 27.90 -39.44
CA HIS E 267 -31.02 28.60 -38.25
C HIS E 267 -32.33 29.29 -38.60
N GLY E 268 -33.36 29.01 -37.82
CA GLY E 268 -34.67 29.60 -38.00
C GLY E 268 -35.69 28.80 -37.24
N PRO E 269 -36.96 28.95 -37.59
CA PRO E 269 -37.98 28.09 -36.98
C PRO E 269 -37.69 26.63 -37.27
N ALA E 270 -38.01 25.78 -36.30
CA ALA E 270 -37.68 24.37 -36.39
C ALA E 270 -38.61 23.59 -37.30
N GLN E 271 -39.76 24.15 -37.65
CA GLN E 271 -40.71 23.50 -38.53
C GLN E 271 -40.41 23.74 -40.01
N GLU E 272 -39.57 24.73 -40.32
CA GLU E 272 -39.24 25.07 -41.69
C GLU E 272 -37.95 24.43 -42.18
N ALA E 273 -37.23 23.71 -41.32
CA ALA E 273 -36.00 23.05 -41.74
C ALA E 273 -36.28 21.96 -42.76
N LEU E 274 -37.39 21.24 -42.60
CA LEU E 274 -37.75 20.21 -43.58
C LEU E 274 -37.89 20.81 -44.97
N GLY E 275 -38.67 21.89 -45.10
CA GLY E 275 -38.82 22.53 -46.38
C GLY E 275 -37.53 23.13 -46.89
N TYR E 276 -36.73 23.69 -45.98
CA TYR E 276 -35.44 24.24 -46.36
C TYR E 276 -34.57 23.19 -47.06
N PHE E 277 -34.48 21.99 -46.46
CA PHE E 277 -33.68 20.94 -47.07
C PHE E 277 -34.36 20.33 -48.30
N GLU E 278 -35.70 20.33 -48.33
CA GLU E 278 -36.40 19.84 -49.52
C GLU E 278 -36.14 20.74 -50.73
N SER E 279 -36.07 22.05 -50.51
CA SER E 279 -35.82 22.99 -51.59
C SER E 279 -34.34 23.25 -51.83
N ALA E 280 -33.46 22.76 -50.95
CA ALA E 280 -32.04 22.85 -51.19
C ALA E 280 -31.51 21.71 -52.06
N GLY E 281 -32.40 20.86 -52.57
CA GLY E 281 -32.01 19.77 -53.41
C GLY E 281 -32.00 18.40 -52.76
N TYR E 282 -32.82 18.16 -51.75
CA TYR E 282 -32.86 16.88 -51.05
C TYR E 282 -34.31 16.47 -50.81
N HIS E 283 -34.53 15.16 -50.69
CA HIS E 283 -35.86 14.64 -50.42
C HIS E 283 -35.81 13.71 -49.22
N CYS E 284 -36.81 13.83 -48.35
CA CYS E 284 -36.96 12.94 -47.20
C CYS E 284 -38.15 12.02 -47.42
N GLU E 285 -37.91 10.72 -47.33
CA GLU E 285 -38.97 9.74 -47.58
C GLU E 285 -39.88 9.63 -46.37
N ALA E 286 -40.93 8.83 -46.50
CA ALA E 286 -41.88 8.65 -45.42
C ALA E 286 -41.27 7.82 -44.29
N TYR E 287 -41.77 8.03 -43.07
CA TYR E 287 -41.34 7.30 -41.88
C TYR E 287 -39.86 7.54 -41.56
N ASN E 288 -39.32 8.68 -41.97
CA ASN E 288 -37.94 9.01 -41.68
C ASN E 288 -37.94 10.24 -40.78
N ASN E 289 -37.25 10.15 -39.65
CA ASN E 289 -37.22 11.26 -38.72
C ASN E 289 -36.51 12.44 -39.36
N PRO E 290 -37.07 13.65 -39.32
CA PRO E 290 -36.33 14.80 -39.84
C PRO E 290 -35.02 15.05 -39.11
N ALA E 291 -34.99 14.85 -37.80
CA ALA E 291 -33.74 14.99 -37.08
C ALA E 291 -32.73 13.92 -37.48
N ASP E 292 -33.20 12.75 -37.89
CA ASP E 292 -32.34 11.77 -38.52
C ASP E 292 -31.96 12.19 -39.93
N PHE E 293 -32.91 12.77 -40.66
CA PHE E 293 -32.68 13.21 -42.03
C PHE E 293 -31.56 14.25 -42.08
N PHE E 294 -31.50 15.14 -41.10
CA PHE E 294 -30.50 16.20 -41.09
C PHE E 294 -29.11 15.62 -40.88
N LEU E 295 -28.95 14.76 -39.88
CA LEU E 295 -27.64 14.16 -39.65
C LEU E 295 -27.27 13.18 -40.75
N ASP E 296 -28.25 12.63 -41.47
CA ASP E 296 -27.95 11.82 -42.65
C ASP E 296 -27.39 12.71 -43.76
N ILE E 297 -27.92 13.92 -43.88
CA ILE E 297 -27.34 14.90 -44.79
C ILE E 297 -25.93 15.26 -44.37
N ILE E 298 -25.73 15.51 -43.08
CA ILE E 298 -24.43 15.96 -42.60
C ILE E 298 -23.39 14.85 -42.76
N ASN E 299 -23.81 13.59 -42.64
CA ASN E 299 -22.86 12.48 -42.76
C ASN E 299 -22.51 12.21 -44.21
N GLY E 300 -23.48 12.30 -45.11
CA GLY E 300 -23.27 11.95 -46.50
C GLY E 300 -24.26 10.91 -46.99
N ASP E 301 -25.37 10.77 -46.27
CA ASP E 301 -26.42 9.82 -46.60
C ASP E 301 -25.91 8.39 -46.69
N LEU E 328 -18.48 19.42 -49.06
CA LEU E 328 -19.88 19.23 -48.72
C LEU E 328 -20.30 20.15 -47.57
N ILE E 329 -19.40 20.35 -46.62
CA ILE E 329 -19.68 21.23 -45.50
C ILE E 329 -19.82 22.67 -45.99
N GLU E 330 -18.89 23.11 -46.83
CA GLU E 330 -19.03 24.40 -47.51
C GLU E 330 -20.15 24.39 -48.54
N LYS E 331 -20.66 23.21 -48.91
CA LYS E 331 -21.79 23.16 -49.83
C LYS E 331 -23.08 23.50 -49.11
N LEU E 332 -23.20 23.15 -47.85
CA LEU E 332 -24.40 23.48 -47.11
C LEU E 332 -24.25 24.86 -46.48
N ALA E 333 -23.03 25.22 -46.06
CA ALA E 333 -22.82 26.54 -45.50
C ALA E 333 -23.08 27.64 -46.53
N GLU E 334 -22.65 27.43 -47.79
CA GLU E 334 -22.92 28.43 -48.81
C GLU E 334 -24.40 28.49 -49.17
N ILE E 335 -25.08 27.34 -49.18
CA ILE E 335 -26.50 27.37 -49.52
C ILE E 335 -27.26 28.13 -48.44
N TYR E 336 -26.91 27.93 -47.16
CA TYR E 336 -27.64 28.65 -46.13
C TYR E 336 -27.28 30.13 -46.16
N VAL E 337 -26.01 30.47 -46.47
CA VAL E 337 -25.65 31.88 -46.54
C VAL E 337 -26.44 32.56 -47.65
N ASN E 338 -26.73 31.84 -48.73
CA ASN E 338 -27.53 32.37 -49.83
C ASN E 338 -29.02 32.17 -49.63
N SER E 339 -29.45 31.74 -48.44
CA SER E 339 -30.86 31.48 -48.17
C SER E 339 -31.58 32.75 -47.71
N SER E 340 -32.91 32.67 -47.67
CA SER E 340 -33.70 33.79 -47.19
C SER E 340 -33.64 33.92 -45.67
N PHE E 341 -33.54 32.79 -44.97
CA PHE E 341 -33.39 32.83 -43.52
C PHE E 341 -32.16 33.63 -43.12
N TYR E 342 -31.03 33.39 -43.80
CA TYR E 342 -29.81 34.11 -43.48
C TYR E 342 -30.00 35.61 -43.70
N LYS E 343 -30.72 35.97 -44.76
CA LYS E 343 -30.96 37.38 -45.04
C LYS E 343 -31.81 38.01 -43.95
N GLU E 344 -32.87 37.33 -43.53
CA GLU E 344 -33.70 37.86 -42.44
C GLU E 344 -32.92 37.96 -41.13
N THR E 345 -32.06 36.98 -40.85
CA THR E 345 -31.28 37.04 -39.62
C THR E 345 -30.30 38.20 -39.66
N LYS E 346 -29.62 38.40 -40.79
CA LYS E 346 -28.68 39.51 -40.91
C LYS E 346 -29.41 40.84 -40.81
N ALA E 347 -30.64 40.89 -41.34
CA ALA E 347 -31.45 42.10 -41.22
C ALA E 347 -31.85 42.37 -39.79
N GLU E 348 -32.28 41.33 -39.06
CA GLU E 348 -32.65 41.54 -37.66
C GLU E 348 -31.45 41.90 -36.81
N LEU E 349 -30.27 41.40 -37.14
CA LEU E 349 -29.08 41.72 -36.37
C LEU E 349 -28.50 43.08 -36.72
N HIS E 350 -28.83 43.62 -37.91
CA HIS E 350 -28.46 44.97 -38.26
C HIS E 350 -29.57 45.98 -38.02
N GLN E 351 -30.75 45.52 -37.61
CA GLN E 351 -31.78 46.42 -37.16
C GLN E 351 -31.47 46.97 -35.77
N LEU E 352 -31.02 46.12 -34.86
CA LEU E 352 -30.79 46.54 -33.48
C LEU E 352 -29.41 47.16 -33.32
N SER E 353 -28.36 46.39 -33.58
CA SER E 353 -27.00 46.89 -33.35
C SER E 353 -26.67 48.06 -34.27
N GLY E 354 -27.21 48.06 -35.49
CA GLY E 354 -26.99 49.15 -36.42
C GLY E 354 -27.64 50.43 -35.94
N TYR E 369 -19.59 39.54 -3.73
CA TYR E 369 -20.51 38.41 -3.82
C TYR E 369 -21.89 38.72 -3.27
N THR E 370 -22.83 37.81 -3.55
CA THR E 370 -24.20 37.98 -3.09
C THR E 370 -24.29 37.95 -1.56
N THR E 371 -23.59 37.02 -0.93
CA THR E 371 -23.70 36.77 0.50
C THR E 371 -22.35 36.88 1.18
N SER E 372 -22.39 36.80 2.51
CA SER E 372 -21.22 36.96 3.34
C SER E 372 -20.41 35.67 3.42
N PHE E 373 -19.14 35.82 3.81
CA PHE E 373 -18.25 34.67 3.98
C PHE E 373 -18.83 33.66 4.95
N CYS E 374 -19.35 34.12 6.09
CA CYS E 374 -19.81 33.20 7.12
C CYS E 374 -21.06 32.46 6.70
N HIS E 375 -21.96 33.12 5.96
CA HIS E 375 -23.16 32.44 5.48
C HIS E 375 -22.81 31.30 4.53
N GLN E 376 -21.95 31.59 3.55
CA GLN E 376 -21.51 30.56 2.60
C GLN E 376 -20.77 29.43 3.30
N LEU E 377 -19.85 29.76 4.21
CA LEU E 377 -19.11 28.73 4.92
C LEU E 377 -20.03 27.87 5.77
N ARG E 378 -20.98 28.49 6.49
CA ARG E 378 -21.91 27.74 7.30
C ARG E 378 -22.73 26.77 6.45
N TRP E 379 -23.25 27.23 5.32
CA TRP E 379 -24.11 26.36 4.53
C TRP E 379 -23.31 25.27 3.82
N VAL E 380 -22.10 25.59 3.38
CA VAL E 380 -21.25 24.56 2.80
C VAL E 380 -20.93 23.48 3.83
N SER E 381 -20.63 23.89 5.07
CA SER E 381 -20.34 22.95 6.13
C SER E 381 -21.55 22.10 6.48
N LYS E 382 -22.73 22.72 6.56
CA LYS E 382 -23.94 21.99 6.86
C LYS E 382 -24.25 20.94 5.80
N ARG E 383 -24.13 21.31 4.53
CA ARG E 383 -24.39 20.33 3.47
C ARG E 383 -23.35 19.22 3.47
N SER E 384 -22.08 19.56 3.69
CA SER E 384 -21.06 18.51 3.68
C SER E 384 -21.19 17.58 4.87
N PHE E 385 -21.74 18.07 5.98
CA PHE E 385 -21.93 17.17 7.12
C PHE E 385 -23.17 16.33 6.97
N LYS E 386 -24.26 16.88 6.41
CA LYS E 386 -25.38 16.03 6.06
C LYS E 386 -24.96 14.95 5.07
N ASN E 387 -24.07 15.29 4.13
CA ASN E 387 -23.59 14.32 3.18
C ASN E 387 -22.71 13.27 3.85
N LEU E 388 -22.01 13.64 4.92
CA LEU E 388 -21.16 12.69 5.63
C LEU E 388 -21.96 11.78 6.54
N LEU E 389 -23.05 12.28 7.13
CA LEU E 389 -23.94 11.42 7.92
C LEU E 389 -24.79 10.52 7.04
N GLY E 390 -25.26 11.03 5.91
CA GLY E 390 -26.07 10.26 4.99
C GLY E 390 -25.32 9.19 4.25
N ASN E 391 -23.99 9.20 4.35
CA ASN E 391 -23.12 8.18 3.78
C ASN E 391 -22.43 7.48 4.94
N PRO E 392 -23.17 6.68 5.71
CA PRO E 392 -22.53 6.01 6.85
C PRO E 392 -21.57 4.90 6.45
N GLN E 393 -21.76 4.24 5.31
CA GLN E 393 -20.92 3.07 5.02
C GLN E 393 -19.43 3.43 4.97
N ALA E 394 -19.06 4.45 4.20
CA ALA E 394 -17.66 4.86 4.06
C ALA E 394 -17.12 5.68 5.21
N SER E 395 -17.90 5.93 6.24
CA SER E 395 -17.42 6.67 7.41
C SER E 395 -17.43 5.80 8.65
N ILE E 396 -18.42 4.94 8.76
CA ILE E 396 -18.51 3.92 9.81
C ILE E 396 -17.48 2.83 9.59
N ALA E 397 -17.24 2.45 8.33
CA ALA E 397 -16.29 1.38 8.06
C ALA E 397 -14.88 1.77 8.51
N GLN E 398 -14.51 3.04 8.36
CA GLN E 398 -13.21 3.47 8.87
C GLN E 398 -13.13 3.39 10.39
N ILE E 399 -14.26 3.47 11.08
CA ILE E 399 -14.25 3.33 12.54
C ILE E 399 -14.19 1.86 12.91
N ILE E 400 -14.99 1.04 12.24
CA ILE E 400 -14.92 -0.41 12.44
C ILE E 400 -13.50 -0.90 12.25
N VAL E 401 -12.89 -0.54 11.12
CA VAL E 401 -11.49 -0.91 10.86
C VAL E 401 -10.56 -0.37 11.93
N THR E 402 -10.82 0.84 12.45
CA THR E 402 -9.91 1.38 13.45
C THR E 402 -10.02 0.61 14.76
N VAL E 403 -11.21 0.10 15.07
CA VAL E 403 -11.41 -0.62 16.31
C VAL E 403 -10.86 -2.03 16.19
N VAL E 404 -11.25 -2.73 15.12
CA VAL E 404 -10.75 -4.08 14.87
C VAL E 404 -9.22 -4.10 14.87
N LEU E 405 -8.62 -3.27 14.01
CA LEU E 405 -7.16 -3.18 13.97
C LEU E 405 -6.57 -2.84 15.34
N GLY E 406 -7.15 -1.88 16.07
CA GLY E 406 -6.62 -1.57 17.39
C GLY E 406 -6.69 -2.72 18.37
N LEU E 407 -7.71 -3.58 18.24
CA LEU E 407 -7.81 -4.74 19.14
C LEU E 407 -6.87 -5.85 18.72
N VAL E 408 -6.56 -5.95 17.43
CA VAL E 408 -5.62 -6.96 17.00
C VAL E 408 -4.22 -6.55 17.41
N ILE E 409 -3.87 -5.28 17.18
CA ILE E 409 -2.60 -4.77 17.64
C ILE E 409 -2.47 -4.92 19.15
N GLY E 410 -3.54 -4.67 19.89
CA GLY E 410 -3.48 -4.85 21.33
C GLY E 410 -3.40 -6.30 21.76
N ALA E 411 -3.78 -7.23 20.90
CA ALA E 411 -3.66 -8.64 21.24
C ALA E 411 -2.30 -9.20 20.90
N ILE E 412 -1.66 -8.70 19.84
CA ILE E 412 -0.36 -9.19 19.43
C ILE E 412 0.75 -8.64 20.32
N TYR E 413 0.64 -7.38 20.73
CA TYR E 413 1.66 -6.73 21.53
C TYR E 413 1.29 -6.67 23.01
N PHE E 414 0.39 -7.54 23.46
CA PHE E 414 -0.12 -7.46 24.82
C PHE E 414 0.99 -7.64 25.85
N GLY E 415 1.10 -6.68 26.75
CA GLY E 415 2.06 -6.77 27.85
C GLY E 415 3.51 -6.63 27.44
N LEU E 416 3.91 -5.42 27.04
CA LEU E 416 5.29 -5.16 26.69
C LEU E 416 6.20 -5.38 27.90
N LYS E 417 7.30 -6.09 27.68
CA LYS E 417 8.25 -6.39 28.74
C LYS E 417 9.46 -5.48 28.65
N ASN E 418 10.13 -5.31 29.79
CA ASN E 418 11.39 -4.57 29.83
C ASN E 418 12.56 -5.55 29.86
N ASP E 419 12.74 -6.24 28.73
CA ASP E 419 13.79 -7.24 28.60
C ASP E 419 14.37 -7.11 27.20
N SER E 420 15.09 -8.15 26.77
CA SER E 420 15.81 -8.09 25.50
C SER E 420 14.92 -7.84 24.28
N THR E 421 13.62 -8.11 24.37
CA THR E 421 12.72 -7.90 23.24
C THR E 421 11.88 -6.65 23.37
N GLY E 422 12.07 -5.86 24.43
CA GLY E 422 11.21 -4.71 24.65
C GLY E 422 11.46 -3.58 23.68
N ILE E 423 12.72 -3.35 23.33
CA ILE E 423 13.03 -2.31 22.35
C ILE E 423 12.42 -2.65 21.00
N GLN E 424 12.58 -3.89 20.56
CA GLN E 424 12.05 -4.27 19.26
C GLN E 424 10.53 -4.16 19.21
N ASN E 425 9.84 -4.60 20.27
CA ASN E 425 8.38 -4.54 20.25
C ASN E 425 7.86 -3.11 20.36
N ARG E 426 8.48 -2.28 21.19
CA ARG E 426 8.03 -0.89 21.28
C ARG E 426 8.27 -0.15 19.96
N ALA E 427 9.47 -0.28 19.41
CA ALA E 427 9.77 0.36 18.13
C ALA E 427 8.86 -0.15 17.02
N GLY E 428 8.61 -1.46 16.98
CA GLY E 428 7.75 -2.00 15.94
C GLY E 428 6.33 -1.53 16.03
N VAL E 429 5.76 -1.49 17.24
CA VAL E 429 4.37 -1.06 17.33
C VAL E 429 4.23 0.43 17.03
N LEU E 430 5.20 1.25 17.47
CA LEU E 430 5.11 2.67 17.16
C LEU E 430 5.29 2.94 15.68
N PHE E 431 6.22 2.23 15.03
CA PHE E 431 6.36 2.35 13.59
C PHE E 431 5.09 1.94 12.86
N PHE E 432 4.46 0.83 13.28
CA PHE E 432 3.23 0.42 12.62
C PHE E 432 2.14 1.47 12.79
N LEU E 433 2.01 2.05 13.98
CA LEU E 433 0.97 3.06 14.21
C LEU E 433 1.18 4.28 13.32
N THR E 434 2.41 4.80 13.27
CA THR E 434 2.65 5.98 12.44
C THR E 434 2.40 5.70 10.97
N THR E 435 2.95 4.60 10.46
CA THR E 435 2.77 4.31 9.05
C THR E 435 1.33 3.93 8.71
N ASN E 436 0.59 3.41 9.69
CA ASN E 436 -0.81 3.13 9.47
C ASN E 436 -1.62 4.40 9.36
N GLN E 437 -1.31 5.40 10.19
CA GLN E 437 -1.94 6.71 10.01
C GLN E 437 -1.66 7.26 8.62
N CYS E 438 -0.39 7.18 8.20
CA CYS E 438 -0.03 7.73 6.90
C CYS E 438 -0.77 7.02 5.76
N PHE E 439 -0.87 5.69 5.82
CA PHE E 439 -1.51 4.96 4.73
C PHE E 439 -3.02 4.98 4.80
N SER E 440 -3.58 5.21 5.98
CA SER E 440 -5.03 5.33 6.07
C SER E 440 -5.50 6.73 5.70
N SER E 441 -4.58 7.70 5.64
CA SER E 441 -4.94 9.04 5.16
C SER E 441 -4.85 9.17 3.65
N VAL E 442 -4.99 8.06 2.91
CA VAL E 442 -5.00 8.16 1.45
C VAL E 442 -6.40 8.41 0.90
N SER E 443 -7.45 8.09 1.66
CA SER E 443 -8.80 8.37 1.21
C SER E 443 -9.10 9.86 1.07
N ALA E 444 -8.20 10.73 1.54
CA ALA E 444 -8.39 12.16 1.35
C ALA E 444 -8.22 12.60 -0.10
N VAL E 445 -7.72 11.71 -0.96
CA VAL E 445 -7.70 12.00 -2.39
C VAL E 445 -9.11 12.23 -2.90
N GLU E 446 -10.08 11.52 -2.34
CA GLU E 446 -11.49 11.56 -2.69
C GLU E 446 -12.19 12.85 -2.29
N LEU E 447 -11.56 13.70 -1.46
CA LEU E 447 -12.28 14.84 -0.89
C LEU E 447 -12.71 15.83 -1.97
N PHE E 448 -11.76 16.32 -2.77
CA PHE E 448 -12.08 17.31 -3.79
C PHE E 448 -12.18 16.71 -5.18
N VAL E 449 -11.96 15.41 -5.33
CA VAL E 449 -11.98 14.79 -6.66
C VAL E 449 -13.39 14.33 -7.02
N VAL E 450 -14.12 13.81 -6.05
CA VAL E 450 -15.43 13.24 -6.32
C VAL E 450 -16.42 14.32 -6.74
N GLU E 451 -16.32 15.51 -6.15
CA GLU E 451 -17.25 16.60 -6.44
C GLU E 451 -16.58 17.76 -7.16
N LYS E 452 -15.66 17.48 -8.08
CA LYS E 452 -15.00 18.55 -8.83
C LYS E 452 -15.98 19.25 -9.76
N LYS E 453 -16.83 18.49 -10.43
CA LYS E 453 -17.78 19.07 -11.38
C LYS E 453 -18.83 19.93 -10.69
N LEU E 454 -19.38 19.43 -9.58
CA LEU E 454 -20.31 20.24 -8.80
C LEU E 454 -19.65 21.50 -8.27
N PHE E 455 -18.39 21.41 -7.85
CA PHE E 455 -17.70 22.62 -7.39
C PHE E 455 -17.54 23.63 -8.52
N ILE E 456 -17.13 23.18 -9.70
CA ILE E 456 -16.96 24.10 -10.81
C ILE E 456 -18.29 24.74 -11.19
N HIS E 457 -19.35 23.93 -11.26
CA HIS E 457 -20.67 24.46 -11.59
C HIS E 457 -21.13 25.50 -10.58
N GLU E 458 -21.01 25.19 -9.29
CA GLU E 458 -21.51 26.11 -8.29
C GLU E 458 -20.62 27.34 -8.11
N TYR E 459 -19.32 27.24 -8.42
CA TYR E 459 -18.48 28.43 -8.38
C TYR E 459 -18.80 29.36 -9.54
N ILE E 460 -18.99 28.81 -10.75
CA ILE E 460 -19.38 29.65 -11.87
C ILE E 460 -20.71 30.36 -11.58
N SER E 461 -21.69 29.61 -11.08
CA SER E 461 -23.02 30.13 -10.84
C SER E 461 -23.08 31.15 -9.72
N GLY E 462 -21.98 31.41 -9.02
CA GLY E 462 -21.96 32.42 -7.98
C GLY E 462 -22.50 31.96 -6.65
N TYR E 463 -22.32 30.69 -6.32
CA TYR E 463 -22.75 30.18 -5.02
C TYR E 463 -21.87 30.69 -3.89
N TYR E 464 -20.56 30.55 -4.04
CA TYR E 464 -19.64 30.92 -2.99
C TYR E 464 -18.27 31.21 -3.59
N ARG E 465 -17.33 31.56 -2.72
CA ARG E 465 -15.95 31.81 -3.09
C ARG E 465 -15.18 30.51 -2.95
N VAL E 466 -13.96 30.49 -3.49
CA VAL E 466 -13.11 29.32 -3.31
C VAL E 466 -12.72 29.18 -1.85
N SER E 467 -12.50 30.29 -1.17
CA SER E 467 -12.09 30.32 0.22
C SER E 467 -13.10 29.72 1.18
N SER E 468 -14.37 30.10 1.06
CA SER E 468 -15.39 29.59 1.96
C SER E 468 -15.74 28.14 1.67
N TYR E 469 -15.79 27.75 0.39
CA TYR E 469 -16.00 26.35 0.04
C TYR E 469 -14.86 25.47 0.56
N PHE E 470 -13.63 25.89 0.34
CA PHE E 470 -12.47 25.15 0.82
C PHE E 470 -12.51 24.96 2.33
N LEU E 471 -12.76 26.06 3.06
CA LEU E 471 -12.77 25.99 4.52
C LEU E 471 -13.92 25.15 5.03
N GLY E 472 -15.11 25.28 4.45
CA GLY E 472 -16.23 24.48 4.89
C GLY E 472 -16.04 22.99 4.65
N LYS E 473 -15.47 22.63 3.50
CA LYS E 473 -15.21 21.23 3.24
C LYS E 473 -14.10 20.67 4.13
N LEU E 474 -13.09 21.49 4.45
CA LEU E 474 -12.09 21.04 5.43
C LEU E 474 -12.69 20.89 6.81
N LEU E 475 -13.59 21.79 7.19
CA LEU E 475 -14.12 21.80 8.54
C LEU E 475 -15.11 20.67 8.76
N SER E 476 -15.85 20.28 7.73
CA SER E 476 -16.90 19.30 7.89
C SER E 476 -16.44 17.87 7.69
N ASP E 477 -15.50 17.63 6.77
CA ASP E 477 -15.09 16.27 6.44
C ASP E 477 -13.73 15.93 7.01
N LEU E 478 -12.69 16.70 6.67
CA LEU E 478 -11.34 16.32 7.04
C LEU E 478 -11.12 16.40 8.55
N LEU E 479 -11.73 17.38 9.21
CA LEU E 479 -11.45 17.59 10.64
C LEU E 479 -12.03 16.47 11.49
N PRO E 480 -13.35 16.19 11.48
CA PRO E 480 -13.88 15.22 12.44
C PRO E 480 -13.53 13.77 12.14
N MET E 481 -13.19 13.42 10.90
CA MET E 481 -12.94 12.03 10.56
C MET E 481 -11.45 11.69 10.54
N ARG E 482 -10.58 12.65 10.81
CA ARG E 482 -9.17 12.37 10.99
C ARG E 482 -8.75 12.45 12.45
N MET E 483 -9.54 13.13 13.28
CA MET E 483 -9.27 13.22 14.71
C MET E 483 -9.70 11.95 15.44
N LEU E 484 -10.77 11.32 15.00
CA LEU E 484 -11.40 10.25 15.76
C LEU E 484 -10.60 8.94 15.72
N PRO E 485 -10.05 8.51 14.58
CA PRO E 485 -9.21 7.30 14.60
C PRO E 485 -8.05 7.40 15.56
N SER E 486 -7.42 8.56 15.67
CA SER E 486 -6.29 8.71 16.59
C SER E 486 -6.74 8.49 18.03
N ILE E 487 -7.86 9.11 18.39
CA ILE E 487 -8.41 8.97 19.73
C ILE E 487 -8.75 7.50 20.02
N ILE E 488 -9.43 6.84 19.08
CA ILE E 488 -9.83 5.45 19.26
C ILE E 488 -8.61 4.55 19.40
N PHE E 489 -7.64 4.71 18.51
CA PHE E 489 -6.42 3.91 18.54
C PHE E 489 -5.69 4.06 19.86
N THR E 490 -5.49 5.30 20.30
CA THR E 490 -4.79 5.51 21.55
C THR E 490 -5.55 4.90 22.72
N CYS E 491 -6.84 5.23 22.85
CA CYS E 491 -7.63 4.72 23.97
C CYS E 491 -7.66 3.20 23.99
N ILE E 492 -7.62 2.55 22.84
CA ILE E 492 -7.66 1.09 22.83
C ILE E 492 -6.29 0.50 23.17
N VAL E 493 -5.26 0.86 22.41
CA VAL E 493 -4.00 0.14 22.54
C VAL E 493 -3.14 0.59 23.72
N TYR E 494 -3.32 1.81 24.24
CA TYR E 494 -2.33 2.35 25.17
C TYR E 494 -2.25 1.52 26.45
N PHE E 495 -3.39 1.02 26.93
CA PHE E 495 -3.41 0.27 28.18
C PHE E 495 -3.38 -1.24 27.97
N MET E 496 -3.74 -1.73 26.79
CA MET E 496 -3.49 -3.14 26.49
C MET E 496 -2.00 -3.39 26.34
N LEU E 497 -1.30 -2.52 25.63
CA LEU E 497 0.14 -2.67 25.45
C LEU E 497 0.90 -2.42 26.74
N GLY E 498 0.41 -1.51 27.58
CA GLY E 498 1.10 -1.13 28.78
C GLY E 498 2.22 -0.14 28.51
N LEU E 499 1.90 0.94 27.82
CA LEU E 499 2.85 1.99 27.57
C LEU E 499 3.01 2.85 28.83
N LYS E 500 3.90 3.85 28.75
CA LYS E 500 4.20 4.76 29.85
C LYS E 500 2.94 5.29 30.51
N PRO E 501 2.69 4.92 31.77
CA PRO E 501 1.40 5.20 32.42
C PRO E 501 1.31 6.58 33.06
N LYS E 502 1.48 7.62 32.24
CA LYS E 502 1.30 8.99 32.67
C LYS E 502 0.21 9.63 31.84
N ALA E 503 -0.43 10.66 32.38
CA ALA E 503 -1.49 11.33 31.63
C ALA E 503 -0.91 12.14 30.49
N ASP E 504 0.27 12.74 30.69
CA ASP E 504 0.85 13.56 29.64
C ASP E 504 1.42 12.70 28.52
N ALA E 505 1.95 11.52 28.82
CA ALA E 505 2.43 10.66 27.74
C ALA E 505 1.26 10.17 26.89
N PHE E 506 0.16 9.79 27.54
CA PHE E 506 -1.06 9.40 26.85
C PHE E 506 -1.54 10.50 25.91
N PHE E 507 -1.61 11.73 26.40
CA PHE E 507 -2.12 12.79 25.55
C PHE E 507 -1.11 13.25 24.50
N VAL E 508 0.19 13.17 24.78
CA VAL E 508 1.16 13.48 23.74
C VAL E 508 1.09 12.46 22.62
N MET E 509 0.91 11.17 22.95
CA MET E 509 0.73 10.18 21.89
C MET E 509 -0.51 10.46 21.06
N MET E 510 -1.62 10.80 21.73
CA MET E 510 -2.85 11.12 21.00
C MET E 510 -2.65 12.31 20.06
N PHE E 511 -2.03 13.38 20.56
CA PHE E 511 -1.80 14.56 19.75
C PHE E 511 -0.83 14.31 18.60
N THR E 512 0.19 13.49 18.80
CA THR E 512 1.12 13.16 17.73
C THR E 512 0.45 12.37 16.62
N LEU E 513 -0.33 11.35 16.99
CA LEU E 513 -1.10 10.60 16.00
C LEU E 513 -2.05 11.51 15.23
N MET E 514 -2.72 12.42 15.94
CA MET E 514 -3.59 13.39 15.28
C MET E 514 -2.83 14.24 14.27
N MET E 515 -1.66 14.75 14.66
CA MET E 515 -0.87 15.60 13.78
C MET E 515 -0.38 14.86 12.54
N VAL E 516 0.06 13.61 12.71
CA VAL E 516 0.54 12.87 11.55
C VAL E 516 -0.62 12.53 10.61
N ALA E 517 -1.80 12.26 11.15
CA ALA E 517 -2.97 12.08 10.28
C ALA E 517 -3.29 13.35 9.51
N TYR E 518 -3.31 14.49 10.18
CA TYR E 518 -3.62 15.76 9.52
C TYR E 518 -2.59 16.10 8.46
N SER E 519 -1.32 15.84 8.75
CA SER E 519 -0.25 16.18 7.81
C SER E 519 -0.32 15.29 6.56
N ALA E 520 -0.52 13.99 6.74
CA ALA E 520 -0.67 13.11 5.59
C ALA E 520 -1.90 13.47 4.77
N SER E 521 -2.99 13.86 5.44
CA SER E 521 -4.20 14.23 4.71
C SER E 521 -4.00 15.53 3.92
N SER E 522 -3.33 16.52 4.52
CA SER E 522 -3.06 17.76 3.79
C SER E 522 -2.17 17.50 2.59
N MET E 523 -1.20 16.59 2.71
CA MET E 523 -0.39 16.25 1.55
C MET E 523 -1.22 15.58 0.47
N ALA E 524 -2.10 14.65 0.85
CA ALA E 524 -2.97 14.01 -0.12
C ALA E 524 -3.85 15.03 -0.84
N LEU E 525 -4.38 16.01 -0.11
CA LEU E 525 -5.17 17.06 -0.76
C LEU E 525 -4.33 17.89 -1.71
N ALA E 526 -3.15 18.33 -1.28
CA ALA E 526 -2.28 19.10 -2.15
C ALA E 526 -1.94 18.35 -3.42
N ILE E 527 -1.82 17.02 -3.33
CA ILE E 527 -1.52 16.23 -4.52
C ILE E 527 -2.75 16.09 -5.40
N ALA E 528 -3.93 15.87 -4.81
CA ALA E 528 -5.11 15.55 -5.60
C ALA E 528 -6.07 16.72 -5.82
N ALA E 529 -5.72 17.94 -5.38
CA ALA E 529 -6.62 19.06 -5.58
C ALA E 529 -6.57 19.49 -7.04
N GLY E 530 -7.73 19.53 -7.69
CA GLY E 530 -7.82 19.93 -9.06
C GLY E 530 -7.89 18.79 -10.05
N GLN E 531 -7.40 17.60 -9.68
CA GLN E 531 -7.43 16.46 -10.57
C GLN E 531 -8.85 15.92 -10.69
N SER E 532 -9.00 14.92 -11.56
CA SER E 532 -10.28 14.29 -11.78
C SER E 532 -10.22 12.77 -11.76
N VAL E 533 -9.04 12.16 -11.72
CA VAL E 533 -8.88 10.71 -11.63
C VAL E 533 -8.14 10.38 -10.34
N VAL E 534 -8.70 9.45 -9.58
CA VAL E 534 -8.11 9.07 -8.29
C VAL E 534 -6.86 8.24 -8.47
N SER E 535 -6.77 7.46 -9.56
CA SER E 535 -5.75 6.42 -9.67
C SER E 535 -4.34 6.99 -9.61
N VAL E 536 -4.07 8.03 -10.41
CA VAL E 536 -2.72 8.59 -10.45
C VAL E 536 -2.37 9.26 -9.13
N ALA E 537 -3.34 9.94 -8.51
CA ALA E 537 -3.08 10.58 -7.23
C ALA E 537 -2.80 9.55 -6.14
N THR E 538 -3.56 8.46 -6.12
CA THR E 538 -3.32 7.39 -5.16
C THR E 538 -1.95 6.74 -5.37
N LEU E 539 -1.59 6.50 -6.63
CA LEU E 539 -0.28 5.92 -6.92
C LEU E 539 0.84 6.83 -6.45
N LEU E 540 0.74 8.13 -6.73
CA LEU E 540 1.78 9.06 -6.33
C LEU E 540 1.86 9.19 -4.81
N MET E 541 0.71 9.17 -4.12
CA MET E 541 0.72 9.19 -2.67
C MET E 541 1.43 7.97 -2.10
N THR E 542 1.10 6.78 -2.63
CA THR E 542 1.75 5.57 -2.14
C THR E 542 3.25 5.60 -2.39
N ILE E 543 3.69 6.05 -3.56
CA ILE E 543 5.12 6.11 -3.85
C ILE E 543 5.83 7.06 -2.89
N CYS E 544 5.23 8.21 -2.63
CA CYS E 544 5.86 9.17 -1.73
C CYS E 544 5.91 8.62 -0.31
N PHE E 545 4.85 7.94 0.13
CA PHE E 545 4.84 7.39 1.47
C PHE E 545 5.84 6.26 1.61
N VAL E 546 6.01 5.47 0.55
CA VAL E 546 6.98 4.38 0.58
C VAL E 546 8.39 4.93 0.75
N PHE E 547 8.69 6.04 0.06
CA PHE E 547 10.02 6.63 0.23
C PHE E 547 10.17 7.28 1.60
N MET E 548 9.17 8.04 2.04
CA MET E 548 9.22 8.63 3.37
C MET E 548 9.37 7.59 4.47
N MET E 549 8.93 6.37 4.22
CA MET E 549 9.02 5.31 5.23
C MET E 549 10.45 4.84 5.40
N ILE E 550 11.21 4.80 4.30
CA ILE E 550 12.60 4.39 4.38
C ILE E 550 13.39 5.37 5.23
N PHE E 551 13.06 6.66 5.16
CA PHE E 551 13.76 7.69 5.92
C PHE E 551 13.12 7.97 7.27
N SER E 552 12.40 7.02 7.85
CA SER E 552 11.70 7.29 9.10
C SER E 552 12.50 6.91 10.33
N GLY E 553 13.49 6.04 10.19
CA GLY E 553 14.40 5.71 11.26
C GLY E 553 14.34 4.29 11.77
N LEU E 554 13.53 3.41 11.18
CA LEU E 554 13.54 2.01 11.59
C LEU E 554 14.29 1.12 10.61
N LEU E 555 14.05 1.26 9.31
CA LEU E 555 14.66 0.36 8.34
C LEU E 555 16.12 0.70 8.08
N VAL E 556 16.49 1.97 8.11
CA VAL E 556 17.88 2.38 7.97
C VAL E 556 18.18 3.35 9.10
N ASN E 557 19.36 3.21 9.69
CA ASN E 557 19.78 4.14 10.73
C ASN E 557 20.13 5.48 10.08
N LEU E 558 19.50 6.55 10.56
CA LEU E 558 19.61 7.84 9.89
C LEU E 558 20.96 8.50 10.10
N THR E 559 21.74 8.04 11.07
CA THR E 559 23.07 8.58 11.26
C THR E 559 24.10 7.99 10.31
N THR E 560 23.73 6.97 9.54
CA THR E 560 24.68 6.27 8.67
C THR E 560 24.54 6.65 7.20
N ILE E 561 23.56 7.45 6.83
CA ILE E 561 23.39 7.83 5.43
C ILE E 561 24.42 8.88 5.04
N ALA E 562 24.83 8.86 3.78
CA ALA E 562 25.82 9.79 3.29
C ALA E 562 25.30 11.22 3.30
N SER E 563 26.21 12.17 3.45
CA SER E 563 25.82 13.57 3.65
C SER E 563 25.13 14.13 2.41
N TRP E 564 25.54 13.72 1.22
CA TRP E 564 24.87 14.23 0.03
C TRP E 564 23.47 13.67 -0.12
N LEU E 565 23.04 12.80 0.78
CA LEU E 565 21.74 12.17 0.71
C LEU E 565 20.93 12.28 1.99
N SER E 566 21.57 12.54 3.14
CA SER E 566 20.88 12.59 4.42
C SER E 566 19.82 13.69 4.50
N TRP E 567 19.92 14.74 3.70
CA TRP E 567 19.01 15.87 3.82
C TRP E 567 17.58 15.53 3.41
N LEU E 568 17.37 14.40 2.75
CA LEU E 568 16.03 13.98 2.37
C LEU E 568 15.17 13.57 3.57
N GLN E 569 15.79 13.23 4.71
CA GLN E 569 15.00 12.85 5.88
C GLN E 569 14.10 13.97 6.39
N TYR E 570 14.39 15.22 6.05
CA TYR E 570 13.56 16.32 6.49
C TYR E 570 12.27 16.44 5.70
N PHE E 571 12.05 15.55 4.73
CA PHE E 571 10.84 15.49 3.95
C PHE E 571 10.01 14.25 4.29
N SER E 572 10.01 13.83 5.55
CA SER E 572 9.34 12.60 5.96
C SER E 572 8.39 12.91 7.10
N ILE E 573 7.10 12.77 6.84
CA ILE E 573 6.06 12.87 7.85
C ILE E 573 6.14 11.68 8.81
N PRO E 574 6.31 10.45 8.32
CA PRO E 574 6.54 9.33 9.25
C PRO E 574 7.73 9.54 10.16
N ARG E 575 8.77 10.23 9.71
CA ARG E 575 9.93 10.44 10.57
C ARG E 575 9.60 11.32 11.78
N TYR E 576 8.90 12.43 11.57
CA TYR E 576 8.52 13.28 12.68
C TYR E 576 7.55 12.56 13.61
N GLY E 577 6.56 11.87 13.06
CA GLY E 577 5.66 11.11 13.91
C GLY E 577 6.37 10.07 14.75
N PHE E 578 7.20 9.23 14.10
CA PHE E 578 7.92 8.16 14.79
C PHE E 578 8.91 8.71 15.81
N THR E 579 9.59 9.80 15.49
CA THR E 579 10.52 10.39 16.45
C THR E 579 9.81 10.92 17.68
N ALA E 580 8.67 11.59 17.50
CA ALA E 580 7.91 12.05 18.66
C ALA E 580 7.39 10.88 19.49
N LEU E 581 6.88 9.84 18.85
CA LEU E 581 6.39 8.69 19.62
C LEU E 581 7.51 8.01 20.39
N GLN E 582 8.67 7.83 19.76
CA GLN E 582 9.80 7.22 20.44
C GLN E 582 10.30 8.07 21.58
N HIS E 583 10.43 9.39 21.36
CA HIS E 583 10.83 10.27 22.45
C HIS E 583 9.87 10.17 23.62
N ASN E 584 8.57 10.14 23.33
CA ASN E 584 7.57 10.06 24.39
C ASN E 584 7.61 8.73 25.14
N GLU E 585 7.94 7.64 24.47
CA GLU E 585 7.87 6.31 25.08
C GLU E 585 9.14 5.90 25.82
N PHE E 586 10.31 6.10 25.22
CA PHE E 586 11.53 5.44 25.66
C PHE E 586 12.30 6.16 26.76
N LEU E 587 11.85 7.30 27.25
CA LEU E 587 12.73 8.16 28.03
C LEU E 587 13.22 7.49 29.31
N GLY E 588 12.33 7.10 30.19
CA GLY E 588 12.80 6.60 31.47
C GLY E 588 12.90 5.09 31.62
N GLN E 589 13.14 4.37 30.52
CA GLN E 589 13.00 2.92 30.49
C GLN E 589 14.35 2.22 30.66
N ASN E 590 14.30 1.07 31.33
CA ASN E 590 15.39 0.12 31.41
C ASN E 590 15.01 -1.15 30.66
N PHE E 591 16.00 -1.81 30.03
CA PHE E 591 15.72 -2.97 29.21
C PHE E 591 16.65 -4.15 29.47
N CYS E 592 17.48 -4.12 30.50
CA CYS E 592 18.32 -5.26 30.87
C CYS E 592 18.01 -5.64 32.32
N PRO E 593 17.23 -6.69 32.57
CA PRO E 593 16.86 -7.01 33.95
C PRO E 593 18.06 -7.47 34.76
N GLY E 594 18.20 -6.91 35.96
CA GLY E 594 19.31 -7.22 36.83
C GLY E 594 20.52 -6.33 36.68
N LEU E 595 20.52 -5.39 35.73
CA LEU E 595 21.67 -4.54 35.48
C LEU E 595 21.29 -3.06 35.55
N ASN E 596 21.95 -2.32 36.44
CA ASN E 596 21.73 -0.88 36.61
C ASN E 596 22.52 -0.11 35.57
N ALA E 597 22.04 -0.14 34.34
CA ALA E 597 22.69 0.56 33.25
C ALA E 597 22.65 2.07 33.45
N THR E 598 21.58 2.58 34.06
CA THR E 598 21.41 4.02 34.21
C THR E 598 22.55 4.62 35.03
N GLY E 599 23.07 3.90 36.00
CA GLY E 599 24.24 4.37 36.70
C GLY E 599 25.45 4.38 35.78
N ASN E 600 25.86 3.20 35.34
CA ASN E 600 27.01 3.04 34.47
C ASN E 600 26.79 1.93 33.47
N ASN E 601 27.59 1.96 32.40
CA ASN E 601 27.57 0.92 31.37
C ASN E 601 28.62 -0.14 31.68
N PRO E 602 28.21 -1.32 32.13
CA PRO E 602 29.18 -2.39 32.42
C PRO E 602 29.97 -2.72 31.16
N CYS E 603 29.27 -3.18 30.12
CA CYS E 603 29.90 -3.51 28.85
C CYS E 603 29.33 -2.64 27.73
N ASN E 604 30.26 -2.00 27.04
CA ASN E 604 30.16 -1.03 25.96
C ASN E 604 29.08 -1.22 24.90
N TYR E 605 28.57 -2.44 24.68
CA TYR E 605 27.62 -2.62 23.58
C TYR E 605 26.30 -3.22 24.05
N ALA E 606 25.76 -2.77 25.18
CA ALA E 606 24.56 -3.46 25.67
C ALA E 606 23.22 -2.83 25.28
N THR E 607 23.15 -1.52 25.05
CA THR E 607 21.87 -0.83 24.76
C THR E 607 20.80 -1.19 25.80
N CYS E 608 21.12 -0.95 27.07
CA CYS E 608 20.21 -1.32 28.15
C CYS E 608 19.22 -0.24 28.56
N THR E 609 19.29 0.99 28.05
CA THR E 609 18.42 2.06 28.48
C THR E 609 17.81 2.75 27.27
N GLY E 610 16.65 3.36 27.49
CA GLY E 610 15.97 4.04 26.39
C GLY E 610 16.68 5.29 25.90
N GLU E 611 17.41 5.99 26.78
CA GLU E 611 18.23 7.11 26.34
C GLU E 611 19.31 6.68 25.36
N GLU E 612 19.96 5.54 25.63
CA GLU E 612 20.98 5.03 24.72
C GLU E 612 20.37 4.68 23.37
N TYR E 613 19.24 4.01 23.38
CA TYR E 613 18.56 3.67 22.13
C TYR E 613 18.17 4.93 21.37
N LEU E 614 17.71 5.97 22.07
CA LEU E 614 17.30 7.19 21.39
C LEU E 614 18.49 7.91 20.77
N VAL E 615 19.60 8.02 21.49
CA VAL E 615 20.76 8.70 20.93
C VAL E 615 21.37 7.88 19.81
N LYS E 616 21.34 6.56 19.92
CA LYS E 616 21.87 5.69 18.87
C LYS E 616 21.09 5.83 17.58
N GLN E 617 19.84 6.27 17.64
CA GLN E 617 19.01 6.47 16.48
C GLN E 617 19.11 7.89 15.95
N GLY E 618 19.80 8.77 16.66
CA GLY E 618 19.96 10.16 16.26
C GLY E 618 18.94 11.10 16.81
N ILE E 619 18.28 10.75 17.90
CA ILE E 619 17.19 11.53 18.46
C ILE E 619 17.72 12.39 19.60
N ASP E 620 17.18 13.60 19.71
CA ASP E 620 17.58 14.58 20.72
C ASP E 620 16.85 14.32 22.03
N LEU E 621 17.59 14.32 23.13
CA LEU E 621 17.04 13.98 24.43
C LEU E 621 16.35 15.12 25.15
N SER E 622 16.42 16.33 24.63
CA SER E 622 15.84 17.48 25.27
C SER E 622 14.36 17.61 24.90
N PRO E 623 13.57 18.33 25.71
CA PRO E 623 12.16 18.53 25.35
C PRO E 623 11.97 19.21 24.00
N TRP E 624 12.93 20.01 23.55
CA TRP E 624 12.85 20.53 22.20
C TRP E 624 12.98 19.42 21.16
N GLY E 625 13.69 18.33 21.50
CA GLY E 625 13.76 17.20 20.60
C GLY E 625 12.46 16.45 20.45
N LEU E 626 11.43 16.82 21.22
CA LEU E 626 10.08 16.29 21.08
C LEU E 626 9.18 17.22 20.27
N TRP E 627 9.14 18.52 20.62
CA TRP E 627 8.22 19.45 19.99
C TRP E 627 8.73 20.02 18.68
N LYS E 628 10.03 19.89 18.40
CA LYS E 628 10.52 20.19 17.06
C LYS E 628 9.75 19.42 16.00
N ASN E 629 9.39 18.18 16.30
CA ASN E 629 8.63 17.34 15.38
C ASN E 629 7.22 17.89 15.16
N HIS E 630 6.58 18.37 16.21
CA HIS E 630 5.23 18.91 16.07
C HIS E 630 5.21 20.25 15.35
N VAL E 631 6.23 21.09 15.56
CA VAL E 631 6.26 22.32 14.76
C VAL E 631 6.58 22.02 13.30
N ALA E 632 7.40 21.00 13.01
CA ALA E 632 7.61 20.62 11.62
C ALA E 632 6.35 20.04 10.98
N LEU E 633 5.51 19.37 11.77
CA LEU E 633 4.27 18.86 11.22
C LEU E 633 3.25 19.97 11.02
N ALA E 634 3.22 20.97 11.91
CA ALA E 634 2.31 22.09 11.72
C ALA E 634 2.69 22.92 10.51
N CYS E 635 3.99 23.16 10.32
CA CYS E 635 4.44 23.86 9.12
C CYS E 635 4.09 23.09 7.85
N MET E 636 4.25 21.76 7.87
CA MET E 636 3.84 20.95 6.73
C MET E 636 2.34 21.07 6.46
N ILE E 637 1.52 21.05 7.51
CA ILE E 637 0.07 21.20 7.31
C ILE E 637 -0.24 22.54 6.64
N VAL E 638 0.31 23.63 7.14
CA VAL E 638 0.08 24.95 6.57
C VAL E 638 0.56 25.07 5.12
N ILE E 639 1.71 24.52 4.79
CA ILE E 639 2.22 24.58 3.42
C ILE E 639 1.33 23.76 2.49
N PHE E 640 0.94 22.56 2.90
CA PHE E 640 0.16 21.72 2.01
C PHE E 640 -1.26 22.25 1.82
N LEU E 641 -1.87 22.80 2.87
CA LEU E 641 -3.20 23.37 2.68
C LEU E 641 -3.15 24.68 1.91
N THR E 642 -2.01 25.34 1.86
CA THR E 642 -1.91 26.50 0.98
C THR E 642 -1.70 26.08 -0.47
N ILE E 643 -0.92 25.03 -0.69
CA ILE E 643 -0.79 24.51 -2.05
C ILE E 643 -2.14 24.02 -2.57
N ALA E 644 -2.92 23.34 -1.72
CA ALA E 644 -4.24 22.87 -2.16
C ALA E 644 -5.20 24.02 -2.44
N TYR E 645 -5.08 25.12 -1.70
CA TYR E 645 -5.98 26.23 -1.99
C TYR E 645 -5.53 26.99 -3.23
N LEU E 646 -4.22 27.11 -3.47
CA LEU E 646 -3.77 27.76 -4.69
C LEU E 646 -4.01 26.88 -5.90
N LYS E 647 -4.12 25.56 -5.72
CA LYS E 647 -4.46 24.70 -6.83
C LYS E 647 -5.95 24.73 -7.14
N LEU E 648 -6.78 25.09 -6.16
CA LEU E 648 -8.19 25.27 -6.48
C LEU E 648 -8.50 26.67 -7.01
N LEU E 649 -7.74 27.67 -6.57
CA LEU E 649 -7.97 29.03 -7.04
C LEU E 649 -7.57 29.19 -8.51
N PHE E 650 -6.45 28.59 -8.91
CA PHE E 650 -5.94 28.69 -10.28
C PHE E 650 -6.40 27.56 -11.19
N LEU E 651 -7.40 26.79 -10.77
CA LEU E 651 -7.96 25.76 -11.62
C LEU E 651 -8.82 26.41 -12.70
N LYS E 652 -8.85 25.79 -13.87
CA LYS E 652 -9.65 26.31 -14.97
C LYS E 652 -11.10 25.98 -14.71
N LYS E 653 -11.94 27.00 -14.60
CA LYS E 653 -13.36 26.82 -14.38
C LYS E 653 -14.16 26.77 -15.67
N TYR E 654 -13.54 27.12 -16.79
CA TYR E 654 -14.23 27.18 -18.07
C TYR E 654 -14.13 25.86 -18.82
N ASP F 1 9.34 -24.25 26.59
CA ASP F 1 10.56 -23.60 27.02
C ASP F 1 11.75 -24.39 26.50
N ILE F 2 12.85 -24.36 27.27
CA ILE F 2 14.06 -25.08 26.93
C ILE F 2 14.29 -26.08 28.05
N VAL F 3 14.22 -27.36 27.71
CA VAL F 3 14.42 -28.43 28.67
C VAL F 3 15.86 -28.90 28.56
N LEU F 4 16.51 -29.03 29.70
CA LEU F 4 17.91 -29.44 29.75
C LEU F 4 17.97 -30.87 30.26
N THR F 5 18.70 -31.72 29.53
CA THR F 5 18.73 -33.14 29.81
C THR F 5 20.16 -33.54 30.09
N GLN F 6 20.36 -34.22 31.21
CA GLN F 6 21.62 -34.84 31.57
C GLN F 6 21.40 -36.34 31.51
N SER F 7 22.16 -37.02 30.65
CA SER F 7 21.94 -38.46 30.49
C SER F 7 22.42 -39.25 31.71
N PRO F 8 23.63 -39.08 32.22
CA PRO F 8 24.03 -39.92 33.35
C PRO F 8 23.42 -39.40 34.64
N SER F 9 22.18 -39.81 34.94
CA SER F 9 21.56 -39.43 36.19
C SER F 9 22.41 -39.80 37.39
N SER F 10 23.36 -40.71 37.22
CA SER F 10 24.29 -41.09 38.26
C SER F 10 25.57 -41.59 37.60
N PHE F 11 26.63 -41.64 38.39
CA PHE F 11 27.94 -42.09 37.93
C PHE F 11 28.59 -42.93 39.01
N SER F 12 29.80 -43.38 38.72
CA SER F 12 30.62 -44.09 39.71
C SER F 12 32.04 -44.04 39.22
N VAL F 13 32.93 -43.49 40.05
CA VAL F 13 34.34 -43.35 39.71
C VAL F 13 35.19 -43.54 40.96
N SER F 14 36.50 -43.44 40.81
CA SER F 14 37.42 -43.46 41.93
C SER F 14 38.32 -42.23 41.86
N LEU F 15 39.15 -42.05 42.88
CA LEU F 15 40.02 -40.89 42.92
C LEU F 15 41.06 -40.96 41.82
N GLY F 16 41.56 -39.78 41.43
CA GLY F 16 42.49 -39.65 40.33
C GLY F 16 41.90 -39.90 38.96
N ASP F 17 40.68 -40.45 38.90
CA ASP F 17 40.05 -40.78 37.62
C ASP F 17 39.53 -39.52 36.94
N ARG F 18 39.20 -39.65 35.67
CA ARG F 18 38.63 -38.57 34.88
C ARG F 18 37.15 -38.88 34.66
N VAL F 19 36.31 -37.87 34.85
CA VAL F 19 34.88 -38.01 34.66
C VAL F 19 34.40 -36.88 33.76
N THR F 20 33.37 -37.18 32.98
CA THR F 20 32.78 -36.23 32.04
C THR F 20 31.27 -36.26 32.20
N ILE F 21 30.67 -35.08 32.34
CA ILE F 21 29.23 -34.93 32.49
C ILE F 21 28.69 -34.21 31.27
N SER F 22 27.58 -34.71 30.74
CA SER F 22 26.99 -34.19 29.52
C SER F 22 25.67 -33.50 29.82
N CYS F 23 25.41 -32.43 29.09
CA CYS F 23 24.15 -31.70 29.14
C CYS F 23 23.71 -31.44 27.71
N LYS F 24 22.43 -31.66 27.46
CA LYS F 24 21.85 -31.51 26.14
C LYS F 24 20.60 -30.63 26.25
N ALA F 25 20.52 -29.59 25.43
CA ALA F 25 19.39 -28.67 25.46
C ALA F 25 18.49 -28.90 24.27
N SER F 26 17.21 -28.58 24.41
CA SER F 26 16.26 -28.77 23.32
C SER F 26 16.15 -27.56 22.41
N GLY F 27 17.10 -26.64 22.52
CA GLY F 27 17.11 -25.46 21.68
C GLY F 27 18.48 -24.83 21.79
N TYR F 28 18.77 -23.94 20.84
CA TYR F 28 20.07 -23.30 20.82
C TYR F 28 20.23 -22.35 22.00
N ILE F 29 21.36 -22.48 22.68
CA ILE F 29 21.60 -21.78 23.93
C ILE F 29 22.72 -20.76 23.79
N LEU F 30 23.67 -20.98 22.89
CA LEU F 30 24.71 -20.02 22.55
C LEU F 30 25.58 -19.70 23.76
N ASN F 31 26.02 -20.76 24.43
CA ASN F 31 26.94 -20.74 25.56
C ASN F 31 26.37 -20.06 26.79
N ARG F 32 25.07 -19.79 26.82
CA ARG F 32 24.43 -19.29 28.03
C ARG F 32 24.10 -20.47 28.96
N LEU F 33 25.18 -21.11 29.40
CA LEU F 33 25.12 -22.35 30.17
C LEU F 33 25.95 -22.18 31.43
N ALA F 34 25.43 -22.68 32.54
CA ALA F 34 26.10 -22.61 33.83
C ALA F 34 26.09 -23.96 34.52
N TRP F 35 27.12 -24.22 35.32
CA TRP F 35 27.25 -25.47 36.07
C TRP F 35 27.30 -25.16 37.56
N TYR F 36 26.42 -25.80 38.33
CA TYR F 36 26.38 -25.66 39.78
C TYR F 36 26.73 -26.98 40.43
N GLN F 37 27.43 -26.90 41.56
CA GLN F 37 27.77 -28.07 42.37
C GLN F 37 27.07 -27.94 43.71
N GLN F 38 26.32 -28.97 44.10
CA GLN F 38 25.60 -28.97 45.37
C GLN F 38 26.10 -30.11 46.24
N LYS F 39 26.56 -29.77 47.43
CA LYS F 39 26.85 -30.78 48.44
C LYS F 39 25.61 -31.04 49.28
N PRO F 40 25.52 -32.18 49.96
CA PRO F 40 24.36 -32.43 50.82
C PRO F 40 24.32 -31.45 51.98
N GLY F 41 23.20 -30.71 52.09
CA GLY F 41 23.00 -29.74 53.15
C GLY F 41 23.34 -28.32 52.81
N ASN F 42 23.53 -27.97 51.54
CA ASN F 42 23.96 -26.65 51.15
C ASN F 42 23.24 -26.21 49.89
N ALA F 43 23.19 -24.91 49.68
CA ALA F 43 22.63 -24.39 48.46
C ALA F 43 23.59 -24.65 47.30
N PRO F 44 23.08 -24.67 46.07
CA PRO F 44 23.96 -24.82 44.91
C PRO F 44 25.04 -23.74 44.90
N ARG F 45 26.14 -24.06 44.23
CA ARG F 45 27.27 -23.16 44.14
C ARG F 45 27.73 -23.06 42.69
N LEU F 46 27.81 -21.83 42.18
CA LEU F 46 28.16 -21.62 40.78
C LEU F 46 29.60 -22.05 40.51
N LEU F 47 29.78 -22.96 39.56
CA LEU F 47 31.08 -23.49 39.19
C LEU F 47 31.58 -22.99 37.85
N ILE F 48 30.74 -22.95 36.81
CA ILE F 48 31.15 -22.49 35.49
C ILE F 48 30.06 -21.58 34.95
N SER F 49 30.45 -20.49 34.29
CA SER F 49 29.54 -19.60 33.62
C SER F 49 30.01 -19.40 32.20
N GLY F 50 29.08 -19.10 31.29
CA GLY F 50 29.44 -18.96 29.90
C GLY F 50 29.89 -20.24 29.26
N ALA F 51 29.65 -21.38 29.91
CA ALA F 51 29.89 -22.72 29.40
C ALA F 51 31.38 -23.04 29.24
N THR F 52 32.24 -22.04 29.44
CA THR F 52 33.69 -22.24 29.42
C THR F 52 34.40 -21.59 30.59
N SER F 53 33.94 -20.44 31.04
CA SER F 53 34.64 -19.69 32.07
C SER F 53 34.52 -20.38 33.42
N LEU F 54 35.59 -20.35 34.19
CA LEU F 54 35.63 -21.00 35.49
C LEU F 54 35.56 -19.95 36.58
N GLU F 55 34.85 -20.28 37.64
CA GLU F 55 34.64 -19.33 38.72
C GLU F 55 35.83 -19.30 39.64
N THR F 56 36.17 -18.10 40.10
CA THR F 56 37.27 -17.93 41.04
C THR F 56 36.90 -18.58 42.36
N GLY F 57 37.73 -19.53 42.80
CA GLY F 57 37.44 -20.27 44.01
C GLY F 57 37.33 -21.76 43.76
N PHE F 58 37.72 -22.18 42.55
CA PHE F 58 37.68 -23.57 42.14
C PHE F 58 38.98 -23.92 41.45
N PRO F 59 39.45 -25.16 41.62
CA PRO F 59 40.72 -25.56 41.01
C PRO F 59 40.64 -25.52 39.49
N SER F 60 41.81 -25.61 38.86
CA SER F 60 41.87 -25.71 37.41
C SER F 60 41.82 -27.17 36.95
N ARG F 61 40.84 -27.90 37.50
CA ARG F 61 40.52 -29.25 37.08
C ARG F 61 39.18 -29.34 36.37
N PHE F 62 38.26 -28.44 36.67
CA PHE F 62 37.00 -28.33 35.96
C PHE F 62 37.18 -27.50 34.70
N SER F 63 36.54 -27.95 33.62
CA SER F 63 36.60 -27.25 32.35
C SER F 63 35.28 -27.44 31.62
N GLY F 64 34.90 -26.42 30.86
CA GLY F 64 33.68 -26.49 30.09
C GLY F 64 33.88 -26.30 28.60
N THR F 65 33.27 -27.15 27.80
CA THR F 65 33.35 -27.05 26.34
C THR F 65 32.00 -27.41 25.77
N GLY F 66 31.47 -26.55 24.91
CA GLY F 66 30.23 -26.86 24.23
C GLY F 66 29.97 -25.89 23.10
N SER F 67 28.98 -26.24 22.30
CA SER F 67 28.54 -25.37 21.21
C SER F 67 27.20 -25.86 20.71
N GLY F 68 26.31 -24.91 20.43
CA GLY F 68 25.00 -25.30 19.94
C GLY F 68 24.11 -25.79 21.05
N LYS F 69 23.89 -27.09 21.10
CA LYS F 69 23.04 -27.70 22.09
C LYS F 69 23.73 -28.70 23.00
N ASP F 70 24.99 -29.06 22.73
CA ASP F 70 25.71 -30.06 23.51
C ASP F 70 26.82 -29.40 24.31
N TYR F 71 26.74 -29.52 25.63
CA TYR F 71 27.74 -28.95 26.52
C TYR F 71 28.21 -30.05 27.46
N THR F 72 29.43 -29.91 27.97
CA THR F 72 30.02 -30.95 28.79
C THR F 72 30.82 -30.31 29.92
N LEU F 73 30.96 -31.04 31.02
CA LEU F 73 31.74 -30.61 32.17
C LEU F 73 32.76 -31.71 32.47
N SER F 74 34.04 -31.39 32.31
CA SER F 74 35.11 -32.35 32.48
C SER F 74 35.82 -32.13 33.81
N ILE F 75 35.80 -33.14 34.67
CA ILE F 75 36.55 -33.12 35.92
C ILE F 75 37.70 -34.11 35.82
N SER F 76 38.88 -33.64 35.42
CA SER F 76 40.04 -34.51 35.31
C SER F 76 40.80 -34.57 36.63
N SER F 77 41.21 -35.78 37.01
CA SER F 77 41.90 -36.05 38.27
C SER F 77 41.08 -35.60 39.47
N LEU F 78 39.95 -36.28 39.65
CA LEU F 78 38.97 -35.89 40.64
C LEU F 78 39.41 -36.26 42.04
N GLN F 79 39.03 -35.43 43.00
CA GLN F 79 39.34 -35.64 44.40
C GLN F 79 38.06 -35.96 45.15
N THR F 80 38.16 -36.06 46.48
CA THR F 80 36.99 -36.39 47.28
C THR F 80 36.14 -35.17 47.59
N GLU F 81 36.71 -33.96 47.55
CA GLU F 81 35.91 -32.76 47.71
C GLU F 81 35.10 -32.42 46.46
N ASP F 82 35.11 -33.29 45.45
CA ASP F 82 34.39 -33.09 44.21
C ASP F 82 33.10 -33.88 44.12
N VAL F 83 32.85 -34.80 45.04
CA VAL F 83 31.65 -35.62 44.96
C VAL F 83 30.44 -34.79 45.32
N GLY F 84 29.35 -35.01 44.60
CA GLY F 84 28.12 -34.27 44.85
C GLY F 84 27.17 -34.45 43.69
N THR F 85 26.28 -33.48 43.53
CA THR F 85 25.41 -33.41 42.38
C THR F 85 25.80 -32.21 41.54
N TYR F 86 25.63 -32.34 40.24
CA TYR F 86 26.01 -31.31 39.28
C TYR F 86 24.80 -30.98 38.43
N TYR F 87 24.48 -29.71 38.32
CA TYR F 87 23.34 -29.23 37.55
C TYR F 87 23.83 -28.32 36.46
N CYS F 88 23.23 -28.46 35.28
CA CYS F 88 23.42 -27.49 34.23
C CYS F 88 22.18 -26.60 34.19
N GLN F 89 22.40 -25.32 33.95
CA GLN F 89 21.31 -24.37 33.86
C GLN F 89 21.55 -23.49 32.65
N GLN F 90 20.48 -23.27 31.89
CA GLN F 90 20.50 -22.31 30.81
C GLN F 90 19.93 -21.00 31.32
N TYR F 91 20.56 -19.90 30.92
CA TYR F 91 20.02 -18.58 31.21
C TYR F 91 19.87 -17.78 29.92
N TRP F 92 19.43 -18.44 28.86
CA TRP F 92 19.15 -17.82 27.58
C TRP F 92 17.73 -17.25 27.49
N SER F 93 16.72 -18.04 27.82
CA SER F 93 15.33 -17.58 27.80
C SER F 93 14.81 -17.36 29.21
N THR F 94 13.82 -16.48 29.32
CA THR F 94 13.42 -15.96 30.64
C THR F 94 12.95 -17.01 31.62
N PRO F 95 12.22 -18.07 31.25
CA PRO F 95 11.99 -19.16 32.21
C PRO F 95 13.21 -20.05 32.34
N TRP F 96 14.16 -19.65 33.18
CA TRP F 96 15.41 -20.38 33.36
C TRP F 96 15.15 -21.79 33.86
N THR F 97 15.74 -22.78 33.20
CA THR F 97 15.53 -24.17 33.51
C THR F 97 16.84 -24.85 33.85
N PHE F 98 16.78 -25.76 34.82
CA PHE F 98 17.91 -26.55 35.26
C PHE F 98 17.86 -27.94 34.65
N GLY F 99 19.01 -28.60 34.64
CA GLY F 99 19.06 -30.00 34.29
C GLY F 99 18.65 -30.87 35.45
N GLY F 100 18.40 -32.14 35.14
CA GLY F 100 17.97 -33.09 36.15
C GLY F 100 18.98 -33.33 37.25
N GLY F 101 20.25 -33.06 36.99
CA GLY F 101 21.27 -33.31 37.99
C GLY F 101 21.94 -34.65 37.81
N THR F 102 23.21 -34.71 38.17
CA THR F 102 24.01 -35.92 38.05
C THR F 102 24.82 -36.11 39.32
N LYS F 103 24.57 -37.19 40.03
CA LYS F 103 25.23 -37.44 41.30
C LYS F 103 26.50 -38.26 41.06
N LEU F 104 27.59 -37.86 41.68
CA LEU F 104 28.85 -38.58 41.57
C LEU F 104 29.01 -39.53 42.75
N GLU F 105 29.65 -40.67 42.50
CA GLU F 105 29.92 -41.68 43.52
C GLU F 105 31.42 -41.98 43.58
N ILE F 106 31.79 -42.85 44.52
CA ILE F 106 33.18 -43.21 44.76
C ILE F 106 33.28 -44.72 44.91
N ARG F 107 34.04 -45.36 44.02
CA ARG F 107 34.27 -46.80 44.09
C ARG F 107 35.47 -47.12 45.00
C1 NAG G . 37.64 -16.15 18.58
C2 NAG G . 38.59 -16.10 17.34
C3 NAG G . 39.03 -17.52 16.92
C4 NAG G . 39.22 -18.50 18.07
C5 NAG G . 38.11 -18.32 19.08
C6 NAG G . 38.30 -19.18 20.32
C7 NAG G . 38.60 -14.99 15.15
C8 NAG G . 37.79 -14.38 14.07
N2 NAG G . 37.94 -15.44 16.23
O3 NAG G . 40.24 -17.43 16.16
O4 NAG G . 39.09 -19.81 17.52
O5 NAG G . 38.17 -16.97 19.53
O6 NAG G . 37.21 -19.04 21.23
O7 NAG G . 39.83 -15.06 15.07
C1 NAG G . 40.11 -20.75 17.89
C2 NAG G . 39.68 -22.09 17.26
C3 NAG G . 40.75 -23.16 17.42
C4 NAG G . 42.11 -22.65 16.98
C5 NAG G . 42.44 -21.37 17.72
C6 NAG G . 43.76 -20.77 17.31
C7 NAG G . 37.24 -22.33 17.23
C8 NAG G . 36.04 -22.83 17.96
N2 NAG G . 38.41 -22.53 17.82
O3 NAG G . 40.40 -24.31 16.67
O4 NAG G . 43.12 -23.64 17.25
O5 NAG G . 41.43 -20.40 17.42
O6 NAG G . 43.69 -20.18 16.02
O7 NAG G . 37.14 -21.77 16.14
C1 NAG H . 21.16 3.01 39.47
C2 NAG H . 20.00 2.97 40.51
C3 NAG H . 19.85 4.32 41.26
C4 NAG H . 21.16 5.06 41.50
C5 NAG H . 22.03 4.96 40.27
C6 NAG H . 23.39 5.60 40.42
C7 NAG H . 17.61 2.38 40.52
C8 NAG H . 16.41 2.10 39.70
N2 NAG H . 18.74 2.64 39.86
O3 NAG H . 19.18 4.11 42.50
O4 NAG H . 20.86 6.42 41.78
O5 NAG H . 22.26 3.57 40.04
O6 NAG H . 24.45 4.66 40.29
O7 NAG H . 17.57 2.35 41.75
C1 NAG H . 21.53 6.89 42.96
C2 NAG H . 21.54 8.44 42.87
C3 NAG H . 22.09 9.08 44.14
C4 NAG H . 21.41 8.51 45.39
C5 NAG H . 21.54 7.00 45.38
C6 NAG H . 20.88 6.35 46.58
C7 NAG H . 21.71 9.16 40.54
C8 NAG H . 22.64 9.60 39.44
N2 NAG H . 22.28 8.87 41.70
O3 NAG H . 21.89 10.49 44.08
O4 NAG H . 22.03 9.04 46.55
O5 NAG H . 20.91 6.48 44.20
O6 NAG H . 19.58 5.87 46.27
O7 NAG H . 20.50 9.09 40.37
C1 CLR I . 5.32 -26.21 8.59
C2 CLR I . 6.73 -26.41 9.14
C3 CLR I . 7.40 -27.57 8.39
C4 CLR I . 7.63 -27.15 6.95
C5 CLR I . 6.32 -26.70 6.37
C6 CLR I . 6.00 -27.15 5.16
C7 CLR I . 4.73 -26.76 4.44
C8 CLR I . 4.07 -25.55 5.06
C9 CLR I . 4.04 -25.65 6.57
C10 CLR I . 5.44 -25.74 7.15
C11 CLR I . 3.29 -24.49 7.20
C12 CLR I . 1.85 -24.45 6.73
C13 CLR I . 1.93 -24.27 5.23
C14 CLR I . 2.63 -25.45 4.62
C15 CLR I . 2.37 -25.29 3.13
C16 CLR I . 0.93 -24.75 3.09
C17 CLR I . 0.62 -24.22 4.49
C18 CLR I . 2.72 -23.02 4.89
C19 CLR I . 6.10 -24.38 7.15
C20 CLR I . 0.09 -22.80 4.45
C21 CLR I . -0.62 -22.49 5.77
C22 CLR I . -0.82 -22.57 3.24
C23 CLR I . -2.25 -23.01 3.51
C24 CLR I . -3.17 -22.72 2.33
C25 CLR I . -3.46 -21.24 2.19
C26 CLR I . -4.85 -21.06 1.57
C27 CLR I . -3.39 -20.53 3.53
O1 CLR I . 8.64 -27.86 9.03
C1 CLR J . -9.44 -15.55 -0.69
C2 CLR J . -10.46 -16.36 -1.49
C3 CLR J . -9.92 -17.59 -2.22
C4 CLR J . -8.68 -18.25 -1.63
C5 CLR J . -7.85 -17.28 -0.86
C6 CLR J . -6.54 -17.16 -1.09
C7 CLR J . -5.62 -16.48 -0.11
C8 CLR J . -6.29 -16.43 1.25
C9 CLR J . -7.63 -15.72 1.10
C10 CLR J . -8.57 -16.47 0.15
C11 CLR J . -8.26 -15.45 2.47
C12 CLR J . -7.32 -14.77 3.47
C13 CLR J . -6.05 -15.60 3.61
C14 CLR J . -5.42 -15.68 2.25
C15 CLR J . -4.04 -16.24 2.52
C16 CLR J . -3.67 -15.63 3.87
C17 CLR J . -4.93 -15.05 4.47
C18 CLR J . -6.41 -17.01 4.09
C19 CLR J . -9.45 -17.44 0.91
C20 CLR J . -5.00 -15.42 5.94
C21 CLR J . -6.09 -14.65 6.66
C22 CLR J . -3.65 -15.19 6.62
C23 CLR J . -3.55 -13.82 7.27
C24 CLR J . -2.13 -13.59 7.76
C25 CLR J . -1.91 -13.96 9.20
C26 CLR J . -0.43 -13.86 9.52
C27 CLR J . -2.71 -13.04 10.11
O1 CLR J . -10.96 -18.58 -2.17
C1 CLR K . -2.82 -29.40 -15.51
C2 CLR K . -3.95 -29.84 -16.41
C3 CLR K . -5.04 -30.51 -15.60
C4 CLR K . -5.63 -29.52 -14.59
C5 CLR K . -4.53 -28.79 -13.84
C6 CLR K . -4.69 -28.51 -12.54
C7 CLR K . -3.97 -27.37 -11.83
C8 CLR K . -2.66 -27.01 -12.49
C9 CLR K . -2.25 -28.12 -13.45
C10 CLR K . -3.29 -28.33 -14.53
C11 CLR K . -0.83 -27.92 -13.99
C12 CLR K . 0.17 -27.87 -12.84
C13 CLR K . -0.18 -26.71 -11.92
C14 CLR K . -1.59 -26.88 -11.40
C15 CLR K . -1.68 -25.76 -10.39
C16 CLR K . -0.31 -25.77 -9.73
C17 CLR K . 0.61 -26.57 -10.63
C18 CLR K . -0.06 -25.42 -12.70
C19 CLR K . -3.59 -27.03 -15.26
C20 CLR K . 2.00 -25.95 -10.82
C21 CLR K . 2.96 -26.96 -11.44
C22 CLR K . 2.59 -25.38 -9.53
C23 CLR K . 4.09 -25.63 -9.33
C24 CLR K . 4.43 -25.49 -7.84
C25 CLR K . 5.92 -25.52 -7.46
C26 CLR K . 6.66 -26.62 -8.19
C27 CLR K . 6.60 -24.17 -7.65
O1 CLR K . -6.05 -30.96 -16.51
C1 CLR L . 7.03 -18.34 -28.54
C2 CLR L . 6.30 -18.92 -29.75
C3 CLR L . 6.11 -20.41 -29.57
C4 CLR L . 5.10 -20.58 -28.46
C5 CLR L . 5.74 -20.04 -27.21
C6 CLR L . 5.65 -20.81 -26.13
C7 CLR L . 6.49 -20.60 -24.90
C8 CLR L . 6.91 -19.14 -24.81
C9 CLR L . 7.44 -18.61 -26.13
C10 CLR L . 6.38 -18.68 -27.20
C11 CLR L . 7.93 -17.17 -25.95
C12 CLR L . 8.93 -17.00 -24.80
C13 CLR L . 8.40 -17.63 -23.52
C14 CLR L . 8.04 -19.06 -23.82
C15 CLR L . 7.78 -19.70 -22.47
C16 CLR L . 8.82 -19.04 -21.59
C17 CLR L . 9.40 -17.87 -22.39
C18 CLR L . 7.18 -16.86 -23.05
C19 CLR L . 5.32 -17.66 -26.84
C20 CLR L . 9.69 -16.70 -21.46
C21 CLR L . 10.29 -15.52 -22.22
C22 CLR L . 10.66 -17.16 -20.37
C23 CLR L . 11.23 -15.92 -19.67
C24 CLR L . 12.58 -16.17 -19.00
C25 CLR L . 13.19 -14.87 -18.50
C26 CLR L . 14.71 -14.94 -18.52
C27 CLR L . 12.71 -13.66 -19.31
O1 CLR L . 5.57 -21.01 -30.74
C1 CLR M . 23.01 -23.48 -2.13
C2 CLR M . 24.42 -23.81 -1.67
C3 CLR M . 24.96 -25.18 -2.10
C4 CLR M . 24.57 -25.58 -3.52
C5 CLR M . 23.16 -25.14 -3.79
C6 CLR M . 22.22 -26.02 -4.15
C7 CLR M . 20.81 -25.58 -4.47
C8 CLR M . 20.93 -24.21 -5.12
C9 CLR M . 21.54 -23.23 -4.14
C10 CLR M . 22.89 -23.67 -3.62
C11 CLR M . 21.63 -21.82 -4.72
C12 CLR M . 20.31 -21.34 -5.30
C13 CLR M . 19.93 -22.37 -6.31
C14 CLR M . 19.60 -23.64 -5.59
C15 CLR M . 18.74 -24.45 -6.54
C16 CLR M . 18.05 -23.42 -7.43
C17 CLR M . 18.70 -22.07 -7.15
C18 CLR M . 21.14 -22.60 -7.20
C19 CLR M . 24.00 -22.90 -4.33
C20 CLR M . 19.10 -21.30 -8.39
C21 CLR M . 19.95 -20.12 -7.96
C22 CLR M . 17.86 -20.87 -9.16
C23 CLR M . 17.84 -19.37 -9.34
C24 CLR M . 18.90 -18.93 -10.32
C25 CLR M . 18.24 -18.07 -11.39
C26 CLR M . 19.24 -17.67 -12.47
C27 CLR M . 17.05 -18.81 -11.97
O1 CLR M . 26.38 -25.14 -2.01
C01 BWQ N . -4.35 -2.48 7.42
C02 BWQ N . -5.36 -1.41 7.21
C03 BWQ N . -6.67 -2.08 7.36
C04 BWQ N . -5.16 -0.86 5.84
C05 BWQ N . -4.57 0.51 5.80
C06 BWQ N . -3.13 0.31 5.66
C08 BWQ N . -1.06 0.06 6.20
C09 BWQ N . 0.08 -0.04 6.95
C10 BWQ N . 1.22 -0.27 6.26
C12 BWQ N . 3.38 -1.13 6.51
C13 BWQ N . 3.23 -2.47 7.15
C14 BWQ N . 3.65 -2.21 8.56
C15 BWQ N . 4.73 -1.16 8.48
C16 BWQ N . 4.67 -0.59 7.05
C17 BWQ N . 1.24 -0.42 4.86
C18 BWQ N . 0.09 -0.32 4.15
C19 BWQ N . -1.09 -0.07 4.83
C20 BWQ N . -2.47 0.10 4.51
C21 BWQ N . -3.21 0.09 3.28
C22 BWQ N . -4.31 1.18 3.43
C23 BWQ N . -5.22 1.18 2.23
C26 BWQ N . -6.84 2.44 3.50
C27 BWQ N . -8.36 2.61 3.58
C28 BWQ N . -9.06 1.52 2.81
C29 BWQ N . -9.70 0.67 3.83
C32 BWQ N . -11.97 0.53 4.42
C33 BWQ N . -12.29 0.52 2.93
C34 BWQ N . -11.85 -0.91 4.88
C35 BWQ N . -13.06 1.26 5.18
C36 BWQ N . -6.30 1.76 4.71
N07 BWQ N . -2.28 0.28 6.69
N25 BWQ N . -6.41 1.80 2.33
N38 BWQ N . -5.08 1.18 4.65
O11 BWQ N . 2.36 -0.35 6.97
O24 BWQ N . -4.93 0.67 1.19
O30 BWQ N . -9.34 -0.45 4.03
O31 BWQ N . -10.70 1.21 4.54
O37 BWQ N . -7.01 1.79 5.69
C01 BWQ O . 7.90 1.61 -3.91
C02 BWQ O . 7.45 0.91 -5.15
C03 BWQ O . 7.78 1.85 -6.24
C04 BWQ O . 5.99 0.68 -5.03
C05 BWQ O . 5.63 -0.75 -4.73
C06 BWQ O . 5.52 -0.85 -3.27
C08 BWQ O . 6.06 -1.20 -1.22
C09 BWQ O . 6.77 -1.53 -0.10
C10 BWQ O . 6.11 -1.38 1.08
C12 BWQ O . 6.53 -1.04 3.35
C13 BWQ O . 7.52 0.09 3.42
C14 BWQ O . 8.80 -0.61 3.72
C15 BWQ O . 8.42 -1.85 4.52
C16 BWQ O . 6.90 -1.91 4.52
C17 BWQ O . 4.79 -0.92 1.16
C18 BWQ O . 4.11 -0.59 0.03
C19 BWQ O . 4.76 -0.73 -1.19
C20 BWQ O . 4.44 -0.51 -2.56
C21 BWQ O . 3.25 -0.04 -3.23
C22 BWQ O . 3.16 -0.90 -4.54
C23 BWQ O . 2.01 -0.46 -5.40
C26 BWQ O . 3.01 -1.58 -7.28
C27 BWQ O . 3.09 -1.45 -8.81
C28 BWQ O . 2.53 -0.13 -9.26
C29 BWQ O . 3.70 0.65 -9.72
C32 BWQ O . 4.39 1.20 -11.88
C33 BWQ O . 2.95 1.64 -12.15
C34 BWQ O . 5.17 2.43 -11.45
C35 BWQ O . 4.98 0.60 -13.16
C36 BWQ O . 4.33 -1.33 -6.65
N07 BWQ O . 6.52 -1.25 -2.48
N25 BWQ O . 2.00 -0.81 -6.71
N38 BWQ O . 4.37 -1.01 -5.33
O11 BWQ O . 6.78 -1.73 2.20
O24 BWQ O . 1.10 0.20 -4.97
O30 BWQ O . 4.07 1.62 -9.13
O31 BWQ O . 4.32 0.23 -10.83
O37 BWQ O . 5.29 -1.42 -7.37
C1 CLR P . 14.14 21.88 10.67
C2 CLR P . 14.69 21.66 12.06
C3 CLR P . 14.23 22.78 12.98
C4 CLR P . 12.74 22.67 13.19
C5 CLR P . 12.08 22.64 11.83
C6 CLR P . 11.00 23.41 11.66
C7 CLR P . 10.20 23.47 10.39
C8 CLR P . 10.56 22.34 9.44
C9 CLR P . 12.06 22.14 9.38
C10 CLR P . 12.62 21.75 10.74
C11 CLR P . 12.47 21.09 8.35
C12 CLR P . 11.98 21.48 6.97
C13 CLR P . 10.48 21.59 7.07
C14 CLR P . 10.12 22.68 8.04
C15 CLR P . 8.64 22.90 7.81
C16 CLR P . 8.51 22.72 6.30
C17 CLR P . 9.76 21.98 5.82
C18 CLR P . 9.91 20.28 7.57
C19 CLR P . 12.27 20.31 11.06
C20 CLR P . 9.38 20.75 5.01
C21 CLR P . 10.60 20.23 4.27
C22 CLR P . 8.22 21.06 4.07
C23 CLR P . 8.73 21.59 2.75
C24 CLR P . 7.59 21.99 1.82
C25 CLR P . 6.79 20.81 1.33
C26 CLR P . 6.19 21.16 -0.03
C27 CLR P . 7.67 19.56 1.22
O1 CLR P . 14.92 22.66 14.23
C1 CLR Q . 3.10 16.37 -5.88
C2 CLR Q . 2.42 17.35 -6.83
C3 CLR Q . 1.68 18.49 -6.14
C4 CLR Q . 2.51 19.15 -5.02
C5 CLR Q . 3.22 18.10 -4.21
C6 CLR Q . 3.09 18.06 -2.87
C7 CLR Q . 3.81 17.03 -2.04
C8 CLR Q . 5.13 16.66 -2.71
C9 CLR Q . 4.83 16.14 -4.11
C10 CLR Q . 4.06 17.13 -4.97
C11 CLR Q . 6.10 15.68 -4.83
C12 CLR Q . 6.89 14.63 -4.03
C13 CLR Q . 7.18 15.22 -2.66
C14 CLR Q . 5.88 15.56 -1.96
C15 CLR Q . 6.34 15.83 -0.54
C16 CLR Q . 7.48 14.84 -0.32
C17 CLR Q . 7.87 14.30 -1.68
C18 CLR Q . 8.01 16.48 -2.82
C19 CLR Q . 5.02 17.95 -5.82
C20 CLR Q . 9.37 14.23 -1.89
C21 CLR Q . 9.67 13.46 -3.17
C22 CLR Q . 10.12 13.65 -0.70
C23 CLR Q . 10.16 12.14 -0.68
C24 CLR Q . 10.59 11.66 0.69
C25 CLR Q . 12.09 11.63 0.89
C26 CLR Q . 12.39 11.27 2.34
C27 CLR Q . 12.75 10.65 -0.07
O1 CLR Q . 1.41 19.45 -7.17
C1 CLR R . -8.67 31.90 4.17
C2 CLR R . -9.38 32.80 3.17
C3 CLR R . -8.35 33.51 2.30
C4 CLR R . -7.56 32.49 1.50
C5 CLR R . -7.06 31.36 2.38
C6 CLR R . -5.85 30.83 2.13
C7 CLR R . -5.42 29.45 2.60
C8 CLR R . -6.18 28.98 3.81
C9 CLR R . -6.91 30.15 4.45
C10 CLR R . -7.90 30.79 3.48
C11 CLR R . -7.51 29.80 5.81
C12 CLR R . -6.42 29.27 6.77
C13 CLR R . -5.78 28.04 6.16
C14 CLR R . -5.19 28.38 4.81
C15 CLR R . -4.46 27.12 4.43
C16 CLR R . -3.81 26.70 5.76
C17 CLR R . -4.56 27.45 6.86
C18 CLR R . -6.82 26.94 6.02
C19 CLR R . -8.84 29.76 2.91
C20 CLR R . -4.88 26.58 8.08
C21 CLR R . -5.28 27.46 9.26
C22 CLR R . -3.75 25.63 8.46
C23 CLR R . -3.52 25.45 9.97
C24 CLR R . -2.10 24.95 10.22
C25 CLR R . -1.74 24.49 11.64
C26 CLR R . -2.16 25.51 12.67
C27 CLR R . -2.30 23.11 11.97
O1 CLR R . -9.05 34.40 1.42
C1 CLR S . -23.78 22.18 12.00
C2 CLR S . -24.78 23.23 11.53
C3 CLR S . -24.17 24.62 11.58
C4 CLR S . -23.08 24.64 10.53
C5 CLR S . -22.03 23.71 11.05
C6 CLR S . -20.80 24.21 11.16
C7 CLR S . -19.71 23.56 11.95
C8 CLR S . -19.96 22.07 11.99
C9 CLR S . -21.38 21.71 12.39
C10 CLR S . -22.38 22.29 11.41
C11 CLR S . -21.54 20.19 12.49
C12 CLR S . -20.50 19.53 13.40
C13 CLR S . -19.10 19.99 13.04
C14 CLR S . -19.07 21.50 13.06
C15 CLR S . -17.60 21.89 12.98
C16 CLR S . -16.93 20.83 13.84
C17 CLR S . -17.97 19.72 14.05
C18 CLR S . -18.73 19.48 11.66
C19 CLR S . -22.28 21.46 10.14
C20 CLR S . -17.28 18.38 13.98
C21 CLR S . -18.24 17.23 14.33
C22 CLR S . -16.11 18.40 14.95
C23 CLR S . -15.62 16.97 15.19
C24 CLR S . -14.99 16.79 16.58
C25 CLR S . -14.83 15.32 16.93
C26 CLR S . -15.03 15.09 18.42
C27 CLR S . -15.81 14.44 16.14
O1 CLR S . -25.12 25.65 11.27
C1 CLR T . 3.27 17.60 27.88
C2 CLR T . 3.81 17.44 29.31
C3 CLR T . 3.66 18.68 30.21
C4 CLR T . 2.28 19.31 30.08
C5 CLR T . 1.91 19.36 28.62
C6 CLR T . 1.71 20.54 27.99
C7 CLR T . 1.18 20.60 26.58
C8 CLR T . 0.32 19.37 26.35
C9 CLR T . 1.17 18.12 26.54
C10 CLR T . 1.82 18.04 27.93
C11 CLR T . 0.32 16.88 26.27
C12 CLR T . -0.40 16.91 24.92
C13 CLR T . -1.24 18.15 24.90
C14 CLR T . -0.30 19.33 24.95
C15 CLR T . -1.14 20.50 24.49
C16 CLR T . -2.13 19.91 23.48
C17 CLR T . -2.08 18.39 23.66
C18 CLR T . -2.08 18.16 26.16
C19 CLR T . 1.01 17.11 28.81
C20 CLR T . -3.47 17.79 23.79
C21 CLR T . -3.34 16.32 24.15
C22 CLR T . -4.25 17.96 22.50
C23 CLR T . -4.92 16.67 22.06
C24 CLR T . -5.97 16.23 23.06
C25 CLR T . -7.13 15.55 22.32
C26 CLR T . -8.27 15.26 23.28
C27 CLR T . -7.57 16.43 21.16
O1 CLR T . 3.86 18.29 31.57
#